data_2CQN
#
_entry.id   2CQN
#
_cell.length_a   1.000
_cell.length_b   1.000
_cell.length_c   1.000
_cell.angle_alpha   90.00
_cell.angle_beta   90.00
_cell.angle_gamma   90.00
#
_symmetry.space_group_name_H-M   'P 1'
#
_entity_poly.entity_id   1
_entity_poly.type   'polypeptide(L)'
_entity_poly.pdbx_seq_one_letter_code
;GSSGSSGMKRKESAFKSMLKQAAPPIELDAVWEDIRERFVKEPAFEDITLESERKRIFKDFMHVLEHECQHSGPSSG
;
_entity_poly.pdbx_strand_id   A
#
# COMPACT_ATOMS: atom_id res chain seq x y z
N GLY A 1 -9.98 21.67 4.01
CA GLY A 1 -10.98 20.73 3.55
C GLY A 1 -12.36 21.37 3.43
N SER A 2 -12.86 21.48 2.21
CA SER A 2 -14.17 22.07 1.96
C SER A 2 -15.25 21.00 1.91
N SER A 3 -15.09 20.05 0.99
CA SER A 3 -16.06 18.97 0.83
C SER A 3 -15.37 17.69 0.38
N GLY A 4 -15.41 16.68 1.24
CA GLY A 4 -14.79 15.40 0.91
C GLY A 4 -15.11 14.32 1.92
N SER A 5 -15.71 13.23 1.45
CA SER A 5 -16.08 12.12 2.32
C SER A 5 -14.84 11.49 2.94
N SER A 6 -15.04 10.82 4.07
CA SER A 6 -13.92 10.17 4.77
C SER A 6 -14.39 8.86 5.41
N GLY A 7 -13.45 7.94 5.61
CA GLY A 7 -13.77 6.66 6.21
C GLY A 7 -12.96 5.53 5.63
N MET A 8 -13.63 4.58 4.97
CA MET A 8 -12.95 3.44 4.39
C MET A 8 -12.09 3.87 3.21
N LYS A 9 -12.60 4.79 2.39
CA LYS A 9 -11.86 5.29 1.24
C LYS A 9 -10.59 6.00 1.67
N ARG A 10 -10.70 6.79 2.73
CA ARG A 10 -9.56 7.54 3.25
C ARG A 10 -8.51 6.59 3.82
N LYS A 11 -8.96 5.57 4.54
CA LYS A 11 -8.08 4.58 5.15
C LYS A 11 -7.25 3.87 4.08
N GLU A 12 -7.93 3.37 3.05
CA GLU A 12 -7.26 2.67 1.96
C GLU A 12 -6.26 3.58 1.26
N SER A 13 -6.67 4.81 1.00
CA SER A 13 -5.80 5.78 0.33
C SER A 13 -4.55 6.05 1.16
N ALA A 14 -4.74 6.26 2.45
CA ALA A 14 -3.63 6.54 3.36
C ALA A 14 -2.67 5.35 3.42
N PHE A 15 -3.23 4.15 3.35
CA PHE A 15 -2.42 2.93 3.40
C PHE A 15 -1.46 2.87 2.21
N LYS A 16 -1.99 3.10 1.02
CA LYS A 16 -1.19 3.06 -0.19
C LYS A 16 -0.06 4.09 -0.13
N SER A 17 -0.40 5.30 0.28
CA SER A 17 0.59 6.38 0.39
C SER A 17 1.67 6.02 1.40
N MET A 18 1.27 5.36 2.47
CA MET A 18 2.22 4.95 3.52
C MET A 18 3.25 3.98 2.97
N LEU A 19 2.79 3.05 2.13
CA LEU A 19 3.69 2.06 1.54
C LEU A 19 4.67 2.71 0.59
N LYS A 20 4.20 3.71 -0.16
CA LYS A 20 5.04 4.41 -1.11
C LYS A 20 6.13 5.20 -0.39
N GLN A 21 5.79 5.74 0.77
CA GLN A 21 6.75 6.51 1.57
C GLN A 21 7.57 5.60 2.47
N ALA A 22 7.47 4.29 2.24
CA ALA A 22 8.20 3.32 3.03
C ALA A 22 9.66 3.24 2.59
N ALA A 23 10.49 2.62 3.44
CA ALA A 23 11.92 2.48 3.13
C ALA A 23 12.48 1.20 3.75
N PRO A 24 13.07 0.35 2.91
CA PRO A 24 13.19 0.61 1.47
C PRO A 24 11.85 0.53 0.75
N PRO A 25 11.82 0.96 -0.52
CA PRO A 25 10.60 0.94 -1.34
C PRO A 25 10.17 -0.47 -1.70
N ILE A 26 8.91 -0.79 -1.43
CA ILE A 26 8.37 -2.11 -1.73
C ILE A 26 9.00 -2.68 -3.00
N GLU A 27 9.90 -3.64 -2.83
CA GLU A 27 10.56 -4.27 -3.98
C GLU A 27 9.57 -5.07 -4.81
N LEU A 28 10.06 -5.71 -5.86
CA LEU A 28 9.22 -6.51 -6.75
C LEU A 28 8.98 -7.90 -6.16
N ASP A 29 9.96 -8.41 -5.42
CA ASP A 29 9.86 -9.72 -4.81
C ASP A 29 9.59 -9.58 -3.31
N ALA A 30 8.79 -8.59 -2.93
CA ALA A 30 8.47 -8.36 -1.53
C ALA A 30 7.18 -9.08 -1.15
N VAL A 31 7.08 -9.47 0.12
CA VAL A 31 5.90 -10.16 0.63
C VAL A 31 5.07 -9.25 1.52
N TRP A 32 3.75 -9.35 1.39
CA TRP A 32 2.83 -8.54 2.19
C TRP A 32 3.18 -8.64 3.67
N GLU A 33 3.26 -9.86 4.17
CA GLU A 33 3.58 -10.10 5.58
C GLU A 33 5.00 -9.64 5.89
N ASP A 34 5.84 -9.59 4.86
CA ASP A 34 7.23 -9.18 5.02
C ASP A 34 7.34 -7.66 5.12
N ILE A 35 6.31 -6.98 4.65
CA ILE A 35 6.29 -5.51 4.68
C ILE A 35 5.22 -5.00 5.63
N ARG A 36 4.29 -5.88 6.00
CA ARG A 36 3.21 -5.51 6.91
C ARG A 36 3.76 -5.18 8.30
N GLU A 37 4.60 -6.05 8.83
CA GLU A 37 5.19 -5.85 10.14
C GLU A 37 5.91 -4.50 10.21
N ARG A 38 6.33 -3.99 9.06
CA ARG A 38 7.03 -2.72 8.98
C ARG A 38 6.07 -1.56 9.23
N PHE A 39 4.82 -1.74 8.78
CA PHE A 39 3.81 -0.70 8.95
C PHE A 39 2.78 -1.11 10.00
N VAL A 40 2.90 -2.35 10.48
CA VAL A 40 1.98 -2.86 11.50
C VAL A 40 1.99 -1.99 12.74
N LYS A 41 3.10 -1.29 12.96
CA LYS A 41 3.24 -0.42 14.12
C LYS A 41 2.72 0.99 13.81
N GLU A 42 2.41 1.23 12.54
CA GLU A 42 1.90 2.53 12.10
C GLU A 42 0.40 2.62 12.29
N PRO A 43 -0.12 3.85 12.46
CA PRO A 43 -1.55 4.09 12.65
C PRO A 43 -2.35 3.82 11.39
N ALA A 44 -1.78 4.17 10.24
CA ALA A 44 -2.45 3.97 8.96
C ALA A 44 -2.82 2.51 8.76
N PHE A 45 -1.91 1.61 9.16
CA PHE A 45 -2.15 0.17 9.02
C PHE A 45 -3.13 -0.32 10.07
N GLU A 46 -2.91 0.11 11.31
CA GLU A 46 -3.78 -0.30 12.42
C GLU A 46 -5.23 0.10 12.15
N ASP A 47 -5.41 1.10 11.29
CA ASP A 47 -6.75 1.58 10.93
C ASP A 47 -7.52 0.51 10.18
N ILE A 48 -6.82 -0.28 9.38
CA ILE A 48 -7.45 -1.35 8.61
C ILE A 48 -7.74 -2.56 9.48
N THR A 49 -9.00 -2.71 9.89
CA THR A 49 -9.40 -3.83 10.72
C THR A 49 -9.36 -5.14 9.94
N LEU A 50 -9.90 -5.12 8.73
CA LEU A 50 -9.93 -6.30 7.87
C LEU A 50 -8.55 -6.59 7.31
N GLU A 51 -8.00 -7.75 7.64
CA GLU A 51 -6.69 -8.15 7.16
C GLU A 51 -6.67 -8.26 5.64
N SER A 52 -7.77 -8.78 5.07
CA SER A 52 -7.87 -8.93 3.63
C SER A 52 -7.77 -7.59 2.93
N GLU A 53 -8.29 -6.55 3.57
CA GLU A 53 -8.25 -5.20 3.00
C GLU A 53 -6.81 -4.75 2.76
N ARG A 54 -5.94 -5.05 3.72
CA ARG A 54 -4.53 -4.68 3.63
C ARG A 54 -3.81 -5.53 2.57
N LYS A 55 -4.21 -6.80 2.48
CA LYS A 55 -3.61 -7.71 1.53
C LYS A 55 -3.97 -7.32 0.09
N ARG A 56 -5.25 -7.05 -0.14
CA ARG A 56 -5.72 -6.66 -1.46
C ARG A 56 -5.09 -5.36 -1.90
N ILE A 57 -5.03 -4.39 -0.99
CA ILE A 57 -4.45 -3.08 -1.29
C ILE A 57 -2.98 -3.21 -1.66
N PHE A 58 -2.26 -4.06 -0.93
CA PHE A 58 -0.84 -4.27 -1.19
C PHE A 58 -0.62 -4.81 -2.59
N LYS A 59 -1.43 -5.80 -2.98
CA LYS A 59 -1.31 -6.39 -4.30
C LYS A 59 -1.49 -5.35 -5.40
N ASP A 60 -2.49 -4.49 -5.22
CA ASP A 60 -2.76 -3.43 -6.20
C ASP A 60 -1.58 -2.49 -6.32
N PHE A 61 -1.00 -2.13 -5.18
CA PHE A 61 0.14 -1.23 -5.16
C PHE A 61 1.32 -1.81 -5.92
N MET A 62 1.50 -3.13 -5.80
CA MET A 62 2.59 -3.81 -6.49
C MET A 62 2.40 -3.77 -8.00
N HIS A 63 1.16 -3.96 -8.44
CA HIS A 63 0.84 -3.94 -9.86
C HIS A 63 1.18 -2.59 -10.47
N VAL A 64 0.79 -1.52 -9.78
CA VAL A 64 1.06 -0.16 -10.25
C VAL A 64 2.55 0.14 -10.26
N LEU A 65 3.26 -0.41 -9.29
CA LEU A 65 4.70 -0.20 -9.18
C LEU A 65 5.42 -0.74 -10.41
N GLU A 66 5.05 -1.94 -10.82
CA GLU A 66 5.66 -2.57 -11.99
C GLU A 66 5.32 -1.80 -13.26
N HIS A 67 4.07 -1.38 -13.38
CA HIS A 67 3.61 -0.64 -14.55
C HIS A 67 4.19 0.77 -14.55
N GLU A 68 4.37 1.34 -13.36
CA GLU A 68 4.91 2.68 -13.23
C GLU A 68 6.40 2.70 -13.57
N CYS A 69 7.11 1.66 -13.14
CA CYS A 69 8.55 1.56 -13.40
C CYS A 69 8.82 1.48 -14.89
N GLN A 70 8.32 0.43 -15.53
CA GLN A 70 8.52 0.24 -16.97
C GLN A 70 7.54 1.09 -17.77
N HIS A 71 8.03 1.68 -18.85
CA HIS A 71 7.19 2.52 -19.71
C HIS A 71 6.05 1.72 -20.31
N SER A 72 4.82 2.16 -20.04
CA SER A 72 3.64 1.48 -20.55
C SER A 72 2.65 2.48 -21.15
N GLY A 73 2.45 3.59 -20.45
CA GLY A 73 1.53 4.61 -20.93
C GLY A 73 2.13 6.00 -20.90
N PRO A 74 2.88 6.35 -21.95
CA PRO A 74 3.53 7.66 -22.06
C PRO A 74 2.53 8.79 -22.26
N SER A 75 1.25 8.45 -22.26
CA SER A 75 0.19 9.43 -22.45
C SER A 75 -0.59 9.65 -21.16
N SER A 76 -0.97 8.55 -20.51
CA SER A 76 -1.73 8.60 -19.27
C SER A 76 -1.07 9.57 -18.29
N GLY A 77 -1.85 10.01 -17.30
CA GLY A 77 -1.33 10.94 -16.30
C GLY A 77 0.11 10.65 -15.95
N GLY A 1 -14.68 14.82 -11.43
CA GLY A 1 -15.83 14.21 -10.79
C GLY A 1 -15.45 13.29 -9.64
N SER A 2 -16.01 13.56 -8.47
CA SER A 2 -15.70 12.76 -7.29
C SER A 2 -16.68 13.08 -6.15
N SER A 3 -17.17 12.03 -5.49
CA SER A 3 -18.11 12.20 -4.40
C SER A 3 -18.42 10.86 -3.73
N GLY A 4 -18.55 10.88 -2.41
CA GLY A 4 -18.84 9.66 -1.66
C GLY A 4 -17.95 9.50 -0.44
N SER A 5 -18.21 10.30 0.59
CA SER A 5 -17.42 10.24 1.81
C SER A 5 -17.92 9.12 2.73
N SER A 6 -17.37 7.93 2.55
CA SER A 6 -17.75 6.78 3.36
C SER A 6 -16.77 6.56 4.51
N GLY A 7 -15.48 6.56 4.17
CA GLY A 7 -14.46 6.35 5.18
C GLY A 7 -13.43 5.33 4.77
N MET A 8 -13.88 4.25 4.14
CA MET A 8 -13.00 3.19 3.69
C MET A 8 -12.00 3.72 2.65
N LYS A 9 -12.44 4.69 1.86
CA LYS A 9 -11.61 5.28 0.82
C LYS A 9 -10.45 6.06 1.45
N ARG A 10 -10.74 6.77 2.55
CA ARG A 10 -9.73 7.56 3.24
C ARG A 10 -8.66 6.66 3.85
N LYS A 11 -9.11 5.60 4.52
CA LYS A 11 -8.19 4.66 5.15
C LYS A 11 -7.34 3.94 4.11
N GLU A 12 -7.98 3.48 3.05
CA GLU A 12 -7.28 2.77 1.99
C GLU A 12 -6.25 3.68 1.31
N SER A 13 -6.65 4.92 1.06
CA SER A 13 -5.76 5.89 0.42
C SER A 13 -4.53 6.16 1.29
N ALA A 14 -4.76 6.27 2.60
CA ALA A 14 -3.67 6.53 3.53
C ALA A 14 -2.71 5.36 3.59
N PHE A 15 -3.25 4.14 3.45
CA PHE A 15 -2.43 2.93 3.48
C PHE A 15 -1.46 2.90 2.32
N LYS A 16 -1.97 3.15 1.11
CA LYS A 16 -1.14 3.14 -0.09
C LYS A 16 -0.05 4.21 0.00
N SER A 17 -0.43 5.39 0.46
CA SER A 17 0.51 6.50 0.58
C SER A 17 1.65 6.13 1.53
N MET A 18 1.31 5.47 2.62
CA MET A 18 2.30 5.05 3.61
C MET A 18 3.30 4.08 3.00
N LEU A 19 2.81 3.15 2.20
CA LEU A 19 3.65 2.16 1.55
C LEU A 19 4.66 2.83 0.62
N LYS A 20 4.20 3.84 -0.11
CA LYS A 20 5.07 4.57 -1.03
C LYS A 20 6.14 5.34 -0.27
N GLN A 21 5.78 5.87 0.89
CA GLN A 21 6.71 6.63 1.71
C GLN A 21 7.56 5.70 2.56
N ALA A 22 7.47 4.41 2.31
CA ALA A 22 8.24 3.41 3.04
C ALA A 22 9.69 3.37 2.57
N ALA A 23 10.53 2.67 3.33
CA ALA A 23 11.94 2.55 2.98
C ALA A 23 12.55 1.30 3.61
N PRO A 24 13.15 0.44 2.78
CA PRO A 24 13.21 0.66 1.33
C PRO A 24 11.83 0.53 0.66
N PRO A 25 11.76 0.92 -0.62
CA PRO A 25 10.52 0.85 -1.39
C PRO A 25 10.11 -0.59 -1.70
N ILE A 26 8.81 -0.85 -1.63
CA ILE A 26 8.28 -2.18 -1.90
C ILE A 26 8.89 -2.77 -3.17
N GLU A 27 9.80 -3.73 -2.99
CA GLU A 27 10.46 -4.36 -4.12
C GLU A 27 9.46 -5.17 -4.96
N LEU A 28 9.97 -5.86 -5.97
CA LEU A 28 9.12 -6.66 -6.84
C LEU A 28 8.88 -8.05 -6.24
N ASP A 29 9.84 -8.51 -5.44
CA ASP A 29 9.73 -9.82 -4.80
C ASP A 29 9.51 -9.68 -3.30
N ALA A 30 8.75 -8.66 -2.92
CA ALA A 30 8.46 -8.41 -1.51
C ALA A 30 7.16 -9.09 -1.09
N VAL A 31 7.13 -9.60 0.14
CA VAL A 31 5.95 -10.28 0.66
C VAL A 31 5.12 -9.34 1.53
N TRP A 32 3.80 -9.46 1.44
CA TRP A 32 2.90 -8.62 2.22
C TRP A 32 3.25 -8.68 3.69
N GLU A 33 3.34 -9.89 4.24
CA GLU A 33 3.67 -10.07 5.65
C GLU A 33 5.08 -9.57 5.95
N ASP A 34 5.91 -9.50 4.91
CA ASP A 34 7.28 -9.04 5.06
C ASP A 34 7.34 -7.52 5.16
N ILE A 35 6.34 -6.86 4.59
CA ILE A 35 6.27 -5.40 4.62
C ILE A 35 5.19 -4.91 5.58
N ARG A 36 4.29 -5.82 5.96
CA ARG A 36 3.22 -5.48 6.88
C ARG A 36 3.75 -5.11 8.26
N GLU A 37 4.62 -5.97 8.79
CA GLU A 37 5.22 -5.74 10.11
C GLU A 37 5.90 -4.38 10.16
N ARG A 38 6.30 -3.89 8.99
CA ARG A 38 6.97 -2.60 8.90
C ARG A 38 6.00 -1.46 9.20
N PHE A 39 4.74 -1.66 8.85
CA PHE A 39 3.71 -0.64 9.09
C PHE A 39 2.73 -1.10 10.17
N VAL A 40 2.86 -2.35 10.57
CA VAL A 40 1.99 -2.92 11.61
C VAL A 40 1.97 -2.03 12.85
N LYS A 41 3.05 -1.30 13.06
CA LYS A 41 3.16 -0.41 14.21
C LYS A 41 2.61 0.98 13.88
N GLU A 42 2.46 1.26 12.59
CA GLU A 42 1.95 2.55 12.15
C GLU A 42 0.43 2.61 12.31
N PRO A 43 -0.10 3.84 12.47
CA PRO A 43 -1.53 4.06 12.64
C PRO A 43 -2.32 3.78 11.36
N ALA A 44 -1.74 4.15 10.22
CA ALA A 44 -2.38 3.94 8.93
C ALA A 44 -2.75 2.48 8.73
N PHE A 45 -1.86 1.58 9.16
CA PHE A 45 -2.09 0.15 9.02
C PHE A 45 -3.08 -0.34 10.07
N GLU A 46 -2.86 0.05 11.32
CA GLU A 46 -3.74 -0.35 12.42
C GLU A 46 -5.18 0.06 12.13
N ASP A 47 -5.35 1.04 11.26
CA ASP A 47 -6.69 1.53 10.90
C ASP A 47 -7.46 0.45 10.13
N ILE A 48 -6.74 -0.39 9.40
CA ILE A 48 -7.36 -1.46 8.63
C ILE A 48 -7.63 -2.68 9.51
N THR A 49 -8.87 -2.84 9.93
CA THR A 49 -9.25 -3.97 10.76
C THR A 49 -9.28 -5.27 9.97
N LEU A 50 -9.77 -5.20 8.74
CA LEU A 50 -9.84 -6.37 7.88
C LEU A 50 -8.48 -6.67 7.25
N GLU A 51 -7.92 -7.83 7.60
CA GLU A 51 -6.61 -8.23 7.06
C GLU A 51 -6.66 -8.35 5.54
N SER A 52 -7.80 -8.80 5.03
CA SER A 52 -7.97 -8.96 3.59
C SER A 52 -7.85 -7.62 2.87
N GLU A 53 -8.28 -6.56 3.53
CA GLU A 53 -8.22 -5.22 2.96
C GLU A 53 -6.78 -4.80 2.70
N ARG A 54 -5.90 -5.11 3.66
CA ARG A 54 -4.50 -4.77 3.54
C ARG A 54 -3.81 -5.62 2.47
N LYS A 55 -4.23 -6.87 2.37
CA LYS A 55 -3.67 -7.79 1.40
C LYS A 55 -4.02 -7.37 -0.03
N ARG A 56 -5.29 -7.06 -0.24
CA ARG A 56 -5.76 -6.63 -1.55
C ARG A 56 -5.10 -5.33 -1.98
N ILE A 57 -5.03 -4.38 -1.05
CA ILE A 57 -4.43 -3.08 -1.33
C ILE A 57 -2.95 -3.24 -1.70
N PHE A 58 -2.25 -4.09 -0.97
CA PHE A 58 -0.84 -4.34 -1.22
C PHE A 58 -0.61 -4.87 -2.63
N LYS A 59 -1.47 -5.80 -3.04
CA LYS A 59 -1.36 -6.39 -4.38
C LYS A 59 -1.54 -5.33 -5.45
N ASP A 60 -2.54 -4.47 -5.28
CA ASP A 60 -2.81 -3.41 -6.24
C ASP A 60 -1.63 -2.45 -6.33
N PHE A 61 -1.06 -2.10 -5.18
CA PHE A 61 0.07 -1.18 -5.14
C PHE A 61 1.26 -1.76 -5.90
N MET A 62 1.46 -3.07 -5.78
CA MET A 62 2.56 -3.75 -6.47
C MET A 62 2.36 -3.71 -7.98
N HIS A 63 1.11 -3.87 -8.41
CA HIS A 63 0.80 -3.86 -9.84
C HIS A 63 1.15 -2.52 -10.46
N VAL A 64 0.78 -1.43 -9.78
CA VAL A 64 1.06 -0.09 -10.28
C VAL A 64 2.55 0.20 -10.27
N LEU A 65 3.26 -0.34 -9.29
CA LEU A 65 4.70 -0.15 -9.17
C LEU A 65 5.42 -0.71 -10.39
N GLU A 66 5.04 -1.91 -10.80
CA GLU A 66 5.66 -2.56 -11.95
C GLU A 66 5.33 -1.79 -13.23
N HIS A 67 4.08 -1.37 -13.37
CA HIS A 67 3.65 -0.62 -14.54
C HIS A 67 4.24 0.77 -14.56
N GLU A 68 4.41 1.35 -13.37
CA GLU A 68 4.98 2.69 -13.25
C GLU A 68 6.49 2.67 -13.47
N CYS A 69 7.12 1.56 -13.11
CA CYS A 69 8.56 1.41 -13.28
C CYS A 69 8.91 0.07 -13.90
N GLN A 70 8.63 -0.07 -15.20
CA GLN A 70 8.90 -1.31 -15.92
C GLN A 70 10.39 -1.63 -15.90
N HIS A 71 10.72 -2.91 -15.93
CA HIS A 71 12.11 -3.36 -15.92
C HIS A 71 12.89 -2.66 -14.80
N SER A 72 12.37 -2.75 -13.59
CA SER A 72 13.02 -2.13 -12.43
C SER A 72 13.74 -3.17 -11.59
N GLY A 73 14.99 -3.46 -11.98
CA GLY A 73 15.78 -4.44 -11.25
C GLY A 73 15.57 -5.85 -11.78
N PRO A 74 16.33 -6.22 -12.81
CA PRO A 74 16.26 -7.56 -13.43
C PRO A 74 16.80 -8.64 -12.52
N SER A 75 17.23 -8.25 -11.32
CA SER A 75 17.77 -9.20 -10.36
C SER A 75 17.05 -10.54 -10.43
N SER A 76 17.81 -11.60 -10.68
CA SER A 76 17.23 -12.94 -10.79
C SER A 76 16.61 -13.37 -9.47
N GLY A 77 16.12 -14.61 -9.42
CA GLY A 77 15.50 -15.11 -8.22
C GLY A 77 14.39 -14.22 -7.71
N GLY A 1 -12.82 10.28 -6.94
CA GLY A 1 -13.53 10.43 -5.69
C GLY A 1 -12.69 11.13 -4.63
N SER A 2 -12.01 12.19 -5.01
CA SER A 2 -11.17 12.95 -4.09
C SER A 2 -11.99 13.55 -2.96
N SER A 3 -13.15 14.10 -3.31
CA SER A 3 -14.03 14.71 -2.32
C SER A 3 -14.97 13.68 -1.71
N GLY A 4 -14.86 13.49 -0.40
CA GLY A 4 -15.70 12.52 0.28
C GLY A 4 -15.39 12.43 1.76
N SER A 5 -16.40 12.05 2.55
CA SER A 5 -16.22 11.94 3.99
C SER A 5 -15.20 10.86 4.34
N SER A 6 -14.78 10.82 5.60
CA SER A 6 -13.80 9.84 6.05
C SER A 6 -14.40 8.44 6.07
N GLY A 7 -13.87 7.56 5.23
CA GLY A 7 -14.37 6.20 5.18
C GLY A 7 -13.31 5.21 4.72
N MET A 8 -13.74 4.17 4.03
CA MET A 8 -12.82 3.14 3.53
C MET A 8 -11.90 3.72 2.46
N LYS A 9 -12.39 4.72 1.73
CA LYS A 9 -11.61 5.35 0.67
C LYS A 9 -10.46 6.15 1.27
N ARG A 10 -10.72 6.85 2.37
CA ARG A 10 -9.70 7.65 3.03
C ARG A 10 -8.64 6.76 3.66
N LYS A 11 -9.07 5.74 4.38
CA LYS A 11 -8.16 4.82 5.04
C LYS A 11 -7.29 4.08 4.02
N GLU A 12 -7.93 3.53 3.00
CA GLU A 12 -7.22 2.81 1.95
C GLU A 12 -6.18 3.70 1.28
N SER A 13 -6.56 4.96 1.05
CA SER A 13 -5.67 5.92 0.41
C SER A 13 -4.42 6.16 1.26
N ALA A 14 -4.64 6.33 2.56
CA ALA A 14 -3.55 6.58 3.50
C ALA A 14 -2.61 5.37 3.56
N PHE A 15 -3.17 4.18 3.42
CA PHE A 15 -2.38 2.95 3.47
C PHE A 15 -1.41 2.88 2.29
N LYS A 16 -1.93 3.13 1.10
CA LYS A 16 -1.12 3.10 -0.12
C LYS A 16 -0.02 4.16 -0.06
N SER A 17 -0.38 5.35 0.41
CA SER A 17 0.58 6.44 0.52
C SER A 17 1.74 6.07 1.44
N MET A 18 1.41 5.39 2.53
CA MET A 18 2.43 4.96 3.50
C MET A 18 3.40 3.97 2.87
N LEU A 19 2.86 3.01 2.13
CA LEU A 19 3.69 2.00 1.47
C LEU A 19 4.69 2.65 0.52
N LYS A 20 4.23 3.65 -0.22
CA LYS A 20 5.09 4.35 -1.17
C LYS A 20 6.15 5.17 -0.44
N GLN A 21 5.77 5.74 0.71
CA GLN A 21 6.68 6.54 1.51
C GLN A 21 7.56 5.65 2.39
N ALA A 22 7.53 4.36 2.13
CA ALA A 22 8.32 3.40 2.89
C ALA A 22 9.77 3.39 2.42
N ALA A 23 10.65 2.79 3.22
CA ALA A 23 12.06 2.71 2.88
C ALA A 23 12.71 1.48 3.50
N PRO A 24 13.32 0.64 2.66
CA PRO A 24 13.38 0.86 1.22
C PRO A 24 12.02 0.69 0.55
N PRO A 25 11.93 1.08 -0.73
CA PRO A 25 10.69 0.99 -1.51
C PRO A 25 10.32 -0.45 -1.82
N ILE A 26 9.09 -0.83 -1.50
CA ILE A 26 8.60 -2.18 -1.74
C ILE A 26 9.14 -2.73 -3.06
N GLU A 27 10.12 -3.63 -2.97
CA GLU A 27 10.72 -4.22 -4.15
C GLU A 27 9.69 -5.03 -4.93
N LEU A 28 10.14 -5.66 -6.02
CA LEU A 28 9.26 -6.48 -6.85
C LEU A 28 9.02 -7.84 -6.22
N ASP A 29 9.94 -8.26 -5.36
CA ASP A 29 9.83 -9.55 -4.69
C ASP A 29 9.48 -9.36 -3.22
N ALA A 30 8.79 -8.27 -2.92
CA ALA A 30 8.38 -7.97 -1.54
C ALA A 30 7.08 -8.68 -1.19
N VAL A 31 7.00 -9.17 0.05
CA VAL A 31 5.80 -9.86 0.51
C VAL A 31 4.98 -8.98 1.44
N TRP A 32 3.67 -9.15 1.39
CA TRP A 32 2.75 -8.37 2.23
C TRP A 32 3.08 -8.56 3.70
N GLU A 33 3.13 -9.83 4.13
CA GLU A 33 3.43 -10.16 5.52
C GLU A 33 4.83 -9.68 5.91
N ASP A 34 5.69 -9.51 4.90
CA ASP A 34 7.05 -9.07 5.13
C ASP A 34 7.10 -7.57 5.38
N ILE A 35 6.18 -6.84 4.76
CA ILE A 35 6.13 -5.39 4.92
C ILE A 35 5.07 -4.99 5.95
N ARG A 36 4.16 -5.90 6.24
CA ARG A 36 3.10 -5.65 7.21
C ARG A 36 3.68 -5.48 8.61
N GLU A 37 4.73 -6.24 8.90
CA GLU A 37 5.38 -6.18 10.20
C GLU A 37 6.07 -4.83 10.41
N ARG A 38 6.43 -4.18 9.30
CA ARG A 38 7.09 -2.89 9.36
C ARG A 38 6.09 -1.78 9.67
N PHE A 39 4.85 -1.97 9.23
CA PHE A 39 3.80 -0.99 9.46
C PHE A 39 2.76 -1.51 10.46
N VAL A 40 2.96 -2.75 10.90
CA VAL A 40 2.05 -3.37 11.85
C VAL A 40 1.61 -2.37 12.93
N LYS A 41 2.53 -1.50 13.32
CA LYS A 41 2.24 -0.49 14.34
C LYS A 41 1.70 0.78 13.69
N GLU A 42 2.28 1.18 12.56
CA GLU A 42 1.86 2.38 11.85
C GLU A 42 0.35 2.57 11.98
N PRO A 43 -0.09 3.83 11.89
CA PRO A 43 -1.51 4.18 11.99
C PRO A 43 -2.31 3.73 10.77
N ALA A 44 -1.71 3.84 9.60
CA ALA A 44 -2.36 3.44 8.35
C ALA A 44 -2.73 1.95 8.40
N PHE A 45 -1.85 1.14 8.97
CA PHE A 45 -2.10 -0.29 9.08
C PHE A 45 -3.13 -0.59 10.16
N GLU A 46 -3.00 0.10 11.29
CA GLU A 46 -3.92 -0.09 12.41
C GLU A 46 -5.34 0.32 12.03
N ASP A 47 -5.46 1.18 11.02
CA ASP A 47 -6.76 1.65 10.56
C ASP A 47 -7.53 0.53 9.87
N ILE A 48 -6.81 -0.30 9.12
CA ILE A 48 -7.41 -1.41 8.41
C ILE A 48 -7.55 -2.64 9.31
N THR A 49 -8.61 -2.67 10.10
CA THR A 49 -8.86 -3.78 11.00
C THR A 49 -8.91 -5.10 10.24
N LEU A 50 -9.47 -5.08 9.04
CA LEU A 50 -9.57 -6.27 8.22
C LEU A 50 -8.25 -6.58 7.53
N GLU A 51 -7.65 -7.71 7.86
CA GLU A 51 -6.38 -8.11 7.27
C GLU A 51 -6.52 -8.28 5.76
N SER A 52 -7.68 -8.75 5.32
CA SER A 52 -7.93 -8.96 3.90
C SER A 52 -7.80 -7.64 3.13
N GLU A 53 -8.26 -6.56 3.74
CA GLU A 53 -8.19 -5.25 3.12
C GLU A 53 -6.74 -4.84 2.83
N ARG A 54 -5.86 -5.15 3.77
CA ARG A 54 -4.44 -4.83 3.63
C ARG A 54 -3.80 -5.68 2.53
N LYS A 55 -4.23 -6.93 2.43
CA LYS A 55 -3.71 -7.84 1.42
C LYS A 55 -4.10 -7.39 0.02
N ARG A 56 -5.37 -7.06 -0.15
CA ARG A 56 -5.88 -6.60 -1.45
C ARG A 56 -5.18 -5.32 -1.88
N ILE A 57 -5.08 -4.37 -0.96
CA ILE A 57 -4.44 -3.09 -1.26
C ILE A 57 -2.98 -3.28 -1.65
N PHE A 58 -2.30 -4.18 -0.95
CA PHE A 58 -0.89 -4.46 -1.22
C PHE A 58 -0.71 -4.97 -2.65
N LYS A 59 -1.59 -5.87 -3.06
CA LYS A 59 -1.52 -6.44 -4.40
C LYS A 59 -1.68 -5.36 -5.46
N ASP A 60 -2.64 -4.47 -5.26
CA ASP A 60 -2.88 -3.38 -6.19
C ASP A 60 -1.69 -2.43 -6.26
N PHE A 61 -1.10 -2.16 -5.10
CA PHE A 61 0.05 -1.26 -5.02
C PHE A 61 1.23 -1.83 -5.81
N MET A 62 1.43 -3.14 -5.72
CA MET A 62 2.51 -3.80 -6.43
C MET A 62 2.30 -3.73 -7.93
N HIS A 63 1.06 -3.89 -8.37
CA HIS A 63 0.72 -3.85 -9.78
C HIS A 63 1.08 -2.50 -10.38
N VAL A 64 0.74 -1.42 -9.67
CA VAL A 64 1.02 -0.07 -10.13
C VAL A 64 2.52 0.20 -10.14
N LEU A 65 3.23 -0.38 -9.18
CA LEU A 65 4.67 -0.20 -9.09
C LEU A 65 5.37 -0.74 -10.33
N GLU A 66 4.97 -1.93 -10.77
CA GLU A 66 5.55 -2.55 -11.95
C GLU A 66 5.21 -1.76 -13.21
N HIS A 67 3.97 -1.31 -13.30
CA HIS A 67 3.51 -0.53 -14.45
C HIS A 67 4.14 0.86 -14.44
N GLU A 68 4.33 1.40 -13.24
CA GLU A 68 4.91 2.73 -13.10
C GLU A 68 6.39 2.73 -13.49
N CYS A 69 7.09 1.66 -13.15
CA CYS A 69 8.50 1.54 -13.46
C CYS A 69 8.70 1.06 -14.90
N GLN A 70 7.73 0.30 -15.40
CA GLN A 70 7.80 -0.21 -16.77
C GLN A 70 7.79 0.92 -17.78
N HIS A 71 6.86 1.84 -17.62
CA HIS A 71 6.75 2.99 -18.53
C HIS A 71 6.39 4.25 -17.76
N SER A 72 7.21 5.29 -17.92
CA SER A 72 6.97 6.56 -17.25
C SER A 72 5.63 7.15 -17.66
N GLY A 73 4.72 7.27 -16.68
CA GLY A 73 3.40 7.81 -16.96
C GLY A 73 2.40 7.49 -15.87
N PRO A 74 1.24 8.16 -15.90
CA PRO A 74 0.18 7.95 -14.92
C PRO A 74 -0.49 6.59 -15.07
N SER A 75 -0.93 6.02 -13.94
CA SER A 75 -1.58 4.73 -13.95
C SER A 75 -2.57 4.61 -12.79
N SER A 76 -3.84 4.31 -13.12
CA SER A 76 -4.88 4.18 -12.12
C SER A 76 -5.79 3.01 -12.44
N GLY A 77 -6.24 2.31 -11.39
CA GLY A 77 -7.12 1.18 -11.58
C GLY A 77 -6.60 -0.08 -10.91
N GLY A 1 -24.08 7.74 12.66
CA GLY A 1 -23.72 8.04 14.02
C GLY A 1 -22.23 8.23 14.20
N SER A 2 -21.84 8.94 15.25
CA SER A 2 -20.43 9.18 15.53
C SER A 2 -19.65 7.88 15.60
N SER A 3 -18.93 7.56 14.53
CA SER A 3 -18.16 6.33 14.46
C SER A 3 -16.96 6.50 13.52
N GLY A 4 -15.77 6.63 14.12
CA GLY A 4 -14.56 6.79 13.31
C GLY A 4 -14.58 8.07 12.51
N SER A 5 -13.44 8.77 12.48
CA SER A 5 -13.33 10.02 11.75
C SER A 5 -13.04 9.76 10.27
N SER A 6 -12.26 8.72 10.00
CA SER A 6 -11.91 8.36 8.64
C SER A 6 -12.77 7.19 8.14
N GLY A 7 -12.68 6.91 6.85
CA GLY A 7 -13.45 5.82 6.27
C GLY A 7 -12.58 4.86 5.47
N MET A 8 -13.23 3.92 4.79
CA MET A 8 -12.52 2.94 3.98
C MET A 8 -11.76 3.61 2.84
N LYS A 9 -12.35 4.67 2.30
CA LYS A 9 -11.73 5.41 1.20
C LYS A 9 -10.51 6.18 1.69
N ARG A 10 -10.65 6.86 2.82
CA ARG A 10 -9.56 7.64 3.40
C ARG A 10 -8.47 6.73 3.94
N LYS A 11 -8.87 5.64 4.58
CA LYS A 11 -7.92 4.69 5.14
C LYS A 11 -7.13 3.99 4.04
N GLU A 12 -7.84 3.50 3.04
CA GLU A 12 -7.21 2.81 1.92
C GLU A 12 -6.20 3.71 1.22
N SER A 13 -6.59 4.97 1.01
CA SER A 13 -5.72 5.93 0.35
C SER A 13 -4.44 6.16 1.16
N ALA A 14 -4.61 6.35 2.46
CA ALA A 14 -3.47 6.58 3.34
C ALA A 14 -2.55 5.36 3.39
N PHE A 15 -3.14 4.17 3.26
CA PHE A 15 -2.37 2.93 3.28
C PHE A 15 -1.42 2.86 2.08
N LYS A 16 -1.95 3.13 0.90
CA LYS A 16 -1.15 3.11 -0.32
C LYS A 16 -0.03 4.14 -0.27
N SER A 17 -0.35 5.32 0.26
CA SER A 17 0.62 6.40 0.36
C SER A 17 1.79 5.98 1.26
N MET A 18 1.47 5.33 2.37
CA MET A 18 2.49 4.88 3.31
C MET A 18 3.43 3.88 2.65
N LEU A 19 2.86 2.94 1.90
CA LEU A 19 3.66 1.92 1.21
C LEU A 19 4.61 2.56 0.21
N LYS A 20 4.15 3.64 -0.43
CA LYS A 20 4.97 4.34 -1.41
C LYS A 20 6.04 5.18 -0.73
N GLN A 21 5.76 5.60 0.50
CA GLN A 21 6.71 6.42 1.26
C GLN A 21 7.62 5.54 2.10
N ALA A 22 7.31 4.25 2.14
CA ALA A 22 8.12 3.30 2.92
C ALA A 22 9.55 3.25 2.40
N ALA A 23 10.49 3.09 3.32
CA ALA A 23 11.91 3.02 2.95
C ALA A 23 12.59 1.83 3.62
N PRO A 24 13.21 0.97 2.79
CA PRO A 24 13.25 1.16 1.34
C PRO A 24 11.90 0.94 0.68
N PRO A 25 11.79 1.30 -0.60
CA PRO A 25 10.56 1.15 -1.37
C PRO A 25 10.21 -0.31 -1.64
N ILE A 26 8.94 -0.66 -1.46
CA ILE A 26 8.48 -2.02 -1.69
C ILE A 26 9.05 -2.58 -2.99
N GLU A 27 10.02 -3.46 -2.87
CA GLU A 27 10.66 -4.08 -4.04
C GLU A 27 9.66 -4.92 -4.82
N LEU A 28 10.14 -5.61 -5.84
CA LEU A 28 9.28 -6.44 -6.68
C LEU A 28 9.12 -7.84 -6.07
N ASP A 29 10.02 -8.18 -5.15
CA ASP A 29 9.99 -9.48 -4.50
C ASP A 29 9.64 -9.33 -3.02
N ALA A 30 8.86 -8.30 -2.70
CA ALA A 30 8.45 -8.05 -1.33
C ALA A 30 7.13 -8.76 -1.01
N VAL A 31 7.03 -9.29 0.20
CA VAL A 31 5.82 -9.99 0.62
C VAL A 31 4.98 -9.12 1.55
N TRP A 32 3.66 -9.25 1.42
CA TRP A 32 2.74 -8.47 2.25
C TRP A 32 3.05 -8.65 3.73
N GLU A 33 3.12 -9.91 4.16
CA GLU A 33 3.41 -10.23 5.56
C GLU A 33 4.81 -9.77 5.94
N ASP A 34 5.67 -9.61 4.94
CA ASP A 34 7.04 -9.18 5.16
C ASP A 34 7.10 -7.67 5.41
N ILE A 35 6.13 -6.96 4.85
CA ILE A 35 6.07 -5.51 5.01
C ILE A 35 5.00 -5.10 6.01
N ARG A 36 4.06 -6.01 6.27
CA ARG A 36 2.99 -5.76 7.23
C ARG A 36 3.54 -5.58 8.64
N GLU A 37 4.51 -6.41 9.00
CA GLU A 37 5.12 -6.35 10.32
C GLU A 37 5.89 -5.05 10.51
N ARG A 38 6.38 -4.49 9.40
CA ARG A 38 7.14 -3.25 9.43
C ARG A 38 6.22 -2.06 9.67
N PHE A 39 4.98 -2.17 9.19
CA PHE A 39 4.01 -1.10 9.34
C PHE A 39 2.94 -1.48 10.37
N VAL A 40 3.01 -2.73 10.84
CA VAL A 40 2.05 -3.22 11.82
C VAL A 40 1.65 -2.13 12.81
N LYS A 41 2.65 -1.40 13.31
CA LYS A 41 2.40 -0.33 14.26
C LYS A 41 1.82 0.90 13.56
N GLU A 42 2.40 1.25 12.42
CA GLU A 42 1.93 2.40 11.66
C GLU A 42 0.42 2.55 11.77
N PRO A 43 -0.06 3.80 11.69
CA PRO A 43 -1.49 4.12 11.79
C PRO A 43 -2.27 3.63 10.57
N ALA A 44 -1.65 3.73 9.40
CA ALA A 44 -2.29 3.30 8.15
C ALA A 44 -2.64 1.82 8.21
N PHE A 45 -1.78 1.03 8.83
CA PHE A 45 -2.01 -0.41 8.95
C PHE A 45 -3.05 -0.71 10.02
N GLU A 46 -2.89 -0.11 11.19
CA GLU A 46 -3.83 -0.31 12.28
C GLU A 46 -5.23 0.19 11.91
N ASP A 47 -5.28 1.08 10.93
CA ASP A 47 -6.56 1.63 10.48
C ASP A 47 -7.40 0.56 9.79
N ILE A 48 -6.73 -0.32 9.04
CA ILE A 48 -7.41 -1.39 8.33
C ILE A 48 -7.55 -2.63 9.20
N THR A 49 -8.49 -2.60 10.13
CA THR A 49 -8.72 -3.73 11.03
C THR A 49 -8.77 -5.05 10.25
N LEU A 50 -9.38 -5.00 9.08
CA LEU A 50 -9.50 -6.19 8.24
C LEU A 50 -8.19 -6.49 7.53
N GLU A 51 -7.58 -7.63 7.88
CA GLU A 51 -6.32 -8.03 7.26
C GLU A 51 -6.47 -8.19 5.76
N SER A 52 -7.63 -8.68 5.32
CA SER A 52 -7.89 -8.88 3.90
C SER A 52 -7.79 -7.57 3.14
N GLU A 53 -8.28 -6.48 3.75
CA GLU A 53 -8.25 -5.17 3.13
C GLU A 53 -6.81 -4.75 2.83
N ARG A 54 -5.91 -5.05 3.76
CA ARG A 54 -4.51 -4.69 3.60
C ARG A 54 -3.85 -5.54 2.51
N LYS A 55 -4.28 -6.79 2.40
CA LYS A 55 -3.74 -7.70 1.40
C LYS A 55 -4.16 -7.27 0.00
N ARG A 56 -5.44 -6.97 -0.17
CA ARG A 56 -5.96 -6.54 -1.45
C ARG A 56 -5.27 -5.28 -1.94
N ILE A 57 -5.18 -4.29 -1.06
CA ILE A 57 -4.53 -3.03 -1.40
C ILE A 57 -3.06 -3.23 -1.76
N PHE A 58 -2.40 -4.10 -1.01
CA PHE A 58 -0.99 -4.39 -1.24
C PHE A 58 -0.78 -4.93 -2.66
N LYS A 59 -1.66 -5.84 -3.08
CA LYS A 59 -1.56 -6.44 -4.40
C LYS A 59 -1.72 -5.37 -5.48
N ASP A 60 -2.70 -4.49 -5.31
CA ASP A 60 -2.96 -3.43 -6.27
C ASP A 60 -1.77 -2.47 -6.34
N PHE A 61 -1.22 -2.13 -5.19
CA PHE A 61 -0.08 -1.22 -5.12
C PHE A 61 1.12 -1.80 -5.86
N MET A 62 1.32 -3.10 -5.73
CA MET A 62 2.43 -3.77 -6.40
C MET A 62 2.27 -3.72 -7.91
N HIS A 63 1.04 -3.93 -8.38
CA HIS A 63 0.75 -3.91 -9.82
C HIS A 63 1.10 -2.55 -10.41
N VAL A 64 0.71 -1.49 -9.73
CA VAL A 64 0.98 -0.13 -10.20
C VAL A 64 2.47 0.17 -10.17
N LEU A 65 3.16 -0.39 -9.19
CA LEU A 65 4.60 -0.18 -9.05
C LEU A 65 5.35 -0.72 -10.26
N GLU A 66 4.98 -1.92 -10.70
CA GLU A 66 5.62 -2.55 -11.85
C GLU A 66 5.31 -1.77 -13.12
N HIS A 67 4.05 -1.35 -13.27
CA HIS A 67 3.62 -0.60 -14.44
C HIS A 67 4.21 0.81 -14.42
N GLU A 68 4.36 1.38 -13.23
CA GLU A 68 4.91 2.72 -13.09
C GLU A 68 6.42 2.71 -13.27
N CYS A 69 7.08 1.72 -12.70
CA CYS A 69 8.53 1.60 -12.81
C CYS A 69 8.97 1.61 -14.26
N GLN A 70 8.35 0.76 -15.08
CA GLN A 70 8.68 0.69 -16.50
C GLN A 70 8.34 1.99 -17.22
N HIS A 71 8.66 2.05 -18.50
CA HIS A 71 8.39 3.24 -19.30
C HIS A 71 7.07 3.88 -18.89
N SER A 72 7.08 5.20 -18.74
CA SER A 72 5.88 5.93 -18.35
C SER A 72 4.79 5.79 -19.40
N GLY A 73 3.56 5.54 -18.95
CA GLY A 73 2.45 5.38 -19.85
C GLY A 73 1.34 4.53 -19.27
N PRO A 74 0.46 5.16 -18.46
CA PRO A 74 -0.66 4.47 -17.82
C PRO A 74 -1.73 4.05 -18.82
N SER A 75 -2.36 2.91 -18.56
CA SER A 75 -3.40 2.39 -19.44
C SER A 75 -4.30 1.39 -18.70
N SER A 76 -5.56 1.76 -18.53
CA SER A 76 -6.50 0.90 -17.83
C SER A 76 -7.54 0.33 -18.80
N GLY A 77 -8.22 1.23 -19.52
CA GLY A 77 -9.23 0.80 -20.47
C GLY A 77 -10.33 1.84 -20.64
N GLY A 1 -11.39 19.03 12.81
CA GLY A 1 -11.99 18.52 11.60
C GLY A 1 -13.40 18.00 11.82
N SER A 2 -14.38 18.84 11.57
CA SER A 2 -15.78 18.47 11.75
C SER A 2 -16.14 17.25 10.90
N SER A 3 -15.68 17.26 9.65
CA SER A 3 -15.94 16.16 8.73
C SER A 3 -15.58 14.82 9.36
N GLY A 4 -16.60 13.99 9.60
CA GLY A 4 -16.36 12.69 10.21
C GLY A 4 -15.09 12.04 9.71
N SER A 5 -14.37 11.38 10.61
CA SER A 5 -13.12 10.73 10.27
C SER A 5 -13.33 9.23 10.04
N SER A 6 -14.41 8.89 9.34
CA SER A 6 -14.73 7.50 9.05
C SER A 6 -14.97 7.29 7.57
N GLY A 7 -14.18 6.42 6.95
CA GLY A 7 -14.34 6.13 5.54
C GLY A 7 -13.30 5.14 5.03
N MET A 8 -13.79 4.07 4.39
CA MET A 8 -12.90 3.04 3.86
C MET A 8 -12.01 3.61 2.76
N LYS A 9 -12.53 4.60 2.04
CA LYS A 9 -11.78 5.22 0.95
C LYS A 9 -10.59 6.01 1.49
N ARG A 10 -10.82 6.76 2.57
CA ARG A 10 -9.77 7.56 3.19
C ARG A 10 -8.69 6.67 3.79
N LYS A 11 -9.11 5.56 4.41
CA LYS A 11 -8.18 4.63 5.02
C LYS A 11 -7.31 3.97 3.96
N GLU A 12 -7.95 3.42 2.92
CA GLU A 12 -7.23 2.75 1.84
C GLU A 12 -6.22 3.70 1.20
N SER A 13 -6.63 4.96 1.02
CA SER A 13 -5.76 5.96 0.41
C SER A 13 -4.51 6.19 1.25
N ALA A 14 -4.71 6.26 2.57
CA ALA A 14 -3.60 6.48 3.49
C ALA A 14 -2.65 5.29 3.51
N PHE A 15 -3.21 4.09 3.32
CA PHE A 15 -2.42 2.87 3.32
C PHE A 15 -1.45 2.86 2.13
N LYS A 16 -1.97 3.15 0.95
CA LYS A 16 -1.16 3.17 -0.26
C LYS A 16 -0.06 4.22 -0.16
N SER A 17 -0.42 5.39 0.35
CA SER A 17 0.54 6.49 0.49
C SER A 17 1.67 6.09 1.44
N MET A 18 1.32 5.41 2.52
CA MET A 18 2.31 4.97 3.50
C MET A 18 3.31 4.01 2.87
N LEU A 19 2.81 3.09 2.06
CA LEU A 19 3.67 2.11 1.39
C LEU A 19 4.65 2.79 0.45
N LYS A 20 4.17 3.79 -0.27
CA LYS A 20 5.02 4.55 -1.20
C LYS A 20 6.12 5.30 -0.46
N GLN A 21 5.79 5.79 0.74
CA GLN A 21 6.74 6.53 1.55
C GLN A 21 7.64 5.57 2.32
N ALA A 22 7.31 4.29 2.30
CA ALA A 22 8.08 3.27 3.00
C ALA A 22 9.53 3.27 2.52
N ALA A 23 10.42 2.75 3.36
CA ALA A 23 11.84 2.67 3.02
C ALA A 23 12.49 1.45 3.64
N PRO A 24 13.08 0.59 2.79
CA PRO A 24 13.11 0.80 1.34
C PRO A 24 11.73 0.64 0.72
N PRO A 25 11.60 1.03 -0.56
CA PRO A 25 10.34 0.93 -1.31
C PRO A 25 9.96 -0.51 -1.61
N ILE A 26 8.68 -0.81 -1.51
CA ILE A 26 8.18 -2.16 -1.78
C ILE A 26 8.84 -2.75 -3.02
N GLU A 27 9.76 -3.69 -2.80
CA GLU A 27 10.46 -4.34 -3.90
C GLU A 27 9.49 -5.10 -4.79
N LEU A 28 10.03 -5.81 -5.77
CA LEU A 28 9.22 -6.59 -6.70
C LEU A 28 8.97 -8.00 -6.15
N ASP A 29 9.93 -8.51 -5.39
CA ASP A 29 9.80 -9.84 -4.81
C ASP A 29 9.57 -9.75 -3.30
N ALA A 30 8.87 -8.71 -2.88
CA ALA A 30 8.56 -8.51 -1.46
C ALA A 30 7.25 -9.19 -1.08
N VAL A 31 7.15 -9.60 0.17
CA VAL A 31 5.95 -10.27 0.67
C VAL A 31 5.15 -9.35 1.58
N TRP A 32 3.83 -9.40 1.43
CA TRP A 32 2.95 -8.56 2.24
C TRP A 32 3.26 -8.70 3.73
N GLU A 33 3.29 -9.94 4.20
CA GLU A 33 3.59 -10.21 5.61
C GLU A 33 5.03 -9.81 5.94
N ASP A 34 5.88 -9.74 4.92
CA ASP A 34 7.27 -9.36 5.11
C ASP A 34 7.42 -7.85 5.23
N ILE A 35 6.42 -7.13 4.75
CA ILE A 35 6.44 -5.67 4.80
C ILE A 35 5.36 -5.14 5.74
N ARG A 36 4.42 -6.01 6.10
CA ARG A 36 3.33 -5.63 6.99
C ARG A 36 3.86 -5.29 8.38
N GLU A 37 4.83 -6.07 8.85
CA GLU A 37 5.43 -5.85 10.16
C GLU A 37 6.07 -4.46 10.24
N ARG A 38 6.41 -3.91 9.09
CA ARG A 38 7.05 -2.59 9.02
C ARG A 38 6.02 -1.49 9.27
N PHE A 39 4.80 -1.71 8.82
CA PHE A 39 3.72 -0.75 8.99
C PHE A 39 2.72 -1.22 10.04
N VAL A 40 2.90 -2.45 10.51
CA VAL A 40 2.01 -3.02 11.52
C VAL A 40 1.98 -2.16 12.78
N LYS A 41 3.04 -1.37 12.98
CA LYS A 41 3.14 -0.51 14.14
C LYS A 41 2.66 0.91 13.80
N GLU A 42 2.31 1.12 12.54
CA GLU A 42 1.84 2.43 12.09
C GLU A 42 0.33 2.54 12.24
N PRO A 43 -0.16 3.78 12.39
CA PRO A 43 -1.59 4.06 12.54
C PRO A 43 -2.38 3.78 11.27
N ALA A 44 -1.76 4.09 10.12
CA ALA A 44 -2.40 3.89 8.83
C ALA A 44 -2.80 2.43 8.64
N PHE A 45 -1.93 1.52 9.09
CA PHE A 45 -2.18 0.09 8.96
C PHE A 45 -3.19 -0.37 10.01
N GLU A 46 -3.01 0.08 11.24
CA GLU A 46 -3.92 -0.29 12.32
C GLU A 46 -5.35 0.14 12.01
N ASP A 47 -5.50 1.12 11.13
CA ASP A 47 -6.81 1.62 10.74
C ASP A 47 -7.56 0.58 9.92
N ILE A 48 -6.82 -0.38 9.37
CA ILE A 48 -7.41 -1.43 8.55
C ILE A 48 -7.56 -2.72 9.35
N THR A 49 -8.59 -2.77 10.20
CA THR A 49 -8.85 -3.94 11.02
C THR A 49 -8.94 -5.20 10.17
N LEU A 50 -9.52 -5.07 8.98
CA LEU A 50 -9.67 -6.19 8.07
C LEU A 50 -8.36 -6.51 7.37
N GLU A 51 -7.75 -7.62 7.75
CA GLU A 51 -6.48 -8.04 7.16
C GLU A 51 -6.60 -8.17 5.64
N SER A 52 -7.76 -8.60 5.18
CA SER A 52 -8.01 -8.77 3.76
C SER A 52 -7.84 -7.44 3.02
N GLU A 53 -8.26 -6.36 3.66
CA GLU A 53 -8.17 -5.03 3.06
C GLU A 53 -6.71 -4.67 2.78
N ARG A 54 -5.82 -5.06 3.69
CA ARG A 54 -4.40 -4.77 3.54
C ARG A 54 -3.79 -5.63 2.44
N LYS A 55 -4.27 -6.86 2.33
CA LYS A 55 -3.76 -7.79 1.31
C LYS A 55 -4.15 -7.32 -0.09
N ARG A 56 -5.41 -6.93 -0.25
CA ARG A 56 -5.91 -6.47 -1.54
C ARG A 56 -5.16 -5.20 -1.98
N ILE A 57 -5.02 -4.25 -1.06
CA ILE A 57 -4.33 -3.01 -1.36
C ILE A 57 -2.88 -3.25 -1.74
N PHE A 58 -2.23 -4.17 -1.03
CA PHE A 58 -0.84 -4.51 -1.30
C PHE A 58 -0.67 -5.01 -2.74
N LYS A 59 -1.58 -5.87 -3.16
CA LYS A 59 -1.53 -6.44 -4.51
C LYS A 59 -1.66 -5.33 -5.56
N ASP A 60 -2.60 -4.42 -5.35
CA ASP A 60 -2.82 -3.32 -6.26
C ASP A 60 -1.62 -2.38 -6.29
N PHE A 61 -1.05 -2.12 -5.12
CA PHE A 61 0.11 -1.24 -5.01
C PHE A 61 1.29 -1.80 -5.80
N MET A 62 1.50 -3.11 -5.71
CA MET A 62 2.59 -3.76 -6.42
C MET A 62 2.38 -3.69 -7.92
N HIS A 63 1.13 -3.84 -8.34
CA HIS A 63 0.79 -3.80 -9.77
C HIS A 63 1.14 -2.44 -10.37
N VAL A 64 0.79 -1.38 -9.66
CA VAL A 64 1.07 -0.02 -10.12
C VAL A 64 2.57 0.25 -10.14
N LEU A 65 3.28 -0.32 -9.18
CA LEU A 65 4.72 -0.14 -9.08
C LEU A 65 5.43 -0.67 -10.32
N GLU A 66 5.04 -1.86 -10.75
CA GLU A 66 5.62 -2.48 -11.94
C GLU A 66 5.28 -1.70 -13.20
N HIS A 67 4.03 -1.25 -13.29
CA HIS A 67 3.58 -0.47 -14.44
C HIS A 67 4.19 0.92 -14.44
N GLU A 68 4.39 1.47 -13.24
CA GLU A 68 4.97 2.80 -13.10
C GLU A 68 6.47 2.77 -13.36
N CYS A 69 7.10 1.65 -13.05
CA CYS A 69 8.54 1.50 -13.25
C CYS A 69 8.82 0.46 -14.34
N GLN A 70 8.44 0.77 -15.58
CA GLN A 70 8.65 -0.13 -16.69
C GLN A 70 9.14 0.62 -17.92
N HIS A 71 9.99 -0.01 -18.71
CA HIS A 71 10.53 0.60 -19.92
C HIS A 71 11.18 1.94 -19.60
N SER A 72 12.07 1.96 -18.61
CA SER A 72 12.75 3.17 -18.20
C SER A 72 14.18 2.87 -17.76
N GLY A 73 15.12 3.63 -18.30
CA GLY A 73 16.52 3.44 -17.95
C GLY A 73 17.12 2.21 -18.63
N PRO A 74 18.28 1.77 -18.13
CA PRO A 74 18.98 0.60 -18.67
C PRO A 74 18.24 -0.71 -18.37
N SER A 75 17.49 -0.71 -17.28
CA SER A 75 16.74 -1.90 -16.88
C SER A 75 15.55 -2.13 -17.80
N SER A 76 15.41 -3.36 -18.30
CA SER A 76 14.32 -3.70 -19.20
C SER A 76 13.45 -4.79 -18.61
N GLY A 77 14.09 -5.88 -18.17
CA GLY A 77 13.35 -6.98 -17.58
C GLY A 77 14.19 -7.80 -16.62
N GLY A 1 -11.43 22.90 -2.79
CA GLY A 1 -12.37 22.54 -1.76
C GLY A 1 -12.48 21.04 -1.57
N SER A 2 -11.58 20.47 -0.80
CA SER A 2 -11.58 19.03 -0.54
C SER A 2 -12.57 18.67 0.55
N SER A 3 -13.54 17.81 0.21
CA SER A 3 -14.55 17.39 1.17
C SER A 3 -14.90 15.92 0.98
N GLY A 4 -14.71 15.14 2.04
CA GLY A 4 -15.01 13.72 1.96
C GLY A 4 -15.75 13.22 3.19
N SER A 5 -17.02 12.85 3.01
CA SER A 5 -17.83 12.36 4.12
C SER A 5 -17.45 10.93 4.48
N SER A 6 -17.24 10.11 3.46
CA SER A 6 -16.87 8.70 3.67
C SER A 6 -15.64 8.60 4.55
N GLY A 7 -15.25 7.37 4.88
CA GLY A 7 -14.09 7.14 5.71
C GLY A 7 -13.24 5.98 5.23
N MET A 8 -13.89 4.98 4.64
CA MET A 8 -13.18 3.82 4.14
C MET A 8 -12.20 4.20 3.03
N LYS A 9 -12.66 5.05 2.11
CA LYS A 9 -11.83 5.50 1.01
C LYS A 9 -10.61 6.27 1.52
N ARG A 10 -10.80 7.01 2.61
CA ARG A 10 -9.71 7.78 3.20
C ARG A 10 -8.67 6.88 3.82
N LYS A 11 -9.12 5.84 4.52
CA LYS A 11 -8.21 4.90 5.16
C LYS A 11 -7.40 4.14 4.12
N GLU A 12 -8.08 3.61 3.12
CA GLU A 12 -7.42 2.86 2.05
C GLU A 12 -6.35 3.70 1.37
N SER A 13 -6.69 4.97 1.10
CA SER A 13 -5.75 5.88 0.44
C SER A 13 -4.51 6.09 1.30
N ALA A 14 -4.71 6.19 2.61
CA ALA A 14 -3.60 6.39 3.53
C ALA A 14 -2.67 5.18 3.55
N PHE A 15 -3.24 4.00 3.39
CA PHE A 15 -2.46 2.77 3.39
C PHE A 15 -1.53 2.72 2.18
N LYS A 16 -2.08 2.99 1.00
CA LYS A 16 -1.30 2.97 -0.23
C LYS A 16 -0.20 4.03 -0.19
N SER A 17 -0.54 5.22 0.31
CA SER A 17 0.42 6.31 0.39
C SER A 17 1.58 5.93 1.31
N MET A 18 1.28 5.28 2.42
CA MET A 18 2.29 4.86 3.37
C MET A 18 3.29 3.92 2.71
N LEU A 19 2.78 2.94 1.98
CA LEU A 19 3.64 1.96 1.30
C LEU A 19 4.54 2.65 0.28
N LYS A 20 4.01 3.69 -0.36
CA LYS A 20 4.78 4.44 -1.36
C LYS A 20 5.94 5.17 -0.70
N GLN A 21 5.72 5.67 0.51
CA GLN A 21 6.75 6.40 1.23
C GLN A 21 7.54 5.45 2.15
N ALA A 22 7.28 4.16 2.02
CA ALA A 22 7.96 3.16 2.83
C ALA A 22 9.43 3.02 2.42
N ALA A 23 10.31 2.91 3.40
CA ALA A 23 11.73 2.77 3.14
C ALA A 23 12.30 1.53 3.83
N PRO A 24 12.94 0.65 3.05
CA PRO A 24 13.10 0.84 1.60
C PRO A 24 11.77 0.71 0.85
N PRO A 25 11.78 1.07 -0.43
CA PRO A 25 10.59 1.00 -1.28
C PRO A 25 10.20 -0.44 -1.61
N ILE A 26 8.90 -0.73 -1.49
CA ILE A 26 8.40 -2.07 -1.77
C ILE A 26 8.94 -2.60 -3.08
N GLU A 27 9.88 -3.53 -2.99
CA GLU A 27 10.49 -4.12 -4.19
C GLU A 27 9.48 -4.99 -4.92
N LEU A 28 9.94 -5.66 -5.97
CA LEU A 28 9.08 -6.54 -6.77
C LEU A 28 8.91 -7.89 -6.10
N ASP A 29 9.86 -8.24 -5.24
CA ASP A 29 9.82 -9.51 -4.52
C ASP A 29 9.41 -9.31 -3.06
N ALA A 30 8.74 -8.19 -2.79
CA ALA A 30 8.31 -7.87 -1.44
C ALA A 30 7.02 -8.61 -1.09
N VAL A 31 6.94 -9.11 0.14
CA VAL A 31 5.76 -9.85 0.60
C VAL A 31 4.93 -9.01 1.56
N TRP A 32 3.61 -9.13 1.44
CA TRP A 32 2.69 -8.38 2.30
C TRP A 32 3.06 -8.58 3.77
N GLU A 33 3.15 -9.83 4.19
CA GLU A 33 3.49 -10.15 5.57
C GLU A 33 4.92 -9.72 5.90
N ASP A 34 5.74 -9.59 4.87
CA ASP A 34 7.13 -9.18 5.05
C ASP A 34 7.23 -7.68 5.28
N ILE A 35 6.21 -6.95 4.83
CA ILE A 35 6.19 -5.50 4.99
C ILE A 35 5.16 -5.08 6.03
N ARG A 36 4.20 -5.96 6.31
CA ARG A 36 3.16 -5.67 7.28
C ARG A 36 3.76 -5.49 8.68
N GLU A 37 4.72 -6.34 9.02
CA GLU A 37 5.37 -6.27 10.33
C GLU A 37 6.07 -4.93 10.51
N ARG A 38 6.55 -4.35 9.42
CA ARG A 38 7.24 -3.08 9.46
C ARG A 38 6.26 -1.94 9.74
N PHE A 39 5.03 -2.11 9.28
CA PHE A 39 3.99 -1.09 9.47
C PHE A 39 3.01 -1.52 10.56
N VAL A 40 3.16 -2.77 11.02
CA VAL A 40 2.28 -3.30 12.07
C VAL A 40 1.92 -2.22 13.09
N LYS A 41 2.82 -1.26 13.25
CA LYS A 41 2.59 -0.17 14.19
C LYS A 41 1.99 1.05 13.50
N GLU A 42 2.55 1.40 12.34
CA GLU A 42 2.07 2.54 11.58
C GLU A 42 0.55 2.66 11.67
N PRO A 43 0.04 3.89 11.53
CA PRO A 43 -1.40 4.16 11.58
C PRO A 43 -2.15 3.61 10.38
N ALA A 44 -1.49 3.62 9.22
CA ALA A 44 -2.11 3.12 8.00
C ALA A 44 -2.44 1.64 8.12
N PHE A 45 -1.51 0.86 8.67
CA PHE A 45 -1.71 -0.57 8.85
C PHE A 45 -2.74 -0.85 9.93
N GLU A 46 -2.63 -0.13 11.05
CA GLU A 46 -3.55 -0.29 12.16
C GLU A 46 -4.92 0.30 11.82
N ASP A 47 -4.95 1.21 10.87
CA ASP A 47 -6.19 1.85 10.46
C ASP A 47 -7.10 0.85 9.74
N ILE A 48 -6.50 -0.13 9.08
CA ILE A 48 -7.24 -1.15 8.37
C ILE A 48 -7.34 -2.44 9.17
N THR A 49 -8.39 -2.56 9.97
CA THR A 49 -8.60 -3.75 10.79
C THR A 49 -8.79 -5.00 9.92
N LEU A 50 -9.37 -4.80 8.74
CA LEU A 50 -9.61 -5.90 7.82
C LEU A 50 -8.31 -6.39 7.20
N GLU A 51 -7.77 -7.46 7.75
CA GLU A 51 -6.52 -8.04 7.25
C GLU A 51 -6.59 -8.28 5.75
N SER A 52 -7.70 -8.84 5.30
CA SER A 52 -7.90 -9.13 3.88
C SER A 52 -7.84 -7.85 3.06
N GLU A 53 -8.47 -6.79 3.58
CA GLU A 53 -8.50 -5.51 2.89
C GLU A 53 -7.07 -4.97 2.69
N ARG A 54 -6.21 -5.21 3.65
CA ARG A 54 -4.83 -4.77 3.58
C ARG A 54 -4.04 -5.58 2.55
N LYS A 55 -4.35 -6.87 2.47
CA LYS A 55 -3.68 -7.77 1.53
C LYS A 55 -4.01 -7.38 0.09
N ARG A 56 -5.30 -7.17 -0.18
CA ARG A 56 -5.74 -6.80 -1.52
C ARG A 56 -5.16 -5.46 -1.94
N ILE A 57 -5.19 -4.50 -1.03
CA ILE A 57 -4.66 -3.17 -1.31
C ILE A 57 -3.17 -3.22 -1.63
N PHE A 58 -2.44 -4.05 -0.90
CA PHE A 58 -1.00 -4.20 -1.11
C PHE A 58 -0.71 -4.75 -2.50
N LYS A 59 -1.49 -5.76 -2.90
CA LYS A 59 -1.31 -6.37 -4.21
C LYS A 59 -1.49 -5.34 -5.33
N ASP A 60 -2.53 -4.52 -5.20
CA ASP A 60 -2.82 -3.50 -6.20
C ASP A 60 -1.66 -2.51 -6.30
N PHE A 61 -1.11 -2.12 -5.16
CA PHE A 61 0.00 -1.18 -5.12
C PHE A 61 1.21 -1.74 -5.86
N MET A 62 1.45 -3.03 -5.69
CA MET A 62 2.58 -3.70 -6.34
C MET A 62 2.42 -3.68 -7.86
N HIS A 63 1.19 -3.91 -8.32
CA HIS A 63 0.92 -3.92 -9.76
C HIS A 63 1.23 -2.56 -10.37
N VAL A 64 0.79 -1.49 -9.71
CA VAL A 64 1.03 -0.14 -10.19
C VAL A 64 2.52 0.20 -10.16
N LEU A 65 3.21 -0.31 -9.16
CA LEU A 65 4.65 -0.06 -9.01
C LEU A 65 5.42 -0.58 -10.21
N GLU A 66 5.09 -1.80 -10.63
CA GLU A 66 5.76 -2.42 -11.78
C GLU A 66 5.43 -1.68 -13.07
N HIS A 67 4.16 -1.30 -13.22
CA HIS A 67 3.72 -0.58 -14.41
C HIS A 67 4.25 0.85 -14.41
N GLU A 68 4.39 1.43 -13.22
CA GLU A 68 4.89 2.79 -13.08
C GLU A 68 6.40 2.84 -13.26
N CYS A 69 7.09 1.82 -12.73
CA CYS A 69 8.54 1.75 -12.83
C CYS A 69 8.96 1.25 -14.20
N GLN A 70 8.07 0.53 -14.86
CA GLN A 70 8.35 -0.01 -16.19
C GLN A 70 7.60 0.76 -17.26
N HIS A 71 8.11 0.72 -18.49
CA HIS A 71 7.49 1.41 -19.61
C HIS A 71 7.26 0.46 -20.78
N SER A 72 8.32 -0.23 -21.18
CA SER A 72 8.23 -1.18 -22.30
C SER A 72 9.14 -2.37 -22.07
N GLY A 73 8.63 -3.56 -22.40
CA GLY A 73 9.42 -4.77 -22.22
C GLY A 73 8.54 -6.01 -22.16
N PRO A 74 9.19 -7.19 -22.03
CA PRO A 74 8.48 -8.47 -21.95
C PRO A 74 7.73 -8.64 -20.64
N SER A 75 7.82 -7.62 -19.78
CA SER A 75 7.15 -7.67 -18.49
C SER A 75 5.70 -8.12 -18.64
N SER A 76 5.47 -9.42 -18.48
CA SER A 76 4.11 -9.97 -18.60
C SER A 76 3.71 -10.68 -17.31
N GLY A 77 2.73 -10.11 -16.62
CA GLY A 77 2.26 -10.69 -15.38
C GLY A 77 1.57 -12.03 -15.60
N GLY A 1 -11.05 20.92 -3.89
CA GLY A 1 -12.03 20.80 -4.94
C GLY A 1 -13.35 20.25 -4.45
N SER A 2 -13.52 18.93 -4.57
CA SER A 2 -14.74 18.28 -4.14
C SER A 2 -14.48 17.35 -2.96
N SER A 3 -13.66 17.81 -2.02
CA SER A 3 -13.32 17.02 -0.85
C SER A 3 -14.51 16.19 -0.38
N GLY A 4 -14.25 14.94 0.01
CA GLY A 4 -15.30 14.06 0.47
C GLY A 4 -15.40 14.01 1.98
N SER A 5 -15.34 12.81 2.53
CA SER A 5 -15.42 12.62 3.98
C SER A 5 -14.54 11.46 4.43
N SER A 6 -13.83 11.66 5.54
CA SER A 6 -12.95 10.63 6.08
C SER A 6 -13.72 9.33 6.31
N GLY A 7 -13.27 8.26 5.68
CA GLY A 7 -13.92 6.97 5.83
C GLY A 7 -13.10 5.83 5.28
N MET A 8 -13.75 4.87 4.63
CA MET A 8 -13.07 3.72 4.05
C MET A 8 -12.11 4.16 2.95
N LYS A 9 -12.56 5.09 2.11
CA LYS A 9 -11.73 5.59 1.01
C LYS A 9 -10.49 6.27 1.54
N ARG A 10 -10.64 7.08 2.58
CA ARG A 10 -9.53 7.80 3.17
C ARG A 10 -8.52 6.83 3.79
N LYS A 11 -9.04 5.80 4.46
CA LYS A 11 -8.19 4.80 5.09
C LYS A 11 -7.34 4.06 4.05
N GLU A 12 -8.00 3.57 3.00
CA GLU A 12 -7.31 2.85 1.94
C GLU A 12 -6.23 3.72 1.31
N SER A 13 -6.57 4.98 1.05
CA SER A 13 -5.63 5.92 0.44
C SER A 13 -4.41 6.13 1.34
N ALA A 14 -4.64 6.13 2.64
CA ALA A 14 -3.56 6.31 3.61
C ALA A 14 -2.62 5.12 3.62
N PHE A 15 -3.18 3.93 3.44
CA PHE A 15 -2.39 2.70 3.42
C PHE A 15 -1.44 2.69 2.24
N LYS A 16 -1.96 2.97 1.06
CA LYS A 16 -1.15 2.99 -0.16
C LYS A 16 -0.09 4.09 -0.09
N SER A 17 -0.50 5.26 0.38
CA SER A 17 0.41 6.40 0.49
C SER A 17 1.57 6.07 1.44
N MET A 18 1.26 5.36 2.51
CA MET A 18 2.26 4.97 3.49
C MET A 18 3.31 4.05 2.88
N LEU A 19 2.85 3.05 2.14
CA LEU A 19 3.74 2.10 1.49
C LEU A 19 4.64 2.80 0.48
N LYS A 20 4.08 3.78 -0.22
CA LYS A 20 4.84 4.54 -1.22
C LYS A 20 5.95 5.35 -0.56
N GLN A 21 5.66 5.87 0.63
CA GLN A 21 6.63 6.67 1.36
C GLN A 21 7.49 5.80 2.27
N ALA A 22 7.39 4.49 2.08
CA ALA A 22 8.16 3.54 2.88
C ALA A 22 9.61 3.48 2.43
N ALA A 23 10.45 2.82 3.21
CA ALA A 23 11.86 2.69 2.90
C ALA A 23 12.47 1.45 3.55
N PRO A 24 13.08 0.58 2.72
CA PRO A 24 13.17 0.80 1.28
C PRO A 24 11.82 0.66 0.59
N PRO A 25 11.76 1.03 -0.70
CA PRO A 25 10.53 0.96 -1.49
C PRO A 25 10.13 -0.47 -1.81
N ILE A 26 8.88 -0.81 -1.50
CA ILE A 26 8.37 -2.15 -1.75
C ILE A 26 8.97 -2.75 -3.01
N GLU A 27 9.90 -3.68 -2.84
CA GLU A 27 10.56 -4.33 -3.96
C GLU A 27 9.57 -5.15 -4.78
N LEU A 28 10.04 -5.75 -5.87
CA LEU A 28 9.19 -6.56 -6.73
C LEU A 28 8.94 -7.93 -6.11
N ASP A 29 9.85 -8.36 -5.25
CA ASP A 29 9.74 -9.65 -4.58
C ASP A 29 9.42 -9.48 -3.10
N ALA A 30 8.71 -8.42 -2.78
CA ALA A 30 8.33 -8.12 -1.39
C ALA A 30 7.05 -8.85 -1.02
N VAL A 31 6.98 -9.33 0.22
CA VAL A 31 5.80 -10.03 0.72
C VAL A 31 4.98 -9.15 1.65
N TRP A 32 3.66 -9.26 1.55
CA TRP A 32 2.76 -8.47 2.39
C TRP A 32 3.12 -8.62 3.86
N GLU A 33 3.21 -9.86 4.33
CA GLU A 33 3.54 -10.13 5.71
C GLU A 33 4.96 -9.67 6.03
N ASP A 34 5.80 -9.61 5.01
CA ASP A 34 7.19 -9.18 5.18
C ASP A 34 7.27 -7.67 5.37
N ILE A 35 6.24 -6.97 4.88
CA ILE A 35 6.21 -5.51 4.99
C ILE A 35 5.17 -5.08 6.02
N ARG A 36 4.24 -5.97 6.34
CA ARG A 36 3.20 -5.68 7.31
C ARG A 36 3.78 -5.46 8.70
N GLU A 37 4.72 -6.32 9.08
CA GLU A 37 5.36 -6.21 10.39
C GLU A 37 6.10 -4.89 10.53
N ARG A 38 6.54 -4.35 9.39
CA ARG A 38 7.28 -3.08 9.38
C ARG A 38 6.34 -1.91 9.62
N PHE A 39 5.10 -2.05 9.16
CA PHE A 39 4.11 -1.00 9.33
C PHE A 39 3.06 -1.39 10.38
N VAL A 40 3.19 -2.60 10.91
CA VAL A 40 2.27 -3.10 11.92
C VAL A 40 1.91 -2.01 12.91
N LYS A 41 2.83 -1.08 13.12
CA LYS A 41 2.61 0.02 14.06
C LYS A 41 2.01 1.23 13.34
N GLU A 42 2.52 1.51 12.14
CA GLU A 42 2.04 2.64 11.35
C GLU A 42 0.54 2.83 11.54
N PRO A 43 0.07 4.08 11.41
CA PRO A 43 -1.34 4.42 11.56
C PRO A 43 -2.19 3.89 10.41
N ALA A 44 -1.62 3.90 9.21
CA ALA A 44 -2.33 3.41 8.04
C ALA A 44 -2.58 1.91 8.12
N PHE A 45 -1.67 1.20 8.77
CA PHE A 45 -1.78 -0.25 8.92
C PHE A 45 -2.83 -0.60 9.97
N GLU A 46 -2.72 0.01 11.15
CA GLU A 46 -3.65 -0.24 12.23
C GLU A 46 -5.05 0.25 11.86
N ASP A 47 -5.12 1.17 10.92
CA ASP A 47 -6.40 1.72 10.47
C ASP A 47 -7.23 0.66 9.77
N ILE A 48 -6.54 -0.34 9.21
CA ILE A 48 -7.22 -1.42 8.49
C ILE A 48 -7.30 -2.68 9.36
N THR A 49 -8.52 -3.10 9.67
CA THR A 49 -8.73 -4.28 10.49
C THR A 49 -8.81 -5.54 9.62
N LEU A 50 -9.70 -5.52 8.64
CA LEU A 50 -9.87 -6.66 7.74
C LEU A 50 -8.54 -7.08 7.13
N GLU A 51 -8.15 -8.34 7.36
CA GLU A 51 -6.90 -8.86 6.83
C GLU A 51 -6.88 -8.78 5.31
N SER A 52 -8.01 -9.10 4.69
CA SER A 52 -8.12 -9.08 3.24
C SER A 52 -7.98 -7.65 2.71
N GLU A 53 -8.45 -6.69 3.49
CA GLU A 53 -8.37 -5.28 3.10
C GLU A 53 -6.92 -4.86 2.88
N ARG A 54 -6.05 -5.28 3.78
CA ARG A 54 -4.63 -4.95 3.70
C ARG A 54 -3.96 -5.70 2.55
N LYS A 55 -4.31 -6.97 2.39
CA LYS A 55 -3.75 -7.80 1.34
C LYS A 55 -4.13 -7.27 -0.03
N ARG A 56 -5.41 -6.96 -0.20
CA ARG A 56 -5.91 -6.43 -1.47
C ARG A 56 -5.23 -5.12 -1.83
N ILE A 57 -5.16 -4.21 -0.87
CA ILE A 57 -4.54 -2.92 -1.07
C ILE A 57 -3.05 -3.07 -1.42
N PHE A 58 -2.39 -3.99 -0.73
CA PHE A 58 -0.97 -4.24 -0.95
C PHE A 58 -0.72 -4.71 -2.39
N LYS A 59 -1.59 -5.59 -2.88
CA LYS A 59 -1.46 -6.11 -4.23
C LYS A 59 -1.60 -4.99 -5.26
N ASP A 60 -2.56 -4.11 -5.04
CA ASP A 60 -2.80 -2.99 -5.95
C ASP A 60 -1.57 -2.09 -6.03
N PHE A 61 -0.93 -1.86 -4.89
CA PHE A 61 0.26 -1.02 -4.83
C PHE A 61 1.40 -1.63 -5.64
N MET A 62 1.61 -2.93 -5.46
CA MET A 62 2.66 -3.64 -6.17
C MET A 62 2.42 -3.61 -7.68
N HIS A 63 1.16 -3.79 -8.07
CA HIS A 63 0.79 -3.79 -9.48
C HIS A 63 1.14 -2.45 -10.13
N VAL A 64 0.80 -1.37 -9.45
CA VAL A 64 1.08 -0.03 -9.96
C VAL A 64 2.58 0.22 -10.06
N LEU A 65 3.34 -0.35 -9.11
CA LEU A 65 4.79 -0.19 -9.10
C LEU A 65 5.41 -0.77 -10.36
N GLU A 66 4.97 -1.96 -10.74
CA GLU A 66 5.49 -2.63 -11.92
C GLU A 66 5.10 -1.86 -13.19
N HIS A 67 3.88 -1.37 -13.22
CA HIS A 67 3.37 -0.61 -14.36
C HIS A 67 4.03 0.76 -14.43
N GLU A 68 4.27 1.36 -13.27
CA GLU A 68 4.90 2.68 -13.20
C GLU A 68 6.40 2.59 -13.44
N CYS A 69 6.99 1.46 -13.03
CA CYS A 69 8.41 1.26 -13.19
C CYS A 69 8.82 1.37 -14.66
N GLN A 70 7.83 1.36 -15.54
CA GLN A 70 8.09 1.45 -16.97
C GLN A 70 7.83 2.88 -17.47
N HIS A 71 8.51 3.84 -16.88
CA HIS A 71 8.35 5.25 -17.26
C HIS A 71 6.91 5.54 -17.65
N SER A 72 5.97 5.06 -16.84
CA SER A 72 4.56 5.27 -17.09
C SER A 72 4.02 6.42 -16.24
N GLY A 73 4.42 6.45 -14.97
CA GLY A 73 3.97 7.48 -14.07
C GLY A 73 3.20 6.94 -12.88
N PRO A 74 3.64 7.30 -11.67
CA PRO A 74 3.01 6.85 -10.42
C PRO A 74 1.63 7.47 -10.22
N SER A 75 1.09 7.30 -9.01
CA SER A 75 -0.24 7.84 -8.69
C SER A 75 -0.23 9.37 -8.79
N SER A 76 -1.41 9.93 -8.98
CA SER A 76 -1.55 11.38 -9.10
C SER A 76 -0.75 12.09 -8.02
N GLY A 77 -0.29 13.30 -8.34
CA GLY A 77 0.49 14.07 -7.39
C GLY A 77 0.65 15.52 -7.80
N GLY A 1 -10.28 21.08 -0.90
CA GLY A 1 -11.32 22.03 -1.23
C GLY A 1 -12.71 21.45 -1.06
N SER A 2 -13.05 21.07 0.18
CA SER A 2 -14.35 20.49 0.47
C SER A 2 -14.50 19.11 -0.19
N SER A 3 -13.44 18.32 -0.13
CA SER A 3 -13.44 16.99 -0.72
C SER A 3 -13.87 15.94 0.31
N GLY A 4 -15.11 15.46 0.16
CA GLY A 4 -15.62 14.46 1.08
C GLY A 4 -15.04 13.08 0.83
N SER A 5 -14.79 12.33 1.89
CA SER A 5 -14.22 11.00 1.77
C SER A 5 -14.66 10.12 2.95
N SER A 6 -15.09 8.90 2.63
CA SER A 6 -15.54 7.97 3.66
C SER A 6 -14.36 7.44 4.47
N GLY A 7 -14.66 6.68 5.52
CA GLY A 7 -13.61 6.13 6.37
C GLY A 7 -12.80 5.07 5.66
N MET A 8 -13.49 4.16 4.97
CA MET A 8 -12.82 3.09 4.24
C MET A 8 -11.96 3.65 3.11
N LYS A 9 -12.52 4.59 2.35
CA LYS A 9 -11.81 5.20 1.24
C LYS A 9 -10.61 6.00 1.73
N ARG A 10 -10.78 6.69 2.85
CA ARG A 10 -9.69 7.49 3.42
C ARG A 10 -8.57 6.59 3.94
N LYS A 11 -8.95 5.54 4.66
CA LYS A 11 -7.97 4.61 5.21
C LYS A 11 -7.17 3.95 4.10
N GLU A 12 -7.87 3.46 3.07
CA GLU A 12 -7.22 2.80 1.95
C GLU A 12 -6.23 3.75 1.27
N SER A 13 -6.63 5.01 1.11
CA SER A 13 -5.79 6.01 0.46
C SER A 13 -4.50 6.21 1.25
N ALA A 14 -4.63 6.33 2.57
CA ALA A 14 -3.47 6.53 3.44
C ALA A 14 -2.59 5.28 3.46
N PHE A 15 -3.21 4.13 3.33
CA PHE A 15 -2.48 2.86 3.35
C PHE A 15 -1.49 2.79 2.18
N LYS A 16 -1.98 3.09 0.98
CA LYS A 16 -1.14 3.06 -0.21
C LYS A 16 -0.05 4.12 -0.13
N SER A 17 -0.42 5.33 0.26
CA SER A 17 0.54 6.42 0.38
C SER A 17 1.64 6.09 1.38
N MET A 18 1.25 5.39 2.46
CA MET A 18 2.19 5.00 3.50
C MET A 18 3.22 4.02 2.95
N LEU A 19 2.75 3.05 2.17
CA LEU A 19 3.62 2.03 1.58
C LEU A 19 4.68 2.67 0.71
N LYS A 20 4.26 3.63 -0.13
CA LYS A 20 5.18 4.32 -1.02
C LYS A 20 6.14 5.22 -0.23
N GLN A 21 5.67 5.73 0.89
CA GLN A 21 6.48 6.59 1.74
C GLN A 21 7.41 5.78 2.62
N ALA A 22 7.44 4.47 2.38
CA ALA A 22 8.29 3.57 3.17
C ALA A 22 9.73 3.61 2.67
N ALA A 23 10.64 3.06 3.46
CA ALA A 23 12.05 3.04 3.11
C ALA A 23 12.76 1.86 3.75
N PRO A 24 13.38 1.01 2.91
CA PRO A 24 13.40 1.20 1.45
C PRO A 24 12.03 0.97 0.83
N PRO A 25 11.88 1.32 -0.45
CA PRO A 25 10.63 1.16 -1.19
C PRO A 25 10.30 -0.30 -1.46
N ILE A 26 9.03 -0.65 -1.31
CA ILE A 26 8.58 -2.02 -1.54
C ILE A 26 9.16 -2.58 -2.83
N GLU A 27 10.14 -3.47 -2.71
CA GLU A 27 10.78 -4.07 -3.88
C GLU A 27 9.78 -4.93 -4.65
N LEU A 28 10.26 -5.55 -5.72
CA LEU A 28 9.41 -6.41 -6.54
C LEU A 28 9.31 -7.82 -5.96
N ASP A 29 10.27 -8.16 -5.10
CA ASP A 29 10.28 -9.47 -4.46
C ASP A 29 9.85 -9.38 -3.01
N ALA A 30 9.08 -8.34 -2.69
CA ALA A 30 8.60 -8.13 -1.33
C ALA A 30 7.28 -8.86 -1.09
N VAL A 31 7.13 -9.42 0.10
CA VAL A 31 5.91 -10.15 0.45
C VAL A 31 5.02 -9.32 1.38
N TRP A 32 3.72 -9.50 1.25
CA TRP A 32 2.76 -8.77 2.08
C TRP A 32 3.10 -8.91 3.56
N GLU A 33 3.36 -10.13 3.99
CA GLU A 33 3.71 -10.40 5.38
C GLU A 33 5.09 -9.83 5.72
N ASP A 34 5.90 -9.63 4.69
CA ASP A 34 7.25 -9.10 4.87
C ASP A 34 7.21 -7.57 4.98
N ILE A 35 6.12 -6.98 4.53
CA ILE A 35 5.96 -5.53 4.56
C ILE A 35 4.90 -5.12 5.59
N ARG A 36 4.03 -6.06 5.94
CA ARG A 36 2.97 -5.79 6.91
C ARG A 36 3.56 -5.49 8.28
N GLU A 37 4.56 -6.27 8.69
CA GLU A 37 5.20 -6.08 9.98
C GLU A 37 5.94 -4.75 10.03
N ARG A 38 6.26 -4.21 8.86
CA ARG A 38 6.98 -2.94 8.77
C ARG A 38 6.04 -1.77 9.08
N PHE A 39 4.77 -1.93 8.72
CA PHE A 39 3.78 -0.89 8.97
C PHE A 39 2.77 -1.34 10.02
N VAL A 40 2.85 -2.60 10.42
CA VAL A 40 1.95 -3.15 11.42
C VAL A 40 1.92 -2.28 12.67
N LYS A 41 3.00 -1.54 12.89
CA LYS A 41 3.11 -0.66 14.05
C LYS A 41 2.60 0.73 13.72
N GLU A 42 2.55 1.06 12.43
CA GLU A 42 2.08 2.36 11.99
C GLU A 42 0.57 2.51 12.22
N PRO A 43 0.11 3.76 12.35
CA PRO A 43 -1.30 4.06 12.57
C PRO A 43 -2.17 3.76 11.35
N ALA A 44 -1.64 4.07 10.17
CA ALA A 44 -2.35 3.83 8.93
C ALA A 44 -2.71 2.36 8.78
N PHE A 45 -1.84 1.48 9.24
CA PHE A 45 -2.06 0.04 9.16
C PHE A 45 -3.07 -0.40 10.21
N GLU A 46 -2.85 0.02 11.46
CA GLU A 46 -3.74 -0.35 12.55
C GLU A 46 -5.16 0.12 12.28
N ASP A 47 -5.30 1.11 11.40
CA ASP A 47 -6.61 1.65 11.05
C ASP A 47 -7.42 0.64 10.25
N ILE A 48 -6.73 -0.10 9.37
CA ILE A 48 -7.39 -1.10 8.54
C ILE A 48 -7.75 -2.33 9.36
N THR A 49 -9.00 -2.39 9.79
CA THR A 49 -9.48 -3.52 10.58
C THR A 49 -9.51 -4.80 9.75
N LEU A 50 -10.08 -4.71 8.55
CA LEU A 50 -10.17 -5.86 7.66
C LEU A 50 -8.78 -6.27 7.16
N GLU A 51 -8.37 -7.49 7.52
CA GLU A 51 -7.07 -8.00 7.11
C GLU A 51 -6.99 -8.14 5.59
N SER A 52 -8.08 -8.60 4.99
CA SER A 52 -8.14 -8.77 3.54
C SER A 52 -7.90 -7.45 2.83
N GLU A 53 -8.37 -6.36 3.43
CA GLU A 53 -8.22 -5.04 2.85
C GLU A 53 -6.74 -4.69 2.66
N ARG A 54 -5.94 -5.01 3.66
CA ARG A 54 -4.50 -4.73 3.61
C ARG A 54 -3.82 -5.62 2.57
N LYS A 55 -4.20 -6.88 2.53
CA LYS A 55 -3.62 -7.83 1.58
C LYS A 55 -3.98 -7.44 0.15
N ARG A 56 -5.25 -7.15 -0.08
CA ARG A 56 -5.72 -6.76 -1.40
C ARG A 56 -5.10 -5.44 -1.84
N ILE A 57 -5.06 -4.47 -0.92
CA ILE A 57 -4.48 -3.17 -1.21
C ILE A 57 -3.01 -3.29 -1.60
N PHE A 58 -2.29 -4.14 -0.88
CA PHE A 58 -0.87 -4.34 -1.14
C PHE A 58 -0.65 -4.89 -2.55
N LYS A 59 -1.46 -5.89 -2.92
CA LYS A 59 -1.35 -6.50 -4.23
C LYS A 59 -1.53 -5.47 -5.33
N ASP A 60 -2.53 -4.61 -5.17
CA ASP A 60 -2.81 -3.56 -6.15
C ASP A 60 -1.63 -2.59 -6.27
N PHE A 61 -1.02 -2.27 -5.13
CA PHE A 61 0.12 -1.35 -5.11
C PHE A 61 1.28 -1.91 -5.91
N MET A 62 1.55 -3.20 -5.72
CA MET A 62 2.65 -3.86 -6.43
C MET A 62 2.41 -3.85 -7.94
N HIS A 63 1.16 -4.07 -8.34
CA HIS A 63 0.80 -4.08 -9.75
C HIS A 63 1.12 -2.73 -10.40
N VAL A 64 0.74 -1.65 -9.72
CA VAL A 64 0.99 -0.31 -10.23
C VAL A 64 2.49 0.00 -10.27
N LEU A 65 3.21 -0.53 -9.30
CA LEU A 65 4.66 -0.31 -9.22
C LEU A 65 5.36 -0.84 -10.47
N GLU A 66 4.98 -2.04 -10.88
CA GLU A 66 5.57 -2.67 -12.05
C GLU A 66 5.19 -1.91 -13.32
N HIS A 67 3.92 -1.50 -13.40
CA HIS A 67 3.44 -0.77 -14.56
C HIS A 67 4.03 0.64 -14.60
N GLU A 68 4.25 1.21 -13.42
CA GLU A 68 4.81 2.56 -13.32
C GLU A 68 6.24 2.60 -13.86
N CYS A 69 7.02 1.59 -13.50
CA CYS A 69 8.41 1.50 -13.96
C CYS A 69 8.52 0.73 -15.26
N GLN A 70 7.43 0.74 -16.03
CA GLN A 70 7.40 0.03 -17.31
C GLN A 70 7.52 1.01 -18.47
N HIS A 71 8.45 1.94 -18.36
CA HIS A 71 8.68 2.94 -19.40
C HIS A 71 7.35 3.47 -19.93
N SER A 72 6.38 3.64 -19.03
CA SER A 72 5.06 4.14 -19.42
C SER A 72 4.20 4.40 -18.18
N GLY A 73 3.12 5.13 -18.37
CA GLY A 73 2.22 5.44 -17.26
C GLY A 73 1.15 4.38 -17.07
N PRO A 74 0.57 4.33 -15.87
CA PRO A 74 -0.48 3.37 -15.54
C PRO A 74 -1.79 3.64 -16.27
N SER A 75 -2.00 2.93 -17.38
CA SER A 75 -3.20 3.10 -18.18
C SER A 75 -4.22 2.00 -17.87
N SER A 76 -5.40 2.39 -17.42
CA SER A 76 -6.45 1.45 -17.09
C SER A 76 -7.61 1.54 -18.08
N GLY A 77 -8.59 0.66 -17.92
CA GLY A 77 -9.73 0.66 -18.82
C GLY A 77 -9.34 0.57 -20.28
N GLY A 1 -19.92 6.72 -8.68
CA GLY A 1 -19.44 7.32 -7.45
C GLY A 1 -20.51 7.41 -6.38
N SER A 2 -20.18 6.96 -5.18
CA SER A 2 -21.14 6.97 -4.07
C SER A 2 -20.67 7.93 -2.98
N SER A 3 -21.46 8.97 -2.74
CA SER A 3 -21.12 9.96 -1.72
C SER A 3 -21.78 9.61 -0.39
N GLY A 4 -21.04 8.86 0.44
CA GLY A 4 -21.57 8.46 1.73
C GLY A 4 -20.49 8.42 2.80
N SER A 5 -19.99 7.22 3.08
CA SER A 5 -18.95 7.06 4.09
C SER A 5 -17.57 6.98 3.45
N SER A 6 -16.75 7.99 3.72
CA SER A 6 -15.40 8.05 3.17
C SER A 6 -14.39 7.40 4.12
N GLY A 7 -14.76 6.24 4.66
CA GLY A 7 -13.89 5.54 5.58
C GLY A 7 -12.93 4.60 4.86
N MET A 8 -13.49 3.66 4.10
CA MET A 8 -12.68 2.70 3.37
C MET A 8 -11.84 3.39 2.30
N LYS A 9 -12.43 4.36 1.63
CA LYS A 9 -11.75 5.11 0.58
C LYS A 9 -10.60 5.94 1.18
N ARG A 10 -10.87 6.58 2.30
CA ARG A 10 -9.88 7.41 2.97
C ARG A 10 -8.77 6.54 3.57
N LYS A 11 -9.17 5.47 4.24
CA LYS A 11 -8.20 4.56 4.86
C LYS A 11 -7.35 3.87 3.81
N GLU A 12 -8.00 3.37 2.76
CA GLU A 12 -7.28 2.69 1.68
C GLU A 12 -6.26 3.60 1.04
N SER A 13 -6.66 4.84 0.78
CA SER A 13 -5.77 5.83 0.16
C SER A 13 -4.56 6.09 1.06
N ALA A 14 -4.81 6.27 2.35
CA ALA A 14 -3.74 6.53 3.30
C ALA A 14 -2.79 5.34 3.41
N PHE A 15 -3.33 4.14 3.23
CA PHE A 15 -2.53 2.92 3.30
C PHE A 15 -1.51 2.88 2.17
N LYS A 16 -1.97 3.13 0.94
CA LYS A 16 -1.09 3.11 -0.22
C LYS A 16 0.01 4.17 -0.10
N SER A 17 -0.37 5.35 0.38
CA SER A 17 0.58 6.45 0.55
C SER A 17 1.69 6.06 1.51
N MET A 18 1.32 5.44 2.62
CA MET A 18 2.28 5.01 3.62
C MET A 18 3.28 4.02 3.02
N LEU A 19 2.77 3.09 2.22
CA LEU A 19 3.63 2.08 1.59
C LEU A 19 4.68 2.75 0.71
N LYS A 20 4.28 3.80 -0.02
CA LYS A 20 5.18 4.52 -0.89
C LYS A 20 6.25 5.26 -0.09
N GLN A 21 5.87 5.71 1.10
CA GLN A 21 6.80 6.43 1.96
C GLN A 21 7.71 5.46 2.71
N ALA A 22 7.61 4.18 2.39
CA ALA A 22 8.43 3.16 3.02
C ALA A 22 9.84 3.12 2.43
N ALA A 23 10.79 2.65 3.21
CA ALA A 23 12.18 2.56 2.76
C ALA A 23 12.86 1.32 3.32
N PRO A 24 13.38 0.47 2.42
CA PRO A 24 13.30 0.70 0.98
C PRO A 24 11.88 0.55 0.44
N PRO A 25 11.68 0.94 -0.82
CA PRO A 25 10.37 0.86 -1.48
C PRO A 25 9.95 -0.58 -1.76
N ILE A 26 8.68 -0.88 -1.49
CA ILE A 26 8.15 -2.22 -1.70
C ILE A 26 8.72 -2.83 -2.98
N GLU A 27 9.63 -3.79 -2.81
CA GLU A 27 10.25 -4.46 -3.94
C GLU A 27 9.25 -5.36 -4.67
N LEU A 28 9.53 -5.66 -5.92
CA LEU A 28 8.66 -6.52 -6.72
C LEU A 28 8.59 -7.92 -6.14
N ASP A 29 9.67 -8.34 -5.48
CA ASP A 29 9.73 -9.66 -4.89
C ASP A 29 9.46 -9.59 -3.38
N ALA A 30 8.71 -8.58 -2.97
CA ALA A 30 8.38 -8.39 -1.56
C ALA A 30 7.09 -9.11 -1.20
N VAL A 31 6.92 -9.41 0.09
CA VAL A 31 5.73 -10.10 0.56
C VAL A 31 4.93 -9.23 1.51
N TRP A 32 3.60 -9.30 1.40
CA TRP A 32 2.73 -8.51 2.25
C TRP A 32 3.09 -8.68 3.72
N GLU A 33 3.16 -9.93 4.16
CA GLU A 33 3.49 -10.23 5.56
C GLU A 33 4.92 -9.80 5.87
N ASP A 34 5.74 -9.68 4.83
CA ASP A 34 7.13 -9.28 5.00
C ASP A 34 7.24 -7.76 5.16
N ILE A 35 6.22 -7.04 4.71
CA ILE A 35 6.20 -5.59 4.81
C ILE A 35 5.18 -5.12 5.83
N ARG A 36 4.23 -6.00 6.15
CA ARG A 36 3.18 -5.67 7.12
C ARG A 36 3.78 -5.44 8.51
N GLU A 37 4.67 -6.34 8.92
CA GLU A 37 5.30 -6.23 10.23
C GLU A 37 6.07 -4.93 10.36
N ARG A 38 6.48 -4.37 9.22
CA ARG A 38 7.23 -3.12 9.20
C ARG A 38 6.30 -1.93 9.46
N PHE A 39 5.05 -2.05 9.01
CA PHE A 39 4.07 -0.99 9.19
C PHE A 39 3.00 -1.40 10.20
N VAL A 40 3.19 -2.56 10.81
CA VAL A 40 2.24 -3.07 11.79
C VAL A 40 1.95 -2.04 12.87
N LYS A 41 2.80 -1.02 12.95
CA LYS A 41 2.64 0.04 13.93
C LYS A 41 2.07 1.29 13.29
N GLU A 42 2.50 1.58 12.06
CA GLU A 42 2.03 2.75 11.34
C GLU A 42 0.53 2.96 11.56
N PRO A 43 0.09 4.22 11.42
CA PRO A 43 -1.32 4.58 11.59
C PRO A 43 -2.20 4.04 10.47
N ALA A 44 -1.68 4.09 9.25
CA ALA A 44 -2.42 3.61 8.09
C ALA A 44 -2.73 2.12 8.22
N PHE A 45 -1.79 1.36 8.78
CA PHE A 45 -1.97 -0.07 8.96
C PHE A 45 -2.95 -0.36 10.10
N GLU A 46 -2.80 0.39 11.20
CA GLU A 46 -3.68 0.21 12.36
C GLU A 46 -5.12 0.57 12.02
N ASP A 47 -5.29 1.41 11.00
CA ASP A 47 -6.62 1.84 10.57
C ASP A 47 -7.38 0.67 9.93
N ILE A 48 -6.67 -0.10 9.11
CA ILE A 48 -7.29 -1.24 8.43
C ILE A 48 -7.34 -2.46 9.35
N THR A 49 -8.52 -2.71 9.91
CA THR A 49 -8.72 -3.85 10.81
C THR A 49 -8.81 -5.15 10.03
N LEU A 50 -9.46 -5.10 8.88
CA LEU A 50 -9.63 -6.29 8.03
C LEU A 50 -8.29 -6.69 7.40
N GLU A 51 -7.80 -7.86 7.75
CA GLU A 51 -6.55 -8.36 7.22
C GLU A 51 -6.60 -8.45 5.70
N SER A 52 -7.72 -8.91 5.17
CA SER A 52 -7.90 -9.04 3.73
C SER A 52 -7.76 -7.69 3.04
N GLU A 53 -8.23 -6.63 3.70
CA GLU A 53 -8.15 -5.29 3.15
C GLU A 53 -6.70 -4.89 2.90
N ARG A 54 -5.83 -5.24 3.84
CA ARG A 54 -4.41 -4.91 3.72
C ARG A 54 -3.75 -5.75 2.63
N LYS A 55 -4.20 -7.00 2.49
CA LYS A 55 -3.65 -7.90 1.49
C LYS A 55 -4.05 -7.46 0.08
N ARG A 56 -5.33 -7.15 -0.09
CA ARG A 56 -5.85 -6.72 -1.38
C ARG A 56 -5.16 -5.43 -1.84
N ILE A 57 -5.08 -4.46 -0.93
CA ILE A 57 -4.46 -3.18 -1.23
C ILE A 57 -2.99 -3.36 -1.61
N PHE A 58 -2.30 -4.24 -0.89
CA PHE A 58 -0.90 -4.51 -1.14
C PHE A 58 -0.69 -5.02 -2.57
N LYS A 59 -1.55 -5.94 -2.99
CA LYS A 59 -1.46 -6.51 -4.33
C LYS A 59 -1.62 -5.42 -5.39
N ASP A 60 -2.59 -4.54 -5.20
CA ASP A 60 -2.85 -3.46 -6.14
C ASP A 60 -1.68 -2.48 -6.16
N PHE A 61 -1.13 -2.21 -4.99
CA PHE A 61 0.00 -1.29 -4.86
C PHE A 61 1.21 -1.80 -5.65
N MET A 62 1.44 -3.10 -5.58
CA MET A 62 2.56 -3.71 -6.28
C MET A 62 2.35 -3.66 -7.79
N HIS A 63 1.11 -3.88 -8.22
CA HIS A 63 0.79 -3.86 -9.64
C HIS A 63 1.10 -2.50 -10.26
N VAL A 64 0.71 -1.44 -9.56
CA VAL A 64 0.96 -0.09 -10.03
C VAL A 64 2.43 0.30 -9.88
N LEU A 65 3.05 -0.19 -8.81
CA LEU A 65 4.46 0.09 -8.55
C LEU A 65 5.32 -0.28 -9.75
N GLU A 66 5.10 -1.48 -10.28
CA GLU A 66 5.86 -1.97 -11.43
C GLU A 66 5.41 -1.26 -12.71
N HIS A 67 4.10 -1.01 -12.81
CA HIS A 67 3.53 -0.34 -13.98
C HIS A 67 4.17 1.03 -14.18
N GLU A 68 4.36 1.76 -13.09
CA GLU A 68 4.95 3.09 -13.15
C GLU A 68 6.46 3.01 -13.32
N CYS A 69 7.08 2.12 -12.56
CA CYS A 69 8.53 1.93 -12.62
C CYS A 69 8.98 1.63 -14.04
N GLN A 70 8.32 0.65 -14.67
CA GLN A 70 8.66 0.26 -16.03
C GLN A 70 8.47 1.43 -16.99
N HIS A 71 9.51 1.72 -17.78
CA HIS A 71 9.48 2.81 -18.74
C HIS A 71 8.28 2.65 -19.69
N SER A 72 7.40 3.64 -19.69
CA SER A 72 6.22 3.60 -20.54
C SER A 72 5.67 5.02 -20.77
N GLY A 73 5.49 5.38 -22.04
CA GLY A 73 4.98 6.69 -22.37
C GLY A 73 6.09 7.71 -22.57
N PRO A 74 5.73 9.00 -22.49
CA PRO A 74 6.69 10.10 -22.67
C PRO A 74 7.67 10.20 -21.51
N SER A 75 8.96 10.30 -21.83
CA SER A 75 10.00 10.41 -20.82
C SER A 75 9.57 11.34 -19.70
N SER A 76 9.56 10.83 -18.47
CA SER A 76 9.16 11.61 -17.31
C SER A 76 10.32 12.49 -16.84
N GLY A 77 9.97 13.63 -16.23
CA GLY A 77 10.99 14.54 -15.75
C GLY A 77 10.63 15.15 -14.40
N GLY A 1 -21.95 18.55 5.75
CA GLY A 1 -21.67 19.92 5.33
C GLY A 1 -20.57 20.00 4.28
N SER A 2 -19.36 20.30 4.72
CA SER A 2 -18.23 20.40 3.80
C SER A 2 -17.78 19.04 3.34
N SER A 3 -17.33 18.21 4.28
CA SER A 3 -16.87 16.86 3.95
C SER A 3 -18.01 15.86 4.03
N GLY A 4 -17.87 14.76 3.30
CA GLY A 4 -18.90 13.74 3.29
C GLY A 4 -18.53 12.53 4.13
N SER A 5 -18.87 11.34 3.65
CA SER A 5 -18.57 10.11 4.36
C SER A 5 -17.27 9.49 3.87
N SER A 6 -16.16 9.91 4.46
CA SER A 6 -14.85 9.41 4.06
C SER A 6 -14.25 8.54 5.18
N GLY A 7 -14.36 7.23 5.02
CA GLY A 7 -13.84 6.31 6.01
C GLY A 7 -12.97 5.23 5.39
N MET A 8 -13.60 4.28 4.70
CA MET A 8 -12.87 3.19 4.07
C MET A 8 -11.99 3.70 2.95
N LYS A 9 -12.46 4.74 2.25
CA LYS A 9 -11.70 5.33 1.16
C LYS A 9 -10.48 6.07 1.66
N ARG A 10 -10.62 6.69 2.84
CA ARG A 10 -9.51 7.43 3.44
C ARG A 10 -8.46 6.48 4.01
N LYS A 11 -8.92 5.38 4.58
CA LYS A 11 -8.02 4.38 5.16
C LYS A 11 -7.20 3.70 4.07
N GLU A 12 -7.87 3.29 3.00
CA GLU A 12 -7.20 2.62 1.89
C GLU A 12 -6.19 3.54 1.23
N SER A 13 -6.60 4.79 0.99
CA SER A 13 -5.72 5.76 0.36
C SER A 13 -4.49 6.03 1.21
N ALA A 14 -4.71 6.19 2.51
CA ALA A 14 -3.62 6.45 3.44
C ALA A 14 -2.64 5.27 3.50
N PHE A 15 -3.18 4.07 3.35
CA PHE A 15 -2.37 2.86 3.38
C PHE A 15 -1.40 2.83 2.20
N LYS A 16 -1.93 3.06 1.00
CA LYS A 16 -1.13 3.05 -0.21
C LYS A 16 -0.04 4.13 -0.15
N SER A 17 -0.42 5.33 0.31
CA SER A 17 0.53 6.43 0.41
C SER A 17 1.67 6.08 1.36
N MET A 18 1.33 5.40 2.45
CA MET A 18 2.32 4.99 3.44
C MET A 18 3.36 4.05 2.82
N LEU A 19 2.88 3.09 2.05
CA LEU A 19 3.75 2.12 1.41
C LEU A 19 4.69 2.81 0.41
N LYS A 20 4.14 3.74 -0.36
CA LYS A 20 4.92 4.47 -1.35
C LYS A 20 6.02 5.29 -0.68
N GLN A 21 5.72 5.82 0.50
CA GLN A 21 6.68 6.63 1.26
C GLN A 21 7.50 5.75 2.20
N ALA A 22 7.34 4.43 2.06
CA ALA A 22 8.07 3.49 2.90
C ALA A 22 9.53 3.39 2.49
N ALA A 23 10.38 2.98 3.42
CA ALA A 23 11.81 2.84 3.15
C ALA A 23 12.40 1.64 3.89
N PRO A 24 13.03 0.74 3.13
CA PRO A 24 13.16 0.87 1.67
C PRO A 24 11.83 0.69 0.95
N PRO A 25 11.82 1.00 -0.36
CA PRO A 25 10.62 0.88 -1.19
C PRO A 25 10.23 -0.58 -1.43
N ILE A 26 8.94 -0.87 -1.27
CA ILE A 26 8.44 -2.23 -1.47
C ILE A 26 8.92 -2.80 -2.81
N GLU A 27 9.90 -3.69 -2.75
CA GLU A 27 10.45 -4.31 -3.94
C GLU A 27 9.42 -5.21 -4.61
N LEU A 28 9.71 -5.63 -5.84
CA LEU A 28 8.81 -6.49 -6.59
C LEU A 28 8.74 -7.89 -5.98
N ASP A 29 9.85 -8.30 -5.36
CA ASP A 29 9.92 -9.62 -4.73
C ASP A 29 9.67 -9.51 -3.23
N ALA A 30 8.88 -8.51 -2.84
CA ALA A 30 8.56 -8.30 -1.44
C ALA A 30 7.26 -9.02 -1.06
N VAL A 31 7.19 -9.49 0.18
CA VAL A 31 6.00 -10.20 0.66
C VAL A 31 5.16 -9.29 1.55
N TRP A 32 3.84 -9.38 1.41
CA TRP A 32 2.93 -8.57 2.20
C TRP A 32 3.25 -8.68 3.68
N GLU A 33 3.33 -9.92 4.19
CA GLU A 33 3.62 -10.15 5.59
C GLU A 33 5.05 -9.73 5.92
N ASP A 34 5.91 -9.69 4.90
CA ASP A 34 7.30 -9.30 5.08
C ASP A 34 7.43 -7.79 5.20
N ILE A 35 6.41 -7.07 4.73
CA ILE A 35 6.40 -5.62 4.79
C ILE A 35 5.33 -5.11 5.74
N ARG A 36 4.38 -5.97 6.06
CA ARG A 36 3.29 -5.61 6.97
C ARG A 36 3.83 -5.28 8.36
N GLU A 37 4.63 -6.18 8.90
CA GLU A 37 5.21 -5.99 10.23
C GLU A 37 5.96 -4.66 10.31
N ARG A 38 6.37 -4.14 9.15
CA ARG A 38 7.09 -2.88 9.09
C ARG A 38 6.16 -1.71 9.34
N PHE A 39 4.91 -1.83 8.88
CA PHE A 39 3.92 -0.78 9.05
C PHE A 39 2.85 -1.20 10.07
N VAL A 40 2.94 -2.44 10.53
CA VAL A 40 1.99 -2.96 11.51
C VAL A 40 1.95 -2.08 12.75
N LYS A 41 3.02 -1.33 12.98
CA LYS A 41 3.10 -0.45 14.15
C LYS A 41 2.57 0.93 13.80
N GLU A 42 2.52 1.25 12.51
CA GLU A 42 2.02 2.55 12.06
C GLU A 42 0.51 2.64 12.24
N PRO A 43 0.00 3.87 12.39
CA PRO A 43 -1.43 4.13 12.57
C PRO A 43 -2.23 3.86 11.30
N ALA A 44 -1.66 4.21 10.16
CA ALA A 44 -2.32 4.00 8.87
C ALA A 44 -2.69 2.54 8.68
N PHE A 45 -1.79 1.65 9.10
CA PHE A 45 -2.03 0.21 8.96
C PHE A 45 -3.02 -0.28 10.02
N GLU A 46 -2.83 0.18 11.25
CA GLU A 46 -3.70 -0.21 12.35
C GLU A 46 -5.15 0.20 12.07
N ASP A 47 -5.32 1.18 11.19
CA ASP A 47 -6.65 1.67 10.84
C ASP A 47 -7.43 0.60 10.08
N ILE A 48 -6.72 -0.19 9.28
CA ILE A 48 -7.35 -1.26 8.51
C ILE A 48 -7.58 -2.50 9.36
N THR A 49 -8.79 -2.65 9.90
CA THR A 49 -9.12 -3.79 10.73
C THR A 49 -9.14 -5.08 9.91
N LEU A 50 -9.81 -5.03 8.76
CA LEU A 50 -9.91 -6.18 7.89
C LEU A 50 -8.56 -6.53 7.29
N GLU A 51 -8.08 -7.73 7.59
CA GLU A 51 -6.79 -8.19 7.07
C GLU A 51 -6.82 -8.29 5.54
N SER A 52 -7.94 -8.75 5.01
CA SER A 52 -8.09 -8.90 3.56
C SER A 52 -7.94 -7.55 2.87
N GLU A 53 -8.40 -6.49 3.52
CA GLU A 53 -8.31 -5.14 2.97
C GLU A 53 -6.87 -4.76 2.71
N ARG A 54 -5.98 -5.09 3.65
CA ARG A 54 -4.57 -4.78 3.53
C ARG A 54 -3.93 -5.60 2.43
N LYS A 55 -4.29 -6.88 2.36
CA LYS A 55 -3.74 -7.78 1.35
C LYS A 55 -4.13 -7.33 -0.06
N ARG A 56 -5.42 -7.00 -0.23
CA ARG A 56 -5.92 -6.55 -1.52
C ARG A 56 -5.20 -5.28 -1.97
N ILE A 57 -5.07 -4.33 -1.05
CA ILE A 57 -4.40 -3.07 -1.36
C ILE A 57 -2.95 -3.30 -1.77
N PHE A 58 -2.28 -4.20 -1.05
CA PHE A 58 -0.88 -4.52 -1.34
C PHE A 58 -0.72 -5.03 -2.77
N LYS A 59 -1.63 -5.91 -3.18
CA LYS A 59 -1.59 -6.49 -4.51
C LYS A 59 -1.72 -5.40 -5.58
N ASP A 60 -2.67 -4.49 -5.37
CA ASP A 60 -2.90 -3.39 -6.31
C ASP A 60 -1.69 -2.48 -6.38
N PHE A 61 -1.10 -2.19 -5.22
CA PHE A 61 0.06 -1.32 -5.15
C PHE A 61 1.22 -1.90 -5.94
N MET A 62 1.41 -3.21 -5.83
CA MET A 62 2.48 -3.90 -6.55
C MET A 62 2.27 -3.84 -8.05
N HIS A 63 1.01 -4.01 -8.47
CA HIS A 63 0.67 -3.97 -9.89
C HIS A 63 1.06 -2.63 -10.51
N VAL A 64 0.72 -1.54 -9.82
CA VAL A 64 1.04 -0.21 -10.29
C VAL A 64 2.53 0.09 -10.18
N LEU A 65 3.14 -0.44 -9.12
CA LEU A 65 4.57 -0.22 -8.89
C LEU A 65 5.38 -0.65 -10.11
N GLU A 66 5.07 -1.82 -10.65
CA GLU A 66 5.77 -2.34 -11.81
C GLU A 66 5.37 -1.57 -13.07
N HIS A 67 4.08 -1.30 -13.21
CA HIS A 67 3.56 -0.58 -14.36
C HIS A 67 4.15 0.83 -14.43
N GLU A 68 4.40 1.42 -13.27
CA GLU A 68 4.96 2.76 -13.20
C GLU A 68 6.44 2.75 -13.56
N CYS A 69 7.17 1.80 -13.00
CA CYS A 69 8.60 1.68 -13.26
C CYS A 69 8.85 1.16 -14.67
N GLN A 70 8.38 -0.05 -14.95
CA GLN A 70 8.55 -0.65 -16.27
C GLN A 70 9.93 -0.31 -16.84
N HIS A 71 10.96 -0.54 -16.05
CA HIS A 71 12.34 -0.26 -16.47
C HIS A 71 13.19 -1.52 -16.41
N SER A 72 13.27 -2.12 -15.22
CA SER A 72 14.06 -3.32 -15.03
C SER A 72 13.72 -4.37 -16.08
N GLY A 73 14.74 -5.11 -16.54
CA GLY A 73 14.52 -6.13 -17.54
C GLY A 73 13.83 -7.36 -16.98
N PRO A 74 14.47 -8.01 -16.00
CA PRO A 74 13.92 -9.21 -15.36
C PRO A 74 12.71 -8.90 -14.50
N SER A 75 11.56 -9.44 -14.89
CA SER A 75 10.32 -9.22 -14.15
C SER A 75 9.76 -10.54 -13.64
N SER A 76 9.74 -11.54 -14.50
CA SER A 76 9.22 -12.86 -14.13
C SER A 76 10.23 -13.63 -13.27
N GLY A 77 9.91 -13.75 -11.98
CA GLY A 77 10.80 -14.46 -11.07
C GLY A 77 11.32 -15.75 -11.66
N GLY A 1 -12.62 11.63 20.37
CA GLY A 1 -11.53 12.40 19.80
C GLY A 1 -10.86 11.69 18.63
N SER A 2 -10.45 10.45 18.86
CA SER A 2 -9.78 9.67 17.82
C SER A 2 -10.69 9.52 16.60
N SER A 3 -11.95 9.18 16.85
CA SER A 3 -12.91 8.98 15.77
C SER A 3 -13.52 10.33 15.34
N GLY A 4 -13.29 10.70 14.09
CA GLY A 4 -13.81 11.94 13.57
C GLY A 4 -14.22 11.86 12.12
N SER A 5 -13.24 11.58 11.25
CA SER A 5 -13.50 11.47 9.82
C SER A 5 -13.27 10.04 9.33
N SER A 6 -14.34 9.25 9.34
CA SER A 6 -14.26 7.86 8.91
C SER A 6 -14.39 7.76 7.38
N GLY A 7 -14.09 6.58 6.85
CA GLY A 7 -14.17 6.38 5.41
C GLY A 7 -13.10 5.43 4.90
N MET A 8 -13.53 4.35 4.25
CA MET A 8 -12.60 3.37 3.71
C MET A 8 -11.69 4.01 2.66
N LYS A 9 -12.15 5.11 2.07
CA LYS A 9 -11.38 5.81 1.05
C LYS A 9 -10.14 6.45 1.66
N ARG A 10 -10.29 7.05 2.83
CA ARG A 10 -9.18 7.70 3.51
C ARG A 10 -8.21 6.66 4.08
N LYS A 11 -8.76 5.59 4.63
CA LYS A 11 -7.95 4.53 5.21
C LYS A 11 -7.17 3.79 4.12
N GLU A 12 -7.85 3.48 3.02
CA GLU A 12 -7.22 2.78 1.91
C GLU A 12 -6.16 3.66 1.23
N SER A 13 -6.52 4.92 0.99
CA SER A 13 -5.61 5.86 0.34
C SER A 13 -4.37 6.08 1.19
N ALA A 14 -4.57 6.20 2.50
CA ALA A 14 -3.45 6.41 3.42
C ALA A 14 -2.52 5.20 3.44
N PHE A 15 -3.11 4.01 3.35
CA PHE A 15 -2.33 2.77 3.37
C PHE A 15 -1.37 2.72 2.18
N LYS A 16 -1.90 2.99 1.00
CA LYS A 16 -1.09 2.98 -0.22
C LYS A 16 0.00 4.03 -0.17
N SER A 17 -0.38 5.25 0.22
CA SER A 17 0.58 6.34 0.32
C SER A 17 1.67 6.03 1.34
N MET A 18 1.29 5.38 2.43
CA MET A 18 2.24 5.01 3.47
C MET A 18 3.30 4.06 2.94
N LEU A 19 2.86 3.08 2.15
CA LEU A 19 3.77 2.10 1.57
C LEU A 19 4.77 2.77 0.63
N LYS A 20 4.29 3.71 -0.16
CA LYS A 20 5.13 4.43 -1.10
C LYS A 20 6.12 5.33 -0.37
N GLN A 21 5.72 5.80 0.82
CA GLN A 21 6.58 6.67 1.62
C GLN A 21 7.59 5.85 2.42
N ALA A 22 7.44 4.53 2.38
CA ALA A 22 8.34 3.63 3.11
C ALA A 22 9.74 3.66 2.50
N ALA A 23 10.70 3.11 3.23
CA ALA A 23 12.08 3.08 2.77
C ALA A 23 12.83 1.91 3.40
N PRO A 24 13.41 1.04 2.55
CA PRO A 24 13.32 1.18 1.09
C PRO A 24 11.91 0.92 0.57
N PRO A 25 11.68 1.22 -0.71
CA PRO A 25 10.38 1.03 -1.36
C PRO A 25 10.04 -0.44 -1.55
N ILE A 26 8.77 -0.78 -1.37
CA ILE A 26 8.32 -2.16 -1.52
C ILE A 26 8.84 -2.77 -2.81
N GLU A 27 9.83 -3.66 -2.68
CA GLU A 27 10.42 -4.31 -3.85
C GLU A 27 9.39 -5.20 -4.55
N LEU A 28 9.70 -5.59 -5.78
CA LEU A 28 8.81 -6.44 -6.56
C LEU A 28 8.74 -7.84 -5.98
N ASP A 29 9.82 -8.27 -5.34
CA ASP A 29 9.89 -9.59 -4.74
C ASP A 29 9.62 -9.51 -3.23
N ALA A 30 8.83 -8.53 -2.82
CA ALA A 30 8.50 -8.34 -1.42
C ALA A 30 7.18 -9.04 -1.07
N VAL A 31 7.10 -9.55 0.16
CA VAL A 31 5.90 -10.25 0.61
C VAL A 31 5.07 -9.36 1.52
N TRP A 32 3.75 -9.48 1.42
CA TRP A 32 2.84 -8.68 2.24
C TRP A 32 3.20 -8.79 3.72
N GLU A 33 3.31 -10.02 4.21
CA GLU A 33 3.66 -10.25 5.60
C GLU A 33 5.09 -9.82 5.89
N ASP A 34 5.90 -9.76 4.84
CA ASP A 34 7.30 -9.36 4.98
C ASP A 34 7.42 -7.84 5.03
N ILE A 35 6.37 -7.15 4.62
CA ILE A 35 6.37 -5.69 4.62
C ILE A 35 5.34 -5.14 5.60
N ARG A 36 4.38 -5.98 5.97
CA ARG A 36 3.34 -5.58 6.90
C ARG A 36 3.93 -5.22 8.26
N GLU A 37 4.86 -6.03 8.73
CA GLU A 37 5.50 -5.79 10.02
C GLU A 37 6.11 -4.39 10.08
N ARG A 38 6.42 -3.85 8.91
CA ARG A 38 7.00 -2.51 8.82
C ARG A 38 5.96 -1.44 9.14
N PHE A 39 4.72 -1.70 8.76
CA PHE A 39 3.64 -0.76 8.99
C PHE A 39 2.69 -1.27 10.07
N VAL A 40 2.93 -2.50 10.53
CA VAL A 40 2.11 -3.12 11.55
C VAL A 40 2.04 -2.23 12.80
N LYS A 41 2.99 -1.32 12.92
CA LYS A 41 3.03 -0.42 14.08
C LYS A 41 2.50 0.96 13.69
N GLU A 42 2.27 1.16 12.41
CA GLU A 42 1.75 2.45 11.91
C GLU A 42 0.24 2.52 12.07
N PRO A 43 -0.27 3.75 12.22
CA PRO A 43 -1.71 3.99 12.39
C PRO A 43 -2.50 3.70 11.11
N ALA A 44 -1.92 4.06 9.97
CA ALA A 44 -2.57 3.84 8.68
C ALA A 44 -2.89 2.36 8.47
N PHE A 45 -1.93 1.50 8.81
CA PHE A 45 -2.11 0.06 8.66
C PHE A 45 -2.99 -0.50 9.76
N GLU A 46 -2.88 0.08 10.95
CA GLU A 46 -3.67 -0.36 12.10
C GLU A 46 -5.13 0.02 11.93
N ASP A 47 -5.38 1.01 11.08
CA ASP A 47 -6.74 1.48 10.82
C ASP A 47 -7.55 0.41 10.12
N ILE A 48 -6.90 -0.34 9.25
CA ILE A 48 -7.57 -1.41 8.50
C ILE A 48 -7.83 -2.62 9.39
N THR A 49 -9.05 -2.72 9.90
CA THR A 49 -9.43 -3.84 10.76
C THR A 49 -9.36 -5.17 10.02
N LEU A 50 -9.96 -5.19 8.84
CA LEU A 50 -9.96 -6.40 8.01
C LEU A 50 -8.59 -6.65 7.40
N GLU A 51 -8.00 -7.79 7.74
CA GLU A 51 -6.68 -8.16 7.23
C GLU A 51 -6.72 -8.29 5.70
N SER A 52 -7.84 -8.78 5.19
CA SER A 52 -8.01 -8.97 3.75
C SER A 52 -7.90 -7.63 3.01
N GLU A 53 -8.40 -6.58 3.64
CA GLU A 53 -8.37 -5.24 3.05
C GLU A 53 -6.93 -4.81 2.79
N ARG A 54 -6.04 -5.12 3.72
CA ARG A 54 -4.63 -4.75 3.60
C ARG A 54 -3.95 -5.59 2.53
N LYS A 55 -4.31 -6.88 2.48
CA LYS A 55 -3.72 -7.80 1.50
C LYS A 55 -4.11 -7.39 0.08
N ARG A 56 -5.38 -7.08 -0.12
CA ARG A 56 -5.87 -6.68 -1.44
C ARG A 56 -5.20 -5.39 -1.90
N ILE A 57 -5.13 -4.41 -0.99
CA ILE A 57 -4.51 -3.13 -1.31
C ILE A 57 -3.04 -3.30 -1.68
N PHE A 58 -2.35 -4.17 -0.94
CA PHE A 58 -0.93 -4.43 -1.19
C PHE A 58 -0.72 -4.96 -2.61
N LYS A 59 -1.57 -5.90 -3.02
CA LYS A 59 -1.47 -6.48 -4.36
C LYS A 59 -1.63 -5.41 -5.42
N ASP A 60 -2.62 -4.55 -5.25
CA ASP A 60 -2.88 -3.48 -6.21
C ASP A 60 -1.69 -2.52 -6.30
N PHE A 61 -1.11 -2.19 -5.14
CA PHE A 61 0.03 -1.29 -5.10
C PHE A 61 1.21 -1.88 -5.86
N MET A 62 1.38 -3.19 -5.77
CA MET A 62 2.48 -3.88 -6.45
C MET A 62 2.30 -3.79 -7.97
N HIS A 63 1.06 -3.98 -8.42
CA HIS A 63 0.76 -3.92 -9.85
C HIS A 63 1.12 -2.57 -10.43
N VAL A 64 0.74 -1.51 -9.72
CA VAL A 64 1.03 -0.14 -10.17
C VAL A 64 2.53 0.15 -10.14
N LEU A 65 3.21 -0.43 -9.16
CA LEU A 65 4.65 -0.24 -9.01
C LEU A 65 5.39 -0.74 -10.24
N GLU A 66 5.02 -1.93 -10.71
CA GLU A 66 5.65 -2.52 -11.89
C GLU A 66 5.33 -1.71 -13.14
N HIS A 67 4.07 -1.29 -13.27
CA HIS A 67 3.64 -0.51 -14.42
C HIS A 67 4.24 0.89 -14.38
N GLU A 68 4.41 1.42 -13.17
CA GLU A 68 4.97 2.76 -13.00
C GLU A 68 6.48 2.74 -13.22
N CYS A 69 7.13 1.70 -12.73
CA CYS A 69 8.58 1.58 -12.88
C CYS A 69 8.93 0.51 -13.91
N GLN A 70 8.20 0.50 -15.01
CA GLN A 70 8.43 -0.47 -16.08
C GLN A 70 9.68 -0.12 -16.87
N HIS A 71 10.57 -1.11 -17.02
CA HIS A 71 11.81 -0.90 -17.75
C HIS A 71 12.63 0.24 -17.15
N SER A 72 12.54 0.38 -15.83
CA SER A 72 13.26 1.44 -15.12
C SER A 72 13.96 0.88 -13.89
N GLY A 73 15.05 1.54 -13.48
CA GLY A 73 15.79 1.09 -12.31
C GLY A 73 15.50 1.94 -11.08
N PRO A 74 15.01 1.29 -10.02
CA PRO A 74 14.68 1.97 -8.76
C PRO A 74 15.92 2.47 -8.03
N SER A 75 15.71 3.27 -6.99
CA SER A 75 16.82 3.81 -6.21
C SER A 75 16.35 4.23 -4.81
N SER A 76 17.09 3.80 -3.79
CA SER A 76 16.75 4.13 -2.41
C SER A 76 17.98 4.09 -1.53
N GLY A 77 18.18 5.16 -0.76
CA GLY A 77 19.32 5.23 0.13
C GLY A 77 19.66 6.66 0.52
N GLY A 1 -9.90 22.61 12.90
CA GLY A 1 -11.12 21.93 12.48
C GLY A 1 -11.42 20.72 13.34
N SER A 2 -10.57 19.70 13.25
CA SER A 2 -10.76 18.48 14.03
C SER A 2 -12.12 17.86 13.74
N SER A 3 -12.50 17.84 12.46
CA SER A 3 -13.79 17.28 12.06
C SER A 3 -13.68 16.62 10.69
N GLY A 4 -14.45 15.55 10.49
CA GLY A 4 -14.44 14.85 9.21
C GLY A 4 -14.05 13.39 9.36
N SER A 5 -14.91 12.62 10.02
CA SER A 5 -14.64 11.20 10.23
C SER A 5 -14.23 10.52 8.93
N SER A 6 -13.07 9.88 8.95
CA SER A 6 -12.56 9.20 7.77
C SER A 6 -13.29 7.87 7.55
N GLY A 7 -13.30 7.40 6.30
CA GLY A 7 -13.96 6.16 5.99
C GLY A 7 -13.01 5.14 5.38
N MET A 8 -13.59 4.09 4.78
CA MET A 8 -12.78 3.04 4.17
C MET A 8 -11.98 3.59 2.99
N LYS A 9 -12.58 4.52 2.26
CA LYS A 9 -11.92 5.13 1.11
C LYS A 9 -10.69 5.91 1.54
N ARG A 10 -10.82 6.67 2.62
CA ARG A 10 -9.72 7.47 3.14
C ARG A 10 -8.61 6.57 3.69
N LYS A 11 -9.00 5.47 4.30
CA LYS A 11 -8.04 4.52 4.87
C LYS A 11 -7.25 3.82 3.77
N GLU A 12 -7.96 3.34 2.75
CA GLU A 12 -7.32 2.65 1.63
C GLU A 12 -6.30 3.56 0.95
N SER A 13 -6.70 4.79 0.65
CA SER A 13 -5.82 5.75 0.00
C SER A 13 -4.60 6.04 0.88
N ALA A 14 -4.84 6.25 2.17
CA ALA A 14 -3.77 6.55 3.12
C ALA A 14 -2.82 5.37 3.24
N PHE A 15 -3.36 4.15 3.11
CA PHE A 15 -2.54 2.95 3.22
C PHE A 15 -1.54 2.86 2.07
N LYS A 16 -2.03 3.06 0.85
CA LYS A 16 -1.18 3.01 -0.33
C LYS A 16 -0.07 4.05 -0.26
N SER A 17 -0.44 5.27 0.15
CA SER A 17 0.53 6.35 0.26
C SER A 17 1.63 5.99 1.25
N MET A 18 1.25 5.43 2.39
CA MET A 18 2.20 5.05 3.43
C MET A 18 3.20 4.03 2.88
N LEU A 19 2.70 3.05 2.14
CA LEU A 19 3.54 2.01 1.55
C LEU A 19 4.57 2.62 0.60
N LYS A 20 4.14 3.65 -0.12
CA LYS A 20 5.02 4.32 -1.07
C LYS A 20 6.16 5.05 -0.35
N GLN A 21 5.85 5.60 0.81
CA GLN A 21 6.84 6.33 1.60
C GLN A 21 7.71 5.36 2.39
N ALA A 22 7.43 4.06 2.26
CA ALA A 22 8.19 3.04 2.96
C ALA A 22 9.63 2.99 2.47
N ALA A 23 10.53 2.54 3.33
CA ALA A 23 11.94 2.44 2.98
C ALA A 23 12.57 1.19 3.59
N PRO A 24 13.17 0.35 2.74
CA PRO A 24 13.23 0.60 1.29
C PRO A 24 11.87 0.45 0.62
N PRO A 25 11.79 0.86 -0.64
CA PRO A 25 10.54 0.79 -1.42
C PRO A 25 10.15 -0.64 -1.75
N ILE A 26 8.90 -0.99 -1.46
CA ILE A 26 8.39 -2.33 -1.73
C ILE A 26 8.95 -2.87 -3.05
N GLU A 27 9.90 -3.79 -2.96
CA GLU A 27 10.50 -4.39 -4.14
C GLU A 27 9.47 -5.16 -4.95
N LEU A 28 9.92 -5.82 -6.01
CA LEU A 28 9.04 -6.60 -6.87
C LEU A 28 8.80 -7.99 -6.30
N ASP A 29 9.69 -8.41 -5.40
CA ASP A 29 9.59 -9.73 -4.78
C ASP A 29 9.29 -9.60 -3.28
N ALA A 30 8.65 -8.50 -2.91
CA ALA A 30 8.31 -8.25 -1.51
C ALA A 30 6.99 -8.92 -1.14
N VAL A 31 6.90 -9.42 0.09
CA VAL A 31 5.69 -10.07 0.56
C VAL A 31 4.89 -9.16 1.49
N TRP A 32 3.57 -9.19 1.36
CA TRP A 32 2.70 -8.36 2.18
C TRP A 32 3.04 -8.52 3.67
N GLU A 33 3.08 -9.77 4.13
CA GLU A 33 3.38 -10.06 5.53
C GLU A 33 4.81 -9.66 5.86
N ASP A 34 5.66 -9.61 4.83
CA ASP A 34 7.06 -9.23 5.02
C ASP A 34 7.20 -7.73 5.22
N ILE A 35 6.23 -6.97 4.72
CA ILE A 35 6.25 -5.52 4.85
C ILE A 35 5.20 -5.06 5.86
N ARG A 36 4.24 -5.92 6.15
CA ARG A 36 3.17 -5.59 7.10
C ARG A 36 3.74 -5.37 8.49
N GLU A 37 4.78 -6.13 8.84
CA GLU A 37 5.42 -6.01 10.14
C GLU A 37 6.06 -4.63 10.32
N ARG A 38 6.34 -3.98 9.21
CA ARG A 38 6.95 -2.66 9.24
C ARG A 38 5.93 -1.59 9.60
N PHE A 39 4.67 -1.83 9.25
CA PHE A 39 3.59 -0.90 9.55
C PHE A 39 2.70 -1.43 10.66
N VAL A 40 2.92 -2.68 11.05
CA VAL A 40 2.14 -3.32 12.10
C VAL A 40 1.75 -2.30 13.18
N LYS A 41 2.64 -1.34 13.43
CA LYS A 41 2.40 -0.31 14.43
C LYS A 41 1.82 0.95 13.79
N GLU A 42 2.36 1.31 12.62
CA GLU A 42 1.89 2.49 11.91
C GLU A 42 0.38 2.66 12.07
N PRO A 43 -0.07 3.93 12.06
CA PRO A 43 -1.50 4.26 12.20
C PRO A 43 -2.30 3.87 10.97
N ALA A 44 -1.71 4.07 9.79
CA ALA A 44 -2.36 3.74 8.54
C ALA A 44 -2.71 2.25 8.47
N PHE A 45 -1.78 1.42 8.93
CA PHE A 45 -1.99 -0.03 8.92
C PHE A 45 -2.99 -0.44 9.98
N GLU A 46 -2.88 0.16 11.17
CA GLU A 46 -3.78 -0.15 12.27
C GLU A 46 -5.22 0.23 11.92
N ASP A 47 -5.37 1.18 11.00
CA ASP A 47 -6.69 1.62 10.57
C ASP A 47 -7.44 0.52 9.84
N ILE A 48 -6.69 -0.30 9.10
CA ILE A 48 -7.29 -1.40 8.35
C ILE A 48 -7.37 -2.66 9.20
N THR A 49 -8.29 -2.67 10.16
CA THR A 49 -8.46 -3.81 11.04
C THR A 49 -8.53 -5.11 10.25
N LEU A 50 -9.21 -5.06 9.11
CA LEU A 50 -9.34 -6.25 8.26
C LEU A 50 -8.04 -6.54 7.52
N GLU A 51 -7.31 -7.54 7.98
CA GLU A 51 -6.05 -7.92 7.35
C GLU A 51 -6.22 -8.11 5.85
N SER A 52 -7.38 -8.63 5.46
CA SER A 52 -7.67 -8.87 4.05
C SER A 52 -7.60 -7.58 3.25
N GLU A 53 -8.11 -6.50 3.84
CA GLU A 53 -8.10 -5.19 3.18
C GLU A 53 -6.68 -4.75 2.85
N ARG A 54 -5.75 -5.05 3.75
CA ARG A 54 -4.35 -4.68 3.56
C ARG A 54 -3.71 -5.53 2.48
N LYS A 55 -4.11 -6.80 2.41
CA LYS A 55 -3.58 -7.72 1.41
C LYS A 55 -4.00 -7.30 0.01
N ARG A 56 -5.27 -6.95 -0.15
CA ARG A 56 -5.79 -6.54 -1.45
C ARG A 56 -5.11 -5.25 -1.92
N ILE A 57 -5.04 -4.27 -1.02
CA ILE A 57 -4.41 -3.00 -1.33
C ILE A 57 -2.95 -3.17 -1.71
N PHE A 58 -2.26 -4.04 -0.99
CA PHE A 58 -0.84 -4.31 -1.26
C PHE A 58 -0.65 -4.83 -2.68
N LYS A 59 -1.52 -5.76 -3.08
CA LYS A 59 -1.44 -6.34 -4.41
C LYS A 59 -1.62 -5.28 -5.49
N ASP A 60 -2.60 -4.41 -5.30
CA ASP A 60 -2.85 -3.33 -6.25
C ASP A 60 -1.67 -2.38 -6.34
N PHE A 61 -1.10 -2.05 -5.18
CA PHE A 61 0.05 -1.14 -5.13
C PHE A 61 1.23 -1.71 -5.90
N MET A 62 1.45 -3.02 -5.76
CA MET A 62 2.55 -3.69 -6.43
C MET A 62 2.35 -3.66 -7.94
N HIS A 63 1.12 -3.88 -8.38
CA HIS A 63 0.79 -3.88 -9.80
C HIS A 63 1.14 -2.54 -10.44
N VAL A 64 0.76 -1.46 -9.78
CA VAL A 64 1.03 -0.12 -10.27
C VAL A 64 2.51 0.24 -10.14
N LEU A 65 3.13 -0.25 -9.07
CA LEU A 65 4.54 0.01 -8.82
C LEU A 65 5.39 -0.40 -10.02
N GLU A 66 5.12 -1.60 -10.54
CA GLU A 66 5.86 -2.11 -11.69
C GLU A 66 5.44 -1.39 -12.97
N HIS A 67 4.14 -1.17 -13.12
CA HIS A 67 3.61 -0.48 -14.30
C HIS A 67 4.21 0.92 -14.42
N GLU A 68 4.37 1.59 -13.29
CA GLU A 68 4.92 2.95 -13.28
C GLU A 68 6.43 2.92 -13.52
N CYS A 69 7.12 2.02 -12.80
CA CYS A 69 8.57 1.90 -12.93
C CYS A 69 8.93 1.10 -14.17
N GLN A 70 8.30 1.45 -15.30
CA GLN A 70 8.56 0.76 -16.56
C GLN A 70 9.65 1.47 -17.35
N HIS A 71 9.78 2.78 -17.13
CA HIS A 71 10.77 3.58 -17.82
C HIS A 71 11.69 4.28 -16.83
N SER A 72 12.68 5.00 -17.36
CA SER A 72 13.64 5.71 -16.52
C SER A 72 12.91 6.58 -15.49
N GLY A 73 13.25 6.39 -14.21
CA GLY A 73 12.63 7.15 -13.16
C GLY A 73 13.57 7.43 -12.00
N PRO A 74 13.03 7.99 -10.91
CA PRO A 74 13.81 8.32 -9.71
C PRO A 74 14.28 7.08 -8.96
N SER A 75 13.35 6.16 -8.73
CA SER A 75 13.65 4.93 -8.01
C SER A 75 14.53 4.01 -8.86
N SER A 76 15.31 3.17 -8.19
CA SER A 76 16.21 2.25 -8.88
C SER A 76 15.43 1.34 -9.83
N GLY A 77 15.28 1.78 -11.07
CA GLY A 77 14.56 0.99 -12.05
C GLY A 77 14.61 1.60 -13.44
N GLY A 1 -12.82 20.68 13.06
CA GLY A 1 -11.91 20.21 12.03
C GLY A 1 -12.32 18.88 11.46
N SER A 2 -12.66 17.93 12.33
CA SER A 2 -13.07 16.59 11.91
C SER A 2 -14.54 16.35 12.22
N SER A 3 -14.92 16.61 13.46
CA SER A 3 -16.30 16.41 13.90
C SER A 3 -16.86 15.10 13.36
N GLY A 4 -16.03 14.06 13.40
CA GLY A 4 -16.46 12.76 12.91
C GLY A 4 -15.51 12.19 11.89
N SER A 5 -14.81 11.12 12.25
CA SER A 5 -13.86 10.48 11.35
C SER A 5 -14.34 9.09 10.94
N SER A 6 -14.74 8.96 9.67
CA SER A 6 -15.22 7.69 9.15
C SER A 6 -15.22 7.69 7.62
N GLY A 7 -14.29 6.95 7.04
CA GLY A 7 -14.19 6.87 5.60
C GLY A 7 -13.29 5.74 5.13
N MET A 8 -13.88 4.76 4.46
CA MET A 8 -13.12 3.62 3.97
C MET A 8 -12.15 4.05 2.86
N LYS A 9 -12.54 5.06 2.10
CA LYS A 9 -11.71 5.57 1.02
C LYS A 9 -10.47 6.28 1.56
N ARG A 10 -10.66 7.01 2.66
CA ARG A 10 -9.56 7.74 3.28
C ARG A 10 -8.55 6.78 3.90
N LYS A 11 -9.05 5.75 4.58
CA LYS A 11 -8.21 4.76 5.22
C LYS A 11 -7.33 4.04 4.19
N GLU A 12 -7.95 3.61 3.09
CA GLU A 12 -7.23 2.91 2.04
C GLU A 12 -6.20 3.83 1.39
N SER A 13 -6.56 5.09 1.20
CA SER A 13 -5.66 6.07 0.60
C SER A 13 -4.42 6.28 1.45
N ALA A 14 -4.61 6.30 2.77
CA ALA A 14 -3.51 6.49 3.70
C ALA A 14 -2.61 5.26 3.74
N PHE A 15 -3.20 4.08 3.57
CA PHE A 15 -2.44 2.84 3.59
C PHE A 15 -1.46 2.79 2.42
N LYS A 16 -1.94 3.08 1.23
CA LYS A 16 -1.10 3.08 0.04
C LYS A 16 -0.03 4.15 0.12
N SER A 17 -0.42 5.34 0.58
CA SER A 17 0.51 6.46 0.70
C SER A 17 1.65 6.10 1.67
N MET A 18 1.30 5.39 2.73
CA MET A 18 2.29 5.00 3.74
C MET A 18 3.30 4.02 3.15
N LEU A 19 2.80 3.03 2.40
CA LEU A 19 3.66 2.04 1.78
C LEU A 19 4.67 2.70 0.84
N LYS A 20 4.22 3.71 0.11
CA LYS A 20 5.09 4.43 -0.82
C LYS A 20 6.14 5.25 -0.07
N GLN A 21 5.75 5.79 1.08
CA GLN A 21 6.66 6.58 1.90
C GLN A 21 7.53 5.69 2.78
N ALA A 22 7.48 4.39 2.53
CA ALA A 22 8.25 3.43 3.30
C ALA A 22 9.71 3.42 2.86
N ALA A 23 10.53 2.64 3.55
CA ALA A 23 11.95 2.54 3.22
C ALA A 23 12.56 1.27 3.83
N PRO A 24 13.17 0.45 2.96
CA PRO A 24 13.27 0.73 1.53
C PRO A 24 11.93 0.62 0.83
N PRO A 25 11.87 1.06 -0.44
CA PRO A 25 10.64 1.01 -1.25
C PRO A 25 10.26 -0.41 -1.64
N ILE A 26 9.00 -0.75 -1.41
CA ILE A 26 8.51 -2.09 -1.74
C ILE A 26 9.07 -2.56 -3.07
N GLU A 27 10.02 -3.49 -3.01
CA GLU A 27 10.64 -4.03 -4.21
C GLU A 27 9.65 -4.89 -4.99
N LEU A 28 10.13 -5.51 -6.07
CA LEU A 28 9.29 -6.35 -6.90
C LEU A 28 9.11 -7.73 -6.27
N ASP A 29 9.97 -8.06 -5.33
CA ASP A 29 9.91 -9.35 -4.64
C ASP A 29 9.55 -9.16 -3.17
N ALA A 30 8.82 -8.10 -2.87
CA ALA A 30 8.42 -7.80 -1.50
C ALA A 30 7.14 -8.56 -1.14
N VAL A 31 7.09 -9.07 0.08
CA VAL A 31 5.92 -9.81 0.56
C VAL A 31 5.10 -8.97 1.53
N TRP A 32 3.79 -9.11 1.44
CA TRP A 32 2.88 -8.37 2.32
C TRP A 32 3.26 -8.55 3.77
N GLU A 33 3.39 -9.81 4.20
CA GLU A 33 3.75 -10.12 5.58
C GLU A 33 5.17 -9.65 5.89
N ASP A 34 5.97 -9.49 4.84
CA ASP A 34 7.35 -9.05 4.99
C ASP A 34 7.42 -7.54 5.21
N ILE A 35 6.38 -6.83 4.76
CA ILE A 35 6.33 -5.39 4.90
C ILE A 35 5.31 -4.98 5.96
N ARG A 36 4.39 -5.90 6.28
CA ARG A 36 3.36 -5.63 7.27
C ARG A 36 3.99 -5.40 8.65
N GLU A 37 5.02 -6.18 8.96
CA GLU A 37 5.70 -6.07 10.24
C GLU A 37 6.31 -4.68 10.42
N ARG A 38 6.73 -4.08 9.30
CA ARG A 38 7.33 -2.76 9.32
C ARG A 38 6.29 -1.68 9.59
N PHE A 39 5.06 -1.95 9.16
CA PHE A 39 3.96 -1.00 9.35
C PHE A 39 2.94 -1.55 10.33
N VAL A 40 3.26 -2.67 10.96
CA VAL A 40 2.37 -3.30 11.93
C VAL A 40 2.01 -2.34 13.06
N LYS A 41 2.73 -1.22 13.12
CA LYS A 41 2.49 -0.21 14.15
C LYS A 41 2.00 1.09 13.53
N GLU A 42 2.38 1.34 12.28
CA GLU A 42 1.98 2.54 11.58
C GLU A 42 0.48 2.78 11.70
N PRO A 43 0.07 4.05 11.62
CA PRO A 43 -1.34 4.43 11.72
C PRO A 43 -2.16 3.99 10.52
N ALA A 44 -1.56 4.09 9.33
CA ALA A 44 -2.23 3.69 8.10
C ALA A 44 -2.60 2.21 8.12
N PHE A 45 -1.71 1.39 8.69
CA PHE A 45 -1.94 -0.04 8.78
C PHE A 45 -2.97 -0.36 9.86
N GLU A 46 -2.84 0.29 11.01
CA GLU A 46 -3.76 0.08 12.11
C GLU A 46 -5.19 0.46 11.72
N ASP A 47 -5.31 1.36 10.75
CA ASP A 47 -6.62 1.80 10.29
C ASP A 47 -7.37 0.66 9.61
N ILE A 48 -6.63 -0.20 8.91
CA ILE A 48 -7.23 -1.33 8.22
C ILE A 48 -7.28 -2.56 9.12
N THR A 49 -8.49 -2.98 9.47
CA THR A 49 -8.67 -4.14 10.33
C THR A 49 -8.77 -5.42 9.50
N LEU A 50 -9.72 -5.44 8.57
CA LEU A 50 -9.91 -6.61 7.72
C LEU A 50 -8.59 -7.06 7.09
N GLU A 51 -8.26 -8.33 7.30
CA GLU A 51 -7.03 -8.88 6.76
C GLU A 51 -7.01 -8.79 5.23
N SER A 52 -8.12 -9.16 4.61
CA SER A 52 -8.24 -9.13 3.16
C SER A 52 -8.07 -7.71 2.63
N GLU A 53 -8.53 -6.74 3.42
CA GLU A 53 -8.44 -5.33 3.03
C GLU A 53 -6.99 -4.92 2.83
N ARG A 54 -6.11 -5.37 3.72
CA ARG A 54 -4.70 -5.05 3.64
C ARG A 54 -4.04 -5.78 2.48
N LYS A 55 -4.41 -7.05 2.30
CA LYS A 55 -3.85 -7.87 1.22
C LYS A 55 -4.27 -7.32 -0.15
N ARG A 56 -5.55 -6.97 -0.27
CA ARG A 56 -6.07 -6.43 -1.52
C ARG A 56 -5.37 -5.13 -1.89
N ILE A 57 -5.23 -4.23 -0.92
CA ILE A 57 -4.57 -2.95 -1.15
C ILE A 57 -3.10 -3.15 -1.51
N PHE A 58 -2.43 -4.06 -0.80
CA PHE A 58 -1.03 -4.33 -1.05
C PHE A 58 -0.82 -4.84 -2.48
N LYS A 59 -1.70 -5.72 -2.92
CA LYS A 59 -1.61 -6.27 -4.27
C LYS A 59 -1.76 -5.18 -5.32
N ASP A 60 -2.72 -4.29 -5.11
CA ASP A 60 -2.95 -3.19 -6.04
C ASP A 60 -1.72 -2.29 -6.15
N PHE A 61 -1.10 -2.02 -5.01
CA PHE A 61 0.09 -1.17 -4.97
C PHE A 61 1.22 -1.78 -5.79
N MET A 62 1.47 -3.08 -5.57
CA MET A 62 2.53 -3.78 -6.30
C MET A 62 2.28 -3.75 -7.79
N HIS A 63 1.01 -3.91 -8.18
CA HIS A 63 0.64 -3.90 -9.59
C HIS A 63 1.02 -2.58 -10.25
N VAL A 64 0.70 -1.48 -9.57
CA VAL A 64 1.02 -0.15 -10.09
C VAL A 64 2.53 0.06 -10.21
N LEU A 65 3.27 -0.53 -9.28
CA LEU A 65 4.72 -0.41 -9.27
C LEU A 65 5.32 -1.02 -10.54
N GLU A 66 4.84 -2.21 -10.90
CA GLU A 66 5.33 -2.90 -12.09
C GLU A 66 4.95 -2.14 -13.35
N HIS A 67 3.73 -1.61 -13.37
CA HIS A 67 3.24 -0.86 -14.52
C HIS A 67 3.93 0.51 -14.61
N GLU A 68 4.20 1.11 -13.46
CA GLU A 68 4.86 2.41 -13.41
C GLU A 68 6.35 2.27 -13.65
N CYS A 69 6.92 1.16 -13.19
CA CYS A 69 8.35 0.91 -13.35
C CYS A 69 8.64 0.29 -14.71
N GLN A 70 7.64 -0.36 -15.29
CA GLN A 70 7.79 -0.99 -16.59
C GLN A 70 7.94 0.04 -17.70
N HIS A 71 6.86 0.79 -17.94
CA HIS A 71 6.87 1.83 -18.97
C HIS A 71 8.22 2.55 -19.00
N SER A 72 8.52 3.28 -17.94
CA SER A 72 9.78 4.01 -17.85
C SER A 72 10.60 3.55 -16.64
N GLY A 73 11.71 2.87 -16.93
CA GLY A 73 12.57 2.38 -15.87
C GLY A 73 13.11 1.00 -16.15
N PRO A 74 14.23 0.94 -16.88
CA PRO A 74 14.87 -0.34 -17.24
C PRO A 74 15.51 -1.02 -16.04
N SER A 75 14.78 -1.97 -15.45
CA SER A 75 15.27 -2.71 -14.29
C SER A 75 15.38 -4.20 -14.60
N SER A 76 15.94 -4.51 -15.76
CA SER A 76 16.11 -5.90 -16.17
C SER A 76 17.56 -6.35 -16.00
N GLY A 77 17.82 -7.10 -14.92
CA GLY A 77 19.16 -7.58 -14.66
C GLY A 77 19.27 -9.08 -14.78
N GLY A 1 -25.89 4.02 -5.27
CA GLY A 1 -24.56 3.48 -5.07
C GLY A 1 -23.51 4.56 -4.98
N SER A 2 -23.50 5.30 -3.87
CA SER A 2 -22.55 6.38 -3.66
C SER A 2 -21.12 5.89 -3.92
N SER A 3 -20.18 6.83 -3.93
CA SER A 3 -18.79 6.50 -4.17
C SER A 3 -18.02 6.37 -2.85
N GLY A 4 -18.14 5.19 -2.23
CA GLY A 4 -17.46 4.95 -0.97
C GLY A 4 -17.40 6.19 -0.09
N SER A 5 -16.23 6.80 -0.02
CA SER A 5 -16.04 8.00 0.79
C SER A 5 -16.74 7.86 2.13
N SER A 6 -16.51 6.74 2.81
CA SER A 6 -17.12 6.48 4.11
C SER A 6 -16.07 6.01 5.12
N GLY A 7 -14.96 6.72 5.18
CA GLY A 7 -13.91 6.37 6.11
C GLY A 7 -12.89 5.41 5.50
N MET A 8 -13.39 4.32 4.93
CA MET A 8 -12.52 3.33 4.31
C MET A 8 -11.73 3.93 3.16
N LYS A 9 -12.30 4.96 2.53
CA LYS A 9 -11.65 5.63 1.41
C LYS A 9 -10.33 6.25 1.85
N ARG A 10 -10.35 6.90 3.01
CA ARG A 10 -9.16 7.55 3.55
C ARG A 10 -8.17 6.52 4.08
N LYS A 11 -8.69 5.41 4.58
CA LYS A 11 -7.86 4.33 5.12
C LYS A 11 -7.05 3.67 4.01
N GLU A 12 -7.72 3.34 2.91
CA GLU A 12 -7.06 2.70 1.78
C GLU A 12 -6.05 3.64 1.14
N SER A 13 -6.44 4.90 0.96
CA SER A 13 -5.56 5.90 0.36
C SER A 13 -4.29 6.08 1.19
N ALA A 14 -4.47 6.20 2.50
CA ALA A 14 -3.34 6.39 3.40
C ALA A 14 -2.44 5.15 3.41
N PHE A 15 -3.04 3.99 3.22
CA PHE A 15 -2.29 2.73 3.22
C PHE A 15 -1.31 2.69 2.05
N LYS A 16 -1.79 3.03 0.87
CA LYS A 16 -0.95 3.04 -0.33
C LYS A 16 0.18 4.05 -0.19
N SER A 17 -0.16 5.26 0.24
CA SER A 17 0.82 6.32 0.42
C SER A 17 1.90 5.90 1.42
N MET A 18 1.48 5.17 2.45
CA MET A 18 2.41 4.71 3.48
C MET A 18 3.39 3.70 2.92
N LEU A 19 2.89 2.82 2.05
CA LEU A 19 3.74 1.80 1.43
C LEU A 19 4.76 2.43 0.49
N LYS A 20 4.31 3.39 -0.32
CA LYS A 20 5.18 4.07 -1.26
C LYS A 20 6.22 4.93 -0.52
N GLN A 21 5.79 5.52 0.59
CA GLN A 21 6.69 6.36 1.39
C GLN A 21 7.59 5.51 2.28
N ALA A 22 7.41 4.19 2.21
CA ALA A 22 8.20 3.27 3.00
C ALA A 22 9.66 3.26 2.55
N ALA A 23 10.55 2.89 3.47
CA ALA A 23 11.98 2.84 3.17
C ALA A 23 12.63 1.60 3.78
N PRO A 24 13.25 0.78 2.93
CA PRO A 24 13.32 1.02 1.49
C PRO A 24 11.96 0.86 0.80
N PRO A 25 11.88 1.27 -0.47
CA PRO A 25 10.66 1.18 -1.26
C PRO A 25 10.28 -0.26 -1.59
N ILE A 26 9.05 -0.64 -1.28
CA ILE A 26 8.58 -1.99 -1.56
C ILE A 26 9.05 -2.48 -2.93
N GLU A 27 10.04 -3.36 -2.92
CA GLU A 27 10.58 -3.91 -4.16
C GLU A 27 9.54 -4.74 -4.89
N LEU A 28 9.94 -5.32 -6.02
CA LEU A 28 9.05 -6.15 -6.81
C LEU A 28 8.89 -7.55 -6.20
N ASP A 29 9.88 -7.93 -5.40
CA ASP A 29 9.86 -9.24 -4.75
C ASP A 29 9.52 -9.11 -3.27
N ALA A 30 8.80 -8.06 -2.92
CA ALA A 30 8.41 -7.81 -1.55
C ALA A 30 7.14 -8.57 -1.18
N VAL A 31 7.07 -9.03 0.07
CA VAL A 31 5.90 -9.78 0.53
C VAL A 31 5.08 -8.94 1.50
N TRP A 32 3.76 -9.09 1.43
CA TRP A 32 2.86 -8.35 2.31
C TRP A 32 3.26 -8.51 3.77
N GLU A 33 3.41 -9.75 4.20
CA GLU A 33 3.80 -10.04 5.58
C GLU A 33 5.21 -9.53 5.86
N ASP A 34 6.01 -9.41 4.81
CA ASP A 34 7.38 -8.94 4.95
C ASP A 34 7.41 -7.43 5.19
N ILE A 35 6.38 -6.74 4.74
CA ILE A 35 6.28 -5.30 4.92
C ILE A 35 5.25 -4.93 5.99
N ARG A 36 4.35 -5.87 6.27
CA ARG A 36 3.31 -5.64 7.28
C ARG A 36 3.93 -5.43 8.66
N GLU A 37 5.01 -6.15 8.93
CA GLU A 37 5.70 -6.04 10.22
C GLU A 37 6.33 -4.66 10.38
N ARG A 38 6.74 -4.07 9.26
CA ARG A 38 7.36 -2.75 9.28
C ARG A 38 6.34 -1.66 9.57
N PHE A 39 5.10 -1.89 9.14
CA PHE A 39 4.03 -0.92 9.35
C PHE A 39 3.02 -1.45 10.37
N VAL A 40 3.28 -2.66 10.88
CA VAL A 40 2.40 -3.27 11.87
C VAL A 40 1.91 -2.26 12.88
N LYS A 41 2.75 -1.27 13.18
CA LYS A 41 2.40 -0.23 14.13
C LYS A 41 1.80 0.99 13.42
N GLU A 42 2.30 1.27 12.23
CA GLU A 42 1.82 2.40 11.44
C GLU A 42 0.32 2.60 11.64
N PRO A 43 -0.13 3.85 11.54
CA PRO A 43 -1.55 4.20 11.71
C PRO A 43 -2.40 3.70 10.55
N ALA A 44 -1.84 3.74 9.34
CA ALA A 44 -2.55 3.29 8.15
C ALA A 44 -2.80 1.78 8.20
N PHE A 45 -1.89 1.06 8.83
CA PHE A 45 -2.01 -0.39 8.94
C PHE A 45 -3.05 -0.77 9.98
N GLU A 46 -2.93 -0.19 11.18
CA GLU A 46 -3.86 -0.47 12.26
C GLU A 46 -5.26 0.03 11.91
N ASP A 47 -5.33 0.98 10.99
CA ASP A 47 -6.61 1.55 10.57
C ASP A 47 -7.46 0.50 9.86
N ILE A 48 -6.82 -0.30 9.01
CA ILE A 48 -7.52 -1.34 8.27
C ILE A 48 -7.86 -2.52 9.18
N THR A 49 -9.01 -2.43 9.85
CA THR A 49 -9.46 -3.48 10.74
C THR A 49 -9.52 -4.83 10.02
N LEU A 50 -9.95 -4.80 8.76
CA LEU A 50 -10.05 -6.02 7.97
C LEU A 50 -8.70 -6.39 7.37
N GLU A 51 -8.21 -7.58 7.70
CA GLU A 51 -6.93 -8.06 7.19
C GLU A 51 -6.96 -8.19 5.67
N SER A 52 -8.08 -8.68 5.14
CA SER A 52 -8.24 -8.86 3.70
C SER A 52 -8.09 -7.52 2.98
N GLU A 53 -8.53 -6.45 3.62
CA GLU A 53 -8.44 -5.11 3.03
C GLU A 53 -6.99 -4.73 2.75
N ARG A 54 -6.11 -5.09 3.67
CA ARG A 54 -4.69 -4.78 3.52
C ARG A 54 -4.06 -5.65 2.43
N LYS A 55 -4.44 -6.92 2.40
CA LYS A 55 -3.92 -7.86 1.42
C LYS A 55 -4.30 -7.43 0.00
N ARG A 56 -5.56 -7.06 -0.18
CA ARG A 56 -6.05 -6.63 -1.48
C ARG A 56 -5.33 -5.37 -1.95
N ILE A 57 -5.23 -4.39 -1.05
CA ILE A 57 -4.56 -3.14 -1.37
C ILE A 57 -3.09 -3.37 -1.73
N PHE A 58 -2.45 -4.26 -0.98
CA PHE A 58 -1.04 -4.58 -1.21
C PHE A 58 -0.83 -5.11 -2.63
N LYS A 59 -1.72 -5.99 -3.06
CA LYS A 59 -1.64 -6.58 -4.39
C LYS A 59 -1.78 -5.50 -5.46
N ASP A 60 -2.75 -4.61 -5.29
CA ASP A 60 -2.98 -3.53 -6.25
C ASP A 60 -1.81 -2.56 -6.26
N PHE A 61 -1.26 -2.28 -5.08
CA PHE A 61 -0.14 -1.36 -4.95
C PHE A 61 1.08 -1.88 -5.69
N MET A 62 1.34 -3.17 -5.56
CA MET A 62 2.48 -3.79 -6.23
C MET A 62 2.30 -3.76 -7.75
N HIS A 63 1.07 -4.00 -8.19
CA HIS A 63 0.77 -3.99 -9.63
C HIS A 63 1.09 -2.64 -10.25
N VAL A 64 0.68 -1.57 -9.57
CA VAL A 64 0.92 -0.21 -10.06
C VAL A 64 2.42 0.11 -10.04
N LEU A 65 3.13 -0.41 -9.05
CA LEU A 65 4.56 -0.18 -8.92
C LEU A 65 5.31 -0.71 -10.14
N GLU A 66 4.96 -1.92 -10.56
CA GLU A 66 5.60 -2.55 -11.71
C GLU A 66 5.27 -1.79 -12.99
N HIS A 67 4.00 -1.40 -13.13
CA HIS A 67 3.54 -0.68 -14.31
C HIS A 67 4.10 0.74 -14.32
N GLU A 68 4.26 1.33 -13.13
CA GLU A 68 4.78 2.68 -13.01
C GLU A 68 6.28 2.71 -13.29
N CYS A 69 6.97 1.64 -12.90
CA CYS A 69 8.41 1.55 -13.11
C CYS A 69 8.73 0.90 -14.45
N GLN A 70 8.01 1.34 -15.49
CA GLN A 70 8.22 0.80 -16.83
C GLN A 70 9.27 1.61 -17.58
N HIS A 71 9.16 2.92 -17.52
CA HIS A 71 10.10 3.81 -18.21
C HIS A 71 11.19 4.28 -17.25
N SER A 72 11.85 3.32 -16.59
CA SER A 72 12.91 3.63 -15.64
C SER A 72 12.39 4.54 -14.53
N GLY A 73 11.31 4.13 -13.89
CA GLY A 73 10.73 4.92 -12.82
C GLY A 73 11.75 5.27 -11.75
N PRO A 74 11.59 6.46 -11.15
CA PRO A 74 12.50 6.93 -10.10
C PRO A 74 12.34 6.15 -8.80
N SER A 75 11.48 5.14 -8.82
CA SER A 75 11.23 4.31 -7.64
C SER A 75 12.51 4.14 -6.83
N SER A 76 13.63 3.95 -7.51
CA SER A 76 14.91 3.77 -6.86
C SER A 76 15.47 5.10 -6.36
N GLY A 77 15.51 5.26 -5.04
CA GLY A 77 16.02 6.50 -4.46
C GLY A 77 15.40 6.78 -3.11
N GLY A 1 -22.39 15.27 8.33
CA GLY A 1 -21.31 15.46 7.38
C GLY A 1 -21.63 14.87 6.02
N SER A 2 -21.36 13.58 5.86
CA SER A 2 -21.62 12.90 4.60
C SER A 2 -22.01 11.44 4.84
N SER A 3 -23.23 11.09 4.42
CA SER A 3 -23.73 9.73 4.59
C SER A 3 -23.20 8.81 3.50
N GLY A 4 -22.41 7.82 3.90
CA GLY A 4 -21.85 6.88 2.95
C GLY A 4 -20.98 5.83 3.61
N SER A 5 -19.81 6.24 4.08
CA SER A 5 -18.89 5.33 4.74
C SER A 5 -18.07 6.05 5.80
N SER A 6 -17.56 5.29 6.77
CA SER A 6 -16.76 5.86 7.85
C SER A 6 -15.49 6.49 7.31
N GLY A 7 -14.79 5.77 6.45
CA GLY A 7 -13.56 6.27 5.86
C GLY A 7 -12.76 5.19 5.17
N MET A 8 -13.45 4.32 4.43
CA MET A 8 -12.80 3.24 3.70
C MET A 8 -11.90 3.79 2.61
N LYS A 9 -12.41 4.77 1.86
CA LYS A 9 -11.65 5.38 0.77
C LYS A 9 -10.44 6.13 1.32
N ARG A 10 -10.66 6.89 2.39
CA ARG A 10 -9.58 7.67 2.99
C ARG A 10 -8.55 6.75 3.64
N LYS A 11 -9.02 5.75 4.37
CA LYS A 11 -8.14 4.80 5.03
C LYS A 11 -7.28 4.05 4.01
N GLU A 12 -7.92 3.57 2.95
CA GLU A 12 -7.21 2.83 1.91
C GLU A 12 -6.20 3.74 1.20
N SER A 13 -6.59 4.98 0.95
CA SER A 13 -5.73 5.94 0.29
C SER A 13 -4.47 6.20 1.11
N ALA A 14 -4.65 6.41 2.40
CA ALA A 14 -3.52 6.67 3.30
C ALA A 14 -2.60 5.47 3.38
N PHE A 15 -3.18 4.28 3.32
CA PHE A 15 -2.40 3.04 3.39
C PHE A 15 -1.44 2.94 2.21
N LYS A 16 -1.96 3.16 1.01
CA LYS A 16 -1.16 3.09 -0.21
C LYS A 16 -0.02 4.11 -0.15
N SER A 17 -0.36 5.34 0.24
CA SER A 17 0.63 6.41 0.33
C SER A 17 1.73 6.06 1.32
N MET A 18 1.32 5.46 2.45
CA MET A 18 2.27 5.07 3.49
C MET A 18 3.30 4.08 2.94
N LEU A 19 2.84 3.14 2.14
CA LEU A 19 3.72 2.13 1.55
C LEU A 19 4.68 2.77 0.55
N LYS A 20 4.19 3.75 -0.19
CA LYS A 20 5.01 4.43 -1.18
C LYS A 20 6.16 5.17 -0.51
N GLN A 21 5.90 5.72 0.67
CA GLN A 21 6.92 6.46 1.41
C GLN A 21 7.75 5.51 2.28
N ALA A 22 7.50 4.22 2.13
CA ALA A 22 8.22 3.22 2.90
C ALA A 22 9.66 3.08 2.41
N ALA A 23 10.57 2.78 3.33
CA ALA A 23 11.97 2.62 3.00
C ALA A 23 12.56 1.38 3.67
N PRO A 24 13.15 0.49 2.84
CA PRO A 24 13.22 0.68 1.39
C PRO A 24 11.87 0.55 0.73
N PRO A 25 11.81 0.92 -0.57
CA PRO A 25 10.57 0.85 -1.35
C PRO A 25 10.15 -0.58 -1.64
N ILE A 26 8.85 -0.84 -1.50
CA ILE A 26 8.32 -2.18 -1.75
C ILE A 26 8.87 -2.76 -3.04
N GLU A 27 9.79 -3.72 -2.91
CA GLU A 27 10.40 -4.35 -4.06
C GLU A 27 9.36 -5.14 -4.87
N LEU A 28 9.82 -5.83 -5.91
CA LEU A 28 8.93 -6.62 -6.75
C LEU A 28 8.69 -7.99 -6.16
N ASP A 29 9.71 -8.53 -5.49
CA ASP A 29 9.62 -9.85 -4.87
C ASP A 29 9.45 -9.72 -3.36
N ALA A 30 8.72 -8.71 -2.93
CA ALA A 30 8.49 -8.48 -1.51
C ALA A 30 7.20 -9.16 -1.05
N VAL A 31 7.19 -9.57 0.22
CA VAL A 31 6.02 -10.24 0.79
C VAL A 31 5.22 -9.30 1.67
N TRP A 32 3.90 -9.34 1.52
CA TRP A 32 3.02 -8.49 2.31
C TRP A 32 3.29 -8.65 3.81
N GLU A 33 3.30 -9.90 4.27
CA GLU A 33 3.54 -10.19 5.67
C GLU A 33 4.97 -9.81 6.06
N ASP A 34 5.85 -9.73 5.07
CA ASP A 34 7.25 -9.38 5.31
C ASP A 34 7.41 -7.86 5.42
N ILE A 35 6.45 -7.13 4.87
CA ILE A 35 6.49 -5.67 4.90
C ILE A 35 5.45 -5.11 5.86
N ARG A 36 4.45 -5.93 6.19
CA ARG A 36 3.40 -5.52 7.10
C ARG A 36 3.96 -5.25 8.50
N GLU A 37 4.79 -6.16 8.99
CA GLU A 37 5.40 -6.01 10.30
C GLU A 37 6.10 -4.67 10.43
N ARG A 38 6.41 -4.05 9.29
CA ARG A 38 7.08 -2.76 9.28
C ARG A 38 6.09 -1.62 9.51
N PHE A 39 4.84 -1.86 9.13
CA PHE A 39 3.79 -0.85 9.29
C PHE A 39 2.78 -1.28 10.36
N VAL A 40 2.91 -2.53 10.82
CA VAL A 40 2.01 -3.06 11.83
C VAL A 40 1.65 -1.99 12.86
N LYS A 41 2.65 -1.24 13.30
CA LYS A 41 2.43 -0.18 14.28
C LYS A 41 1.84 1.06 13.62
N GLU A 42 2.38 1.44 12.47
CA GLU A 42 1.90 2.61 11.74
C GLU A 42 0.40 2.77 11.91
N PRO A 43 -0.07 4.02 11.83
CA PRO A 43 -1.50 4.34 11.97
C PRO A 43 -2.32 3.86 10.78
N ALA A 44 -1.75 4.00 9.58
CA ALA A 44 -2.43 3.58 8.36
C ALA A 44 -2.74 2.09 8.39
N PHE A 45 -1.84 1.31 8.98
CA PHE A 45 -2.02 -0.13 9.08
C PHE A 45 -3.05 -0.48 10.15
N GLU A 46 -2.91 0.14 11.32
CA GLU A 46 -3.82 -0.11 12.43
C GLU A 46 -5.24 0.28 12.05
N ASP A 47 -5.37 1.18 11.09
CA ASP A 47 -6.68 1.64 10.63
C ASP A 47 -7.45 0.51 9.96
N ILE A 48 -6.75 -0.28 9.16
CA ILE A 48 -7.37 -1.41 8.46
C ILE A 48 -7.52 -2.61 9.37
N THR A 49 -8.74 -2.85 9.83
CA THR A 49 -9.02 -3.97 10.72
C THR A 49 -9.03 -5.28 9.95
N LEU A 50 -9.66 -5.28 8.78
CA LEU A 50 -9.75 -6.47 7.95
C LEU A 50 -8.40 -6.80 7.34
N GLU A 51 -7.89 -7.99 7.65
CA GLU A 51 -6.60 -8.44 7.12
C GLU A 51 -6.63 -8.51 5.60
N SER A 52 -7.74 -8.97 5.05
CA SER A 52 -7.89 -9.09 3.61
C SER A 52 -7.74 -7.74 2.93
N GLU A 53 -8.19 -6.68 3.60
CA GLU A 53 -8.10 -5.33 3.06
C GLU A 53 -6.64 -4.93 2.84
N ARG A 54 -5.79 -5.27 3.81
CA ARG A 54 -4.37 -4.95 3.72
C ARG A 54 -3.69 -5.76 2.63
N LYS A 55 -4.13 -7.01 2.47
CA LYS A 55 -3.56 -7.89 1.46
C LYS A 55 -3.96 -7.44 0.06
N ARG A 56 -5.23 -7.15 -0.12
CA ARG A 56 -5.75 -6.70 -1.42
C ARG A 56 -5.11 -5.38 -1.82
N ILE A 57 -5.03 -4.45 -0.88
CA ILE A 57 -4.44 -3.14 -1.14
C ILE A 57 -2.97 -3.27 -1.56
N PHE A 58 -2.24 -4.13 -0.86
CA PHE A 58 -0.82 -4.34 -1.15
C PHE A 58 -0.64 -4.83 -2.59
N LYS A 59 -1.47 -5.79 -2.99
CA LYS A 59 -1.40 -6.34 -4.34
C LYS A 59 -1.61 -5.25 -5.39
N ASP A 60 -2.58 -4.38 -5.16
CA ASP A 60 -2.87 -3.30 -6.08
C ASP A 60 -1.68 -2.36 -6.20
N PHE A 61 -1.06 -2.04 -5.06
CA PHE A 61 0.09 -1.14 -5.04
C PHE A 61 1.24 -1.72 -5.87
N MET A 62 1.43 -3.03 -5.77
CA MET A 62 2.51 -3.70 -6.50
C MET A 62 2.27 -3.61 -8.00
N HIS A 63 1.02 -3.78 -8.41
CA HIS A 63 0.65 -3.72 -9.82
C HIS A 63 1.00 -2.35 -10.41
N VAL A 64 0.66 -1.29 -9.68
CA VAL A 64 0.94 0.06 -10.13
C VAL A 64 2.44 0.34 -10.16
N LEU A 65 3.15 -0.25 -9.21
CA LEU A 65 4.60 -0.07 -9.13
C LEU A 65 5.29 -0.56 -10.40
N GLU A 66 4.88 -1.74 -10.86
CA GLU A 66 5.46 -2.32 -12.06
C GLU A 66 5.09 -1.50 -13.29
N HIS A 67 3.84 -1.05 -13.35
CA HIS A 67 3.36 -0.26 -14.47
C HIS A 67 3.98 1.14 -14.45
N GLU A 68 4.22 1.66 -13.25
CA GLU A 68 4.80 2.98 -13.09
C GLU A 68 6.30 2.95 -13.36
N CYS A 69 6.98 1.95 -12.79
CA CYS A 69 8.41 1.81 -12.97
C CYS A 69 8.74 0.58 -13.81
N GLN A 70 8.49 0.67 -15.11
CA GLN A 70 8.76 -0.44 -16.02
C GLN A 70 10.15 -0.31 -16.65
N HIS A 71 10.61 -1.39 -17.27
CA HIS A 71 11.91 -1.40 -17.93
C HIS A 71 13.01 -1.01 -16.94
N SER A 72 13.06 -1.71 -15.81
CA SER A 72 14.05 -1.44 -14.78
C SER A 72 15.23 -2.41 -14.90
N GLY A 73 14.93 -3.65 -15.25
CA GLY A 73 15.97 -4.65 -15.39
C GLY A 73 15.45 -5.97 -15.94
N PRO A 74 16.19 -7.06 -15.70
CA PRO A 74 15.81 -8.39 -16.18
C PRO A 74 14.59 -8.94 -15.45
N SER A 75 13.40 -8.64 -15.98
CA SER A 75 12.16 -9.10 -15.38
C SER A 75 11.41 -10.02 -16.33
N SER A 76 11.36 -11.31 -16.00
CA SER A 76 10.68 -12.29 -16.83
C SER A 76 9.53 -12.94 -16.06
N GLY A 77 9.79 -13.28 -14.80
CA GLY A 77 8.77 -13.90 -13.97
C GLY A 77 9.34 -14.54 -12.72
N GLY A 1 -8.36 14.47 23.81
CA GLY A 1 -7.64 13.65 22.85
C GLY A 1 -7.81 14.15 21.43
N SER A 2 -7.58 13.26 20.46
CA SER A 2 -7.70 13.62 19.06
C SER A 2 -8.62 12.66 18.32
N SER A 3 -8.96 12.99 17.09
CA SER A 3 -9.85 12.17 16.28
C SER A 3 -9.44 12.20 14.82
N GLY A 4 -9.22 11.03 14.24
CA GLY A 4 -8.83 10.95 12.84
C GLY A 4 -10.01 10.89 11.91
N SER A 5 -10.18 9.75 11.23
CA SER A 5 -11.28 9.57 10.29
C SER A 5 -11.64 8.09 10.15
N SER A 6 -12.91 7.76 10.36
CA SER A 6 -13.38 6.39 10.26
C SER A 6 -13.91 6.10 8.86
N GLY A 7 -13.20 6.57 7.84
CA GLY A 7 -13.62 6.35 6.47
C GLY A 7 -12.79 5.29 5.78
N MET A 8 -13.46 4.45 4.99
CA MET A 8 -12.78 3.38 4.26
C MET A 8 -11.83 3.95 3.21
N LYS A 9 -12.32 4.96 2.48
CA LYS A 9 -11.52 5.59 1.44
C LYS A 9 -10.28 6.24 2.03
N ARG A 10 -10.44 6.90 3.18
CA ARG A 10 -9.33 7.57 3.84
C ARG A 10 -8.30 6.55 4.32
N LYS A 11 -8.78 5.42 4.82
CA LYS A 11 -7.89 4.37 5.32
C LYS A 11 -7.12 3.73 4.18
N GLU A 12 -7.84 3.34 3.13
CA GLU A 12 -7.22 2.71 1.97
C GLU A 12 -6.25 3.67 1.28
N SER A 13 -6.67 4.92 1.13
CA SER A 13 -5.85 5.95 0.48
C SER A 13 -4.56 6.17 1.26
N ALA A 14 -4.69 6.30 2.58
CA ALA A 14 -3.53 6.51 3.44
C ALA A 14 -2.63 5.29 3.47
N PHE A 15 -3.23 4.10 3.38
CA PHE A 15 -2.48 2.87 3.39
C PHE A 15 -1.51 2.80 2.22
N LYS A 16 -2.02 3.08 1.02
CA LYS A 16 -1.22 3.05 -0.19
C LYS A 16 -0.11 4.11 -0.13
N SER A 17 -0.48 5.31 0.29
CA SER A 17 0.47 6.41 0.40
C SER A 17 1.61 6.06 1.35
N MET A 18 1.26 5.43 2.47
CA MET A 18 2.25 5.03 3.46
C MET A 18 3.23 4.02 2.89
N LEU A 19 2.71 3.08 2.10
CA LEU A 19 3.54 2.06 1.48
C LEU A 19 4.55 2.68 0.52
N LYS A 20 4.12 3.72 -0.19
CA LYS A 20 4.97 4.40 -1.14
C LYS A 20 6.09 5.16 -0.43
N GLN A 21 5.77 5.71 0.74
CA GLN A 21 6.75 6.47 1.51
C GLN A 21 7.54 5.53 2.42
N ALA A 22 7.42 4.23 2.19
CA ALA A 22 8.13 3.24 2.98
C ALA A 22 9.58 3.13 2.54
N ALA A 23 10.48 2.90 3.51
CA ALA A 23 11.89 2.77 3.22
C ALA A 23 12.49 1.54 3.90
N PRO A 24 13.11 0.67 3.11
CA PRO A 24 13.24 0.85 1.67
C PRO A 24 11.91 0.69 0.94
N PRO A 25 11.89 1.04 -0.35
CA PRO A 25 10.68 0.95 -1.18
C PRO A 25 10.28 -0.49 -1.46
N ILE A 26 8.98 -0.77 -1.39
CA ILE A 26 8.47 -2.11 -1.64
C ILE A 26 8.91 -2.62 -3.01
N GLU A 27 9.87 -3.54 -3.00
CA GLU A 27 10.38 -4.11 -4.25
C GLU A 27 9.34 -5.01 -4.90
N LEU A 28 9.71 -5.60 -6.04
CA LEU A 28 8.80 -6.49 -6.76
C LEU A 28 8.74 -7.87 -6.09
N ASP A 29 9.83 -8.26 -5.44
CA ASP A 29 9.90 -9.54 -4.76
C ASP A 29 9.67 -9.37 -3.26
N ALA A 30 8.84 -8.40 -2.90
CA ALA A 30 8.53 -8.14 -1.51
C ALA A 30 7.23 -8.82 -1.09
N VAL A 31 7.22 -9.39 0.11
CA VAL A 31 6.04 -10.07 0.62
C VAL A 31 5.24 -9.18 1.56
N TRP A 32 3.92 -9.31 1.52
CA TRP A 32 3.04 -8.51 2.37
C TRP A 32 3.43 -8.64 3.83
N GLU A 33 3.68 -9.87 4.27
CA GLU A 33 4.05 -10.14 5.65
C GLU A 33 5.44 -9.56 5.95
N ASP A 34 6.23 -9.34 4.90
CA ASP A 34 7.57 -8.80 5.06
C ASP A 34 7.51 -7.28 5.29
N ILE A 35 6.56 -6.63 4.64
CA ILE A 35 6.40 -5.19 4.77
C ILE A 35 5.28 -4.84 5.74
N ARG A 36 4.44 -5.83 6.05
CA ARG A 36 3.33 -5.64 6.97
C ARG A 36 3.83 -5.31 8.38
N GLU A 37 4.72 -6.16 8.89
CA GLU A 37 5.28 -5.96 10.23
C GLU A 37 5.90 -4.57 10.35
N ARG A 38 6.50 -4.10 9.27
CA ARG A 38 7.13 -2.79 9.26
C ARG A 38 6.12 -1.68 9.53
N PHE A 39 4.89 -1.89 9.04
CA PHE A 39 3.82 -0.92 9.22
C PHE A 39 2.83 -1.40 10.28
N VAL A 40 2.99 -2.64 10.72
CA VAL A 40 2.10 -3.21 11.72
C VAL A 40 1.92 -2.26 12.90
N LYS A 41 2.92 -1.41 13.13
CA LYS A 41 2.88 -0.46 14.22
C LYS A 41 2.34 0.89 13.75
N GLU A 42 2.40 1.12 12.44
CA GLU A 42 1.91 2.37 11.86
C GLU A 42 0.41 2.51 12.06
N PRO A 43 -0.06 3.75 12.17
CA PRO A 43 -1.48 4.06 12.36
C PRO A 43 -2.31 3.76 11.11
N ALA A 44 -1.74 4.05 9.95
CA ALA A 44 -2.42 3.82 8.67
C ALA A 44 -2.66 2.32 8.46
N PHE A 45 -1.77 1.50 8.99
CA PHE A 45 -1.89 0.05 8.85
C PHE A 45 -2.95 -0.50 9.78
N GLU A 46 -2.86 -0.14 11.05
CA GLU A 46 -3.82 -0.61 12.05
C GLU A 46 -5.22 -0.08 11.74
N ASP A 47 -5.28 1.00 10.97
CA ASP A 47 -6.56 1.60 10.60
C ASP A 47 -7.37 0.66 9.73
N ILE A 48 -6.74 -0.42 9.28
CA ILE A 48 -7.41 -1.40 8.44
C ILE A 48 -7.90 -2.59 9.26
N THR A 49 -9.14 -2.51 9.72
CA THR A 49 -9.74 -3.57 10.51
C THR A 49 -9.75 -4.90 9.75
N LEU A 50 -10.16 -4.85 8.49
CA LEU A 50 -10.21 -6.03 7.65
C LEU A 50 -8.83 -6.37 7.11
N GLU A 51 -8.30 -7.52 7.51
CA GLU A 51 -6.98 -7.96 7.05
C GLU A 51 -6.95 -8.09 5.53
N SER A 52 -8.07 -8.51 4.96
CA SER A 52 -8.16 -8.68 3.51
C SER A 52 -7.91 -7.36 2.79
N GLU A 53 -8.34 -6.26 3.41
CA GLU A 53 -8.17 -4.94 2.83
C GLU A 53 -6.68 -4.63 2.65
N ARG A 54 -5.87 -5.00 3.63
CA ARG A 54 -4.44 -4.75 3.57
C ARG A 54 -3.77 -5.64 2.53
N LYS A 55 -4.24 -6.88 2.42
CA LYS A 55 -3.70 -7.84 1.46
C LYS A 55 -4.06 -7.44 0.03
N ARG A 56 -5.32 -7.08 -0.18
CA ARG A 56 -5.80 -6.68 -1.49
C ARG A 56 -5.12 -5.38 -1.93
N ILE A 57 -5.08 -4.41 -1.03
CA ILE A 57 -4.47 -3.12 -1.33
C ILE A 57 -2.98 -3.28 -1.68
N PHE A 58 -2.30 -4.15 -0.95
CA PHE A 58 -0.89 -4.40 -1.17
C PHE A 58 -0.65 -4.95 -2.58
N LYS A 59 -1.47 -5.90 -2.98
CA LYS A 59 -1.36 -6.51 -4.31
C LYS A 59 -1.54 -5.46 -5.40
N ASP A 60 -2.54 -4.61 -5.24
CA ASP A 60 -2.81 -3.56 -6.22
C ASP A 60 -1.63 -2.59 -6.31
N PHE A 61 -1.06 -2.25 -5.16
CA PHE A 61 0.08 -1.33 -5.11
C PHE A 61 1.27 -1.90 -5.87
N MET A 62 1.49 -3.20 -5.73
CA MET A 62 2.60 -3.86 -6.41
C MET A 62 2.40 -3.86 -7.91
N HIS A 63 1.17 -4.11 -8.35
CA HIS A 63 0.85 -4.13 -9.77
C HIS A 63 1.15 -2.77 -10.42
N VAL A 64 0.74 -1.69 -9.74
CA VAL A 64 0.96 -0.35 -10.25
C VAL A 64 2.45 -0.01 -10.26
N LEU A 65 3.17 -0.51 -9.27
CA LEU A 65 4.61 -0.27 -9.16
C LEU A 65 5.35 -0.80 -10.37
N GLU A 66 5.01 -2.03 -10.77
CA GLU A 66 5.64 -2.67 -11.92
C GLU A 66 5.29 -1.93 -13.21
N HIS A 67 4.02 -1.55 -13.34
CA HIS A 67 3.54 -0.84 -14.52
C HIS A 67 4.09 0.58 -14.55
N GLU A 68 4.25 1.18 -13.38
CA GLU A 68 4.76 2.54 -13.27
C GLU A 68 6.23 2.60 -13.67
N CYS A 69 7.02 1.65 -13.17
CA CYS A 69 8.45 1.60 -13.48
C CYS A 69 8.67 1.61 -14.98
N GLN A 70 7.93 0.77 -15.70
CA GLN A 70 8.06 0.69 -17.14
C GLN A 70 7.03 1.57 -17.84
N HIS A 71 7.41 2.14 -18.98
CA HIS A 71 6.52 3.01 -19.75
C HIS A 71 5.11 2.41 -19.80
N SER A 72 4.11 3.29 -19.93
CA SER A 72 2.72 2.86 -19.98
C SER A 72 2.07 3.31 -21.29
N GLY A 73 2.10 4.61 -21.54
CA GLY A 73 1.50 5.15 -22.75
C GLY A 73 0.05 5.51 -22.58
N PRO A 74 -0.67 5.66 -23.70
CA PRO A 74 -2.09 6.03 -23.70
C PRO A 74 -2.97 4.88 -23.19
N SER A 75 -2.44 3.66 -23.27
CA SER A 75 -3.18 2.49 -22.81
C SER A 75 -3.48 2.57 -21.32
N SER A 76 -4.38 1.70 -20.85
CA SER A 76 -4.76 1.69 -19.45
C SER A 76 -3.97 0.62 -18.68
N GLY A 77 -4.04 -0.61 -19.16
CA GLY A 77 -3.33 -1.70 -18.51
C GLY A 77 -4.26 -2.63 -17.77
N GLY A 1 -9.10 11.82 -4.00
CA GLY A 1 -10.33 12.15 -4.69
C GLY A 1 -11.53 12.11 -3.77
N SER A 2 -11.47 12.87 -2.68
CA SER A 2 -12.57 12.91 -1.71
C SER A 2 -13.92 12.95 -2.42
N SER A 3 -14.72 11.92 -2.21
CA SER A 3 -16.04 11.83 -2.82
C SER A 3 -17.13 12.22 -1.84
N GLY A 4 -16.81 12.15 -0.54
CA GLY A 4 -17.78 12.50 0.47
C GLY A 4 -17.32 12.10 1.86
N SER A 5 -18.26 11.64 2.68
CA SER A 5 -17.94 11.23 4.04
C SER A 5 -17.80 9.71 4.13
N SER A 6 -16.58 9.23 3.85
CA SER A 6 -16.31 7.79 3.89
C SER A 6 -15.03 7.51 4.67
N GLY A 7 -14.94 6.30 5.21
CA GLY A 7 -13.76 5.93 5.99
C GLY A 7 -12.86 4.97 5.24
N MET A 8 -13.47 4.03 4.52
CA MET A 8 -12.71 3.05 3.75
C MET A 8 -11.91 3.71 2.65
N LYS A 9 -12.50 4.72 2.01
CA LYS A 9 -11.84 5.45 0.94
C LYS A 9 -10.66 6.25 1.47
N ARG A 10 -10.85 6.87 2.62
CA ARG A 10 -9.79 7.68 3.24
C ARG A 10 -8.69 6.78 3.79
N LYS A 11 -9.08 5.75 4.53
CA LYS A 11 -8.11 4.82 5.12
C LYS A 11 -7.34 4.09 4.03
N GLU A 12 -8.08 3.55 3.05
CA GLU A 12 -7.45 2.83 1.96
C GLU A 12 -6.43 3.69 1.23
N SER A 13 -6.82 4.92 0.92
CA SER A 13 -5.95 5.85 0.22
C SER A 13 -4.70 6.15 1.05
N ALA A 14 -4.88 6.32 2.36
CA ALA A 14 -3.77 6.60 3.25
C ALA A 14 -2.82 5.41 3.34
N PHE A 15 -3.37 4.21 3.24
CA PHE A 15 -2.56 2.99 3.30
C PHE A 15 -1.62 2.91 2.12
N LYS A 16 -2.15 3.11 0.91
CA LYS A 16 -1.34 3.06 -0.29
C LYS A 16 -0.23 4.10 -0.26
N SER A 17 -0.58 5.31 0.15
CA SER A 17 0.39 6.41 0.23
C SER A 17 1.51 6.07 1.21
N MET A 18 1.13 5.46 2.34
CA MET A 18 2.10 5.09 3.36
C MET A 18 3.12 4.10 2.80
N LEU A 19 2.65 3.15 2.01
CA LEU A 19 3.53 2.14 1.41
C LEU A 19 4.50 2.79 0.43
N LYS A 20 4.01 3.78 -0.32
CA LYS A 20 4.84 4.47 -1.30
C LYS A 20 5.97 5.24 -0.61
N GLN A 21 5.67 5.78 0.56
CA GLN A 21 6.67 6.53 1.33
C GLN A 21 7.47 5.62 2.24
N ALA A 22 7.21 4.31 2.14
CA ALA A 22 7.91 3.33 2.95
C ALA A 22 9.39 3.25 2.57
N ALA A 23 10.22 2.94 3.56
CA ALA A 23 11.66 2.82 3.33
C ALA A 23 12.23 1.59 4.02
N PRO A 24 12.89 0.73 3.23
CA PRO A 24 13.05 0.93 1.79
C PRO A 24 11.74 0.79 1.03
N PRO A 25 11.75 1.16 -0.26
CA PRO A 25 10.56 1.07 -1.12
C PRO A 25 10.19 -0.37 -1.44
N ILE A 26 8.89 -0.65 -1.42
CA ILE A 26 8.39 -2.00 -1.70
C ILE A 26 9.02 -2.54 -2.98
N GLU A 27 9.94 -3.48 -2.83
CA GLU A 27 10.61 -4.08 -3.97
C GLU A 27 9.64 -4.94 -4.79
N LEU A 28 10.17 -5.62 -5.80
CA LEU A 28 9.35 -6.48 -6.65
C LEU A 28 9.15 -7.86 -6.02
N ASP A 29 10.13 -8.28 -5.22
CA ASP A 29 10.08 -9.57 -4.56
C ASP A 29 9.74 -9.42 -3.08
N ALA A 30 8.88 -8.44 -2.78
CA ALA A 30 8.47 -8.19 -1.41
C ALA A 30 7.11 -8.81 -1.11
N VAL A 31 6.97 -9.38 0.07
CA VAL A 31 5.71 -10.01 0.48
C VAL A 31 4.92 -9.10 1.41
N TRP A 32 3.59 -9.23 1.36
CA TRP A 32 2.72 -8.43 2.20
C TRP A 32 3.04 -8.63 3.68
N GLU A 33 3.05 -9.89 4.11
CA GLU A 33 3.35 -10.22 5.50
C GLU A 33 4.78 -9.85 5.85
N ASP A 34 5.63 -9.74 4.83
CA ASP A 34 7.03 -9.39 5.04
C ASP A 34 7.19 -7.88 5.27
N ILE A 35 6.26 -7.11 4.72
CA ILE A 35 6.29 -5.66 4.85
C ILE A 35 5.27 -5.19 5.89
N ARG A 36 4.28 -6.03 6.17
CA ARG A 36 3.24 -5.69 7.13
C ARG A 36 3.83 -5.53 8.53
N GLU A 37 4.60 -6.52 8.95
CA GLU A 37 5.23 -6.49 10.28
C GLU A 37 6.03 -5.20 10.47
N ARG A 38 6.36 -4.55 9.37
CA ARG A 38 7.13 -3.32 9.41
C ARG A 38 6.22 -2.12 9.70
N PHE A 39 4.95 -2.25 9.33
CA PHE A 39 3.98 -1.18 9.54
C PHE A 39 2.95 -1.60 10.59
N VAL A 40 3.00 -2.86 10.99
CA VAL A 40 2.07 -3.38 11.99
C VAL A 40 1.80 -2.34 13.08
N LYS A 41 2.83 -1.61 13.46
CA LYS A 41 2.71 -0.59 14.49
C LYS A 41 2.19 0.72 13.90
N GLU A 42 2.58 0.99 12.65
CA GLU A 42 2.16 2.21 11.97
C GLU A 42 0.65 2.41 12.11
N PRO A 43 0.23 3.69 12.12
CA PRO A 43 -1.19 4.05 12.24
C PRO A 43 -1.99 3.68 11.00
N ALA A 44 -1.39 3.89 9.84
CA ALA A 44 -2.05 3.59 8.57
C ALA A 44 -2.41 2.10 8.48
N PHE A 45 -1.55 1.25 9.03
CA PHE A 45 -1.79 -0.19 9.02
C PHE A 45 -2.85 -0.57 10.05
N GLU A 46 -2.72 -0.03 11.25
CA GLU A 46 -3.66 -0.33 12.33
C GLU A 46 -5.05 0.22 11.99
N ASP A 47 -5.08 1.22 11.11
CA ASP A 47 -6.34 1.83 10.70
C ASP A 47 -7.22 0.84 9.95
N ILE A 48 -6.58 -0.13 9.30
CA ILE A 48 -7.31 -1.14 8.54
C ILE A 48 -7.51 -2.40 9.36
N THR A 49 -8.60 -2.44 10.12
CA THR A 49 -8.91 -3.60 10.95
C THR A 49 -8.99 -4.87 10.11
N LEU A 50 -9.45 -4.74 8.87
CA LEU A 50 -9.57 -5.88 7.98
C LEU A 50 -8.22 -6.26 7.38
N GLU A 51 -7.67 -7.38 7.84
CA GLU A 51 -6.38 -7.85 7.35
C GLU A 51 -6.43 -8.13 5.85
N SER A 52 -7.53 -8.72 5.40
CA SER A 52 -7.71 -9.04 3.99
C SER A 52 -7.71 -7.78 3.14
N GLU A 53 -8.30 -6.72 3.68
CA GLU A 53 -8.37 -5.45 2.97
C GLU A 53 -6.98 -4.92 2.65
N ARG A 54 -6.08 -5.03 3.62
CA ARG A 54 -4.71 -4.55 3.44
C ARG A 54 -3.97 -5.41 2.42
N LYS A 55 -4.22 -6.71 2.46
CA LYS A 55 -3.59 -7.65 1.54
C LYS A 55 -3.94 -7.31 0.09
N ARG A 56 -5.22 -7.08 -0.16
CA ARG A 56 -5.69 -6.74 -1.50
C ARG A 56 -5.11 -5.40 -1.96
N ILE A 57 -5.15 -4.42 -1.07
CA ILE A 57 -4.62 -3.09 -1.38
C ILE A 57 -3.14 -3.14 -1.73
N PHE A 58 -2.40 -3.94 -0.97
CA PHE A 58 -0.97 -4.09 -1.20
C PHE A 58 -0.68 -4.67 -2.58
N LYS A 59 -1.45 -5.70 -2.95
CA LYS A 59 -1.29 -6.35 -4.24
C LYS A 59 -1.46 -5.34 -5.38
N ASP A 60 -2.48 -4.52 -5.28
CA ASP A 60 -2.76 -3.51 -6.30
C ASP A 60 -1.60 -2.52 -6.41
N PHE A 61 -1.05 -2.14 -5.26
CA PHE A 61 0.07 -1.19 -5.23
C PHE A 61 1.27 -1.75 -5.98
N MET A 62 1.54 -3.03 -5.79
CA MET A 62 2.67 -3.68 -6.45
C MET A 62 2.47 -3.71 -7.97
N HIS A 63 1.23 -3.95 -8.40
CA HIS A 63 0.92 -4.00 -9.81
C HIS A 63 1.22 -2.67 -10.48
N VAL A 64 0.82 -1.58 -9.84
CA VAL A 64 1.06 -0.24 -10.38
C VAL A 64 2.55 0.09 -10.38
N LEU A 65 3.26 -0.40 -9.38
CA LEU A 65 4.69 -0.15 -9.26
C LEU A 65 5.44 -0.70 -10.47
N GLU A 66 5.09 -1.93 -10.87
CA GLU A 66 5.73 -2.57 -12.01
C GLU A 66 5.37 -1.85 -13.31
N HIS A 67 4.11 -1.47 -13.44
CA HIS A 67 3.64 -0.77 -14.63
C HIS A 67 4.19 0.65 -14.68
N GLU A 68 4.36 1.25 -13.51
CA GLU A 68 4.89 2.61 -13.42
C GLU A 68 6.35 2.65 -13.85
N CYS A 69 7.11 1.64 -13.44
CA CYS A 69 8.53 1.57 -13.79
C CYS A 69 8.74 1.81 -15.28
N GLN A 70 7.89 1.18 -16.09
CA GLN A 70 8.00 1.31 -17.55
C GLN A 70 7.07 2.41 -18.06
N HIS A 71 7.00 3.51 -17.32
CA HIS A 71 6.15 4.63 -17.71
C HIS A 71 4.81 4.13 -18.24
N SER A 72 4.24 3.13 -17.57
CA SER A 72 2.97 2.57 -17.98
C SER A 72 1.87 2.91 -16.98
N GLY A 73 0.62 2.65 -17.37
CA GLY A 73 -0.50 2.94 -16.50
C GLY A 73 -1.72 2.09 -16.80
N PRO A 74 -2.47 1.73 -15.76
CA PRO A 74 -3.67 0.90 -15.89
C PRO A 74 -4.81 1.64 -16.58
N SER A 75 -5.67 0.89 -17.26
CA SER A 75 -6.80 1.48 -17.97
C SER A 75 -7.57 2.44 -17.06
N SER A 76 -7.89 1.98 -15.86
CA SER A 76 -8.63 2.79 -14.89
C SER A 76 -7.75 3.90 -14.34
N GLY A 77 -8.30 5.11 -14.29
CA GLY A 77 -7.55 6.24 -13.76
C GLY A 77 -6.61 6.83 -14.80
N GLY A 1 -7.16 24.51 2.78
CA GLY A 1 -6.37 23.34 2.42
C GLY A 1 -7.20 22.25 1.77
N SER A 2 -6.54 21.19 1.31
CA SER A 2 -7.23 20.08 0.68
C SER A 2 -7.32 18.89 1.62
N SER A 3 -8.55 18.53 1.99
CA SER A 3 -8.78 17.41 2.90
C SER A 3 -10.20 16.86 2.74
N GLY A 4 -10.36 15.57 3.01
CA GLY A 4 -11.67 14.95 2.89
C GLY A 4 -11.71 13.56 3.50
N SER A 5 -12.71 13.32 4.33
CA SER A 5 -12.86 12.03 5.00
C SER A 5 -14.01 11.24 4.39
N SER A 6 -13.67 10.15 3.70
CA SER A 6 -14.67 9.31 3.07
C SER A 6 -14.90 8.03 3.87
N GLY A 7 -14.03 7.80 4.86
CA GLY A 7 -14.15 6.61 5.68
C GLY A 7 -13.24 5.49 5.23
N MET A 8 -13.83 4.44 4.67
CA MET A 8 -13.06 3.30 4.19
C MET A 8 -12.16 3.70 3.02
N LYS A 9 -12.65 4.63 2.21
CA LYS A 9 -11.89 5.11 1.05
C LYS A 9 -10.65 5.88 1.48
N ARG A 10 -10.79 6.68 2.54
CA ARG A 10 -9.69 7.46 3.05
C ARG A 10 -8.61 6.56 3.65
N LYS A 11 -9.04 5.55 4.39
CA LYS A 11 -8.12 4.61 5.02
C LYS A 11 -7.31 3.86 3.98
N GLU A 12 -7.98 3.46 2.89
CA GLU A 12 -7.32 2.73 1.82
C GLU A 12 -6.28 3.61 1.11
N SER A 13 -6.68 4.84 0.79
CA SER A 13 -5.79 5.77 0.12
C SER A 13 -4.57 6.08 0.98
N ALA A 14 -4.81 6.31 2.27
CA ALA A 14 -3.73 6.61 3.21
C ALA A 14 -2.76 5.44 3.33
N PHE A 15 -3.30 4.23 3.28
CA PHE A 15 -2.49 3.02 3.39
C PHE A 15 -1.50 2.92 2.23
N LYS A 16 -2.00 3.11 1.01
CA LYS A 16 -1.17 3.05 -0.17
C LYS A 16 -0.05 4.09 -0.12
N SER A 17 -0.40 5.30 0.26
CA SER A 17 0.57 6.39 0.37
C SER A 17 1.67 6.03 1.37
N MET A 18 1.29 5.40 2.46
CA MET A 18 2.24 5.02 3.50
C MET A 18 3.26 4.01 2.96
N LEU A 19 2.77 3.03 2.20
CA LEU A 19 3.63 2.02 1.62
C LEU A 19 4.67 2.65 0.69
N LYS A 20 4.22 3.61 -0.11
CA LYS A 20 5.11 4.30 -1.04
C LYS A 20 6.12 5.16 -0.29
N GLN A 21 5.74 5.64 0.89
CA GLN A 21 6.62 6.48 1.70
C GLN A 21 7.56 5.61 2.54
N ALA A 22 7.47 4.30 2.37
CA ALA A 22 8.31 3.37 3.10
C ALA A 22 9.74 3.36 2.54
N ALA A 23 10.64 2.67 3.24
CA ALA A 23 12.03 2.59 2.80
C ALA A 23 12.71 1.36 3.40
N PRO A 24 13.27 0.51 2.52
CA PRO A 24 13.26 0.74 1.07
C PRO A 24 11.86 0.57 0.48
N PRO A 25 11.71 0.96 -0.79
CA PRO A 25 10.43 0.87 -1.50
C PRO A 25 10.04 -0.58 -1.80
N ILE A 26 8.81 -0.94 -1.47
CA ILE A 26 8.32 -2.30 -1.71
C ILE A 26 8.90 -2.87 -2.99
N GLU A 27 9.84 -3.80 -2.85
CA GLU A 27 10.48 -4.43 -4.00
C GLU A 27 9.45 -5.20 -4.83
N LEU A 28 9.94 -5.88 -5.86
CA LEU A 28 9.07 -6.67 -6.73
C LEU A 28 8.87 -8.08 -6.18
N ASP A 29 9.81 -8.51 -5.35
CA ASP A 29 9.74 -9.84 -4.75
C ASP A 29 9.51 -9.75 -3.24
N ALA A 30 8.85 -8.68 -2.81
CA ALA A 30 8.56 -8.48 -1.40
C ALA A 30 7.22 -9.10 -1.02
N VAL A 31 7.17 -9.70 0.17
CA VAL A 31 5.94 -10.33 0.66
C VAL A 31 5.16 -9.38 1.54
N TRP A 32 3.84 -9.43 1.42
CA TRP A 32 2.96 -8.57 2.21
C TRP A 32 3.30 -8.67 3.70
N GLU A 33 3.36 -9.88 4.22
CA GLU A 33 3.67 -10.11 5.62
C GLU A 33 5.11 -9.69 5.92
N ASP A 34 5.93 -9.64 4.89
CA ASP A 34 7.33 -9.26 5.04
C ASP A 34 7.47 -7.74 5.14
N ILE A 35 6.47 -7.03 4.63
CA ILE A 35 6.48 -5.57 4.66
C ILE A 35 5.42 -5.03 5.62
N ARG A 36 4.49 -5.90 6.00
CA ARG A 36 3.42 -5.51 6.91
C ARG A 36 3.98 -5.15 8.28
N GLU A 37 4.87 -6.01 8.79
CA GLU A 37 5.48 -5.78 10.10
C GLU A 37 6.12 -4.40 10.18
N ARG A 38 6.45 -3.84 9.01
CA ARG A 38 7.08 -2.53 8.94
C ARG A 38 6.07 -1.43 9.26
N PHE A 39 4.81 -1.66 8.89
CA PHE A 39 3.75 -0.69 9.13
C PHE A 39 2.77 -1.21 10.17
N VAL A 40 2.96 -2.45 10.58
CA VAL A 40 2.09 -3.07 11.58
C VAL A 40 2.03 -2.24 12.85
N LYS A 41 2.99 -1.33 13.00
CA LYS A 41 3.04 -0.46 14.18
C LYS A 41 2.48 0.92 13.86
N GLU A 42 2.47 1.27 12.58
CA GLU A 42 1.96 2.56 12.14
C GLU A 42 0.44 2.63 12.30
N PRO A 43 -0.07 3.86 12.48
CA PRO A 43 -1.51 4.10 12.65
C PRO A 43 -2.30 3.83 11.37
N ALA A 44 -1.71 4.19 10.23
CA ALA A 44 -2.36 4.00 8.94
C ALA A 44 -2.74 2.54 8.73
N PHE A 45 -1.85 1.64 9.15
CA PHE A 45 -2.09 0.21 9.01
C PHE A 45 -3.09 -0.28 10.05
N GLU A 46 -2.88 0.12 11.30
CA GLU A 46 -3.77 -0.27 12.38
C GLU A 46 -5.20 0.12 12.09
N ASP A 47 -5.37 1.12 11.23
CA ASP A 47 -6.70 1.60 10.86
C ASP A 47 -7.47 0.53 10.10
N ILE A 48 -6.75 -0.34 9.39
CA ILE A 48 -7.36 -1.40 8.63
C ILE A 48 -7.58 -2.64 9.48
N THR A 49 -8.82 -2.81 9.96
CA THR A 49 -9.17 -3.96 10.80
C THR A 49 -9.23 -5.23 9.97
N LEU A 50 -9.75 -5.12 8.75
CA LEU A 50 -9.87 -6.27 7.87
C LEU A 50 -8.52 -6.60 7.21
N GLU A 51 -7.94 -7.72 7.61
CA GLU A 51 -6.65 -8.14 7.06
C GLU A 51 -6.72 -8.26 5.55
N SER A 52 -7.87 -8.69 5.04
CA SER A 52 -8.06 -8.86 3.60
C SER A 52 -7.89 -7.52 2.89
N GLU A 53 -8.36 -6.45 3.52
CA GLU A 53 -8.26 -5.12 2.93
C GLU A 53 -6.80 -4.73 2.69
N ARG A 54 -5.96 -5.00 3.69
CA ARG A 54 -4.53 -4.69 3.59
C ARG A 54 -3.86 -5.55 2.52
N LYS A 55 -4.30 -6.80 2.41
CA LYS A 55 -3.74 -7.72 1.44
C LYS A 55 -4.11 -7.31 0.01
N ARG A 56 -5.39 -6.99 -0.18
CA ARG A 56 -5.88 -6.57 -1.50
C ARG A 56 -5.21 -5.27 -1.93
N ILE A 57 -5.12 -4.32 -1.02
CA ILE A 57 -4.51 -3.02 -1.31
C ILE A 57 -3.05 -3.20 -1.71
N PHE A 58 -2.32 -4.03 -0.97
CA PHE A 58 -0.91 -4.29 -1.25
C PHE A 58 -0.72 -4.83 -2.67
N LYS A 59 -1.57 -5.79 -3.04
CA LYS A 59 -1.50 -6.39 -4.36
C LYS A 59 -1.65 -5.34 -5.45
N ASP A 60 -2.63 -4.45 -5.27
CA ASP A 60 -2.87 -3.38 -6.25
C ASP A 60 -1.69 -2.43 -6.33
N PHE A 61 -1.09 -2.15 -5.17
CA PHE A 61 0.05 -1.24 -5.11
C PHE A 61 1.24 -1.82 -5.87
N MET A 62 1.44 -3.13 -5.76
CA MET A 62 2.54 -3.80 -6.44
C MET A 62 2.33 -3.77 -7.96
N HIS A 63 1.10 -3.98 -8.39
CA HIS A 63 0.79 -3.97 -9.82
C HIS A 63 1.12 -2.62 -10.44
N VAL A 64 0.73 -1.55 -9.76
CA VAL A 64 0.99 -0.19 -10.24
C VAL A 64 2.46 0.17 -10.10
N LEU A 65 3.09 -0.32 -9.03
CA LEU A 65 4.50 -0.05 -8.78
C LEU A 65 5.36 -0.45 -9.97
N GLU A 66 5.10 -1.65 -10.50
CA GLU A 66 5.85 -2.15 -11.64
C GLU A 66 5.42 -1.45 -12.93
N HIS A 67 4.12 -1.18 -13.04
CA HIS A 67 3.58 -0.51 -14.22
C HIS A 67 4.22 0.86 -14.41
N GLU A 68 4.41 1.59 -13.31
CA GLU A 68 5.02 2.91 -13.36
C GLU A 68 6.52 2.81 -13.60
N CYS A 69 7.18 1.93 -12.87
CA CYS A 69 8.62 1.74 -13.00
C CYS A 69 8.93 0.63 -14.01
N GLN A 70 8.12 0.56 -15.07
CA GLN A 70 8.31 -0.45 -16.10
C GLN A 70 9.34 0.01 -17.12
N HIS A 71 9.19 1.24 -17.60
CA HIS A 71 10.12 1.79 -18.58
C HIS A 71 11.34 2.40 -17.91
N SER A 72 11.12 3.06 -16.78
CA SER A 72 12.20 3.69 -16.04
C SER A 72 13.34 2.71 -15.79
N GLY A 73 12.99 1.51 -15.34
CA GLY A 73 14.00 0.50 -15.08
C GLY A 73 13.96 -0.62 -16.10
N PRO A 74 15.15 -1.14 -16.47
CA PRO A 74 15.28 -2.23 -17.43
C PRO A 74 14.77 -3.56 -16.88
N SER A 75 14.33 -4.44 -17.78
CA SER A 75 13.81 -5.75 -17.39
C SER A 75 13.04 -5.64 -16.06
N SER A 76 12.12 -4.70 -15.99
CA SER A 76 11.32 -4.50 -14.78
C SER A 76 10.38 -5.67 -14.55
N GLY A 77 9.74 -6.14 -15.61
CA GLY A 77 8.82 -7.25 -15.51
C GLY A 77 7.88 -7.13 -14.32
N GLY A 1 -9.05 6.35 -8.54
CA GLY A 1 -9.18 7.78 -8.78
C GLY A 1 -9.03 8.60 -7.52
N SER A 2 -8.29 9.70 -7.61
CA SER A 2 -8.07 10.57 -6.46
C SER A 2 -9.36 11.29 -6.07
N SER A 3 -10.13 10.67 -5.18
CA SER A 3 -11.39 11.25 -4.72
C SER A 3 -11.81 10.63 -3.39
N GLY A 4 -12.46 11.44 -2.55
CA GLY A 4 -12.90 10.96 -1.26
C GLY A 4 -12.76 12.00 -0.17
N SER A 5 -13.62 11.92 0.85
CA SER A 5 -13.58 12.87 1.95
C SER A 5 -13.02 12.21 3.21
N SER A 6 -13.67 11.16 3.66
CA SER A 6 -13.25 10.44 4.86
C SER A 6 -13.98 9.10 4.99
N GLY A 7 -13.27 8.10 5.52
CA GLY A 7 -13.87 6.79 5.69
C GLY A 7 -13.01 5.68 5.11
N MET A 8 -13.64 4.72 4.46
CA MET A 8 -12.93 3.60 3.86
C MET A 8 -12.00 4.08 2.74
N LYS A 9 -12.42 5.13 2.04
CA LYS A 9 -11.64 5.69 0.95
C LYS A 9 -10.37 6.36 1.48
N ARG A 10 -10.52 7.13 2.55
CA ARG A 10 -9.40 7.83 3.15
C ARG A 10 -8.41 6.84 3.77
N LYS A 11 -8.94 5.83 4.45
CA LYS A 11 -8.11 4.81 5.09
C LYS A 11 -7.26 4.07 4.05
N GLU A 12 -7.91 3.60 2.99
CA GLU A 12 -7.22 2.88 1.94
C GLU A 12 -6.16 3.76 1.28
N SER A 13 -6.52 5.01 1.03
CA SER A 13 -5.60 5.95 0.40
C SER A 13 -4.36 6.17 1.26
N ALA A 14 -4.57 6.34 2.56
CA ALA A 14 -3.48 6.55 3.50
C ALA A 14 -2.55 5.34 3.53
N PHE A 15 -3.11 4.15 3.37
CA PHE A 15 -2.33 2.92 3.38
C PHE A 15 -1.38 2.87 2.20
N LYS A 16 -1.91 3.14 1.00
CA LYS A 16 -1.10 3.14 -0.22
C LYS A 16 0.00 4.19 -0.14
N SER A 17 -0.33 5.35 0.42
CA SER A 17 0.62 6.45 0.55
C SER A 17 1.76 6.07 1.49
N MET A 18 1.42 5.40 2.59
CA MET A 18 2.42 4.97 3.57
C MET A 18 3.42 4.01 2.94
N LEU A 19 2.91 3.07 2.15
CA LEU A 19 3.77 2.09 1.49
C LEU A 19 4.69 2.76 0.48
N LYS A 20 4.15 3.72 -0.26
CA LYS A 20 4.92 4.44 -1.26
C LYS A 20 6.08 5.20 -0.62
N GLN A 21 5.84 5.71 0.58
CA GLN A 21 6.86 6.45 1.31
C GLN A 21 7.71 5.52 2.18
N ALA A 22 7.52 4.22 1.99
CA ALA A 22 8.26 3.22 2.76
C ALA A 22 9.69 3.11 2.26
N ALA A 23 10.62 2.90 3.19
CA ALA A 23 12.03 2.76 2.84
C ALA A 23 12.65 1.53 3.48
N PRO A 24 13.23 0.65 2.66
CA PRO A 24 13.29 0.85 1.20
C PRO A 24 11.91 0.71 0.55
N PRO A 25 11.84 1.08 -0.74
CA PRO A 25 10.59 1.01 -1.50
C PRO A 25 10.17 -0.44 -1.79
N ILE A 26 8.93 -0.76 -1.44
CA ILE A 26 8.41 -2.11 -1.65
C ILE A 26 8.97 -2.71 -2.94
N GLU A 27 9.90 -3.65 -2.79
CA GLU A 27 10.53 -4.30 -3.94
C GLU A 27 9.49 -5.08 -4.74
N LEU A 28 9.95 -5.77 -5.78
CA LEU A 28 9.06 -6.55 -6.64
C LEU A 28 8.75 -7.90 -6.01
N ASP A 29 9.74 -8.47 -5.33
CA ASP A 29 9.57 -9.77 -4.68
C ASP A 29 9.29 -9.60 -3.18
N ALA A 30 8.67 -8.47 -2.84
CA ALA A 30 8.34 -8.18 -1.44
C ALA A 30 7.02 -8.85 -1.05
N VAL A 31 6.98 -9.37 0.17
CA VAL A 31 5.78 -10.03 0.68
C VAL A 31 4.98 -9.11 1.59
N TRP A 32 3.66 -9.18 1.47
CA TRP A 32 2.79 -8.35 2.30
C TRP A 32 3.14 -8.47 3.77
N GLU A 33 3.21 -9.69 4.27
CA GLU A 33 3.54 -9.94 5.66
C GLU A 33 4.97 -9.54 5.96
N ASP A 34 5.80 -9.51 4.92
CA ASP A 34 7.21 -9.13 5.07
C ASP A 34 7.35 -7.62 5.24
N ILE A 35 6.36 -6.88 4.75
CA ILE A 35 6.38 -5.42 4.85
C ILE A 35 5.37 -4.93 5.88
N ARG A 36 4.40 -5.78 6.20
CA ARG A 36 3.36 -5.42 7.17
C ARG A 36 3.97 -5.20 8.54
N GLU A 37 4.86 -6.11 8.95
CA GLU A 37 5.51 -6.02 10.25
C GLU A 37 6.18 -4.66 10.43
N ARG A 38 6.43 -3.98 9.31
CA ARG A 38 7.07 -2.67 9.35
C ARG A 38 6.04 -1.58 9.66
N PHE A 39 4.79 -1.83 9.32
CA PHE A 39 3.72 -0.87 9.56
C PHE A 39 2.75 -1.39 10.63
N VAL A 40 2.94 -2.65 11.02
CA VAL A 40 2.09 -3.26 12.03
C VAL A 40 1.71 -2.26 13.12
N LYS A 41 2.60 -1.31 13.38
CA LYS A 41 2.36 -0.29 14.38
C LYS A 41 1.80 0.98 13.76
N GLU A 42 2.35 1.36 12.61
CA GLU A 42 1.90 2.56 11.91
C GLU A 42 0.39 2.73 12.03
N PRO A 43 -0.07 3.99 11.97
CA PRO A 43 -1.49 4.31 12.08
C PRO A 43 -2.27 3.88 10.84
N ALA A 44 -1.66 4.05 9.67
CA ALA A 44 -2.30 3.68 8.42
C ALA A 44 -2.61 2.19 8.37
N PHE A 45 -1.68 1.38 8.92
CA PHE A 45 -1.86 -0.06 8.94
C PHE A 45 -2.88 -0.48 10.00
N GLU A 46 -2.80 0.17 11.17
CA GLU A 46 -3.72 -0.12 12.26
C GLU A 46 -5.15 0.24 11.89
N ASP A 47 -5.30 1.14 10.93
CA ASP A 47 -6.62 1.58 10.48
C ASP A 47 -7.35 0.44 9.79
N ILE A 48 -6.62 -0.35 9.00
CA ILE A 48 -7.22 -1.48 8.29
C ILE A 48 -7.34 -2.70 9.20
N THR A 49 -8.57 -3.01 9.59
CA THR A 49 -8.82 -4.16 10.46
C THR A 49 -8.83 -5.46 9.67
N LEU A 50 -9.68 -5.52 8.65
CA LEU A 50 -9.78 -6.71 7.82
C LEU A 50 -8.42 -7.07 7.21
N GLU A 51 -7.97 -8.29 7.47
CA GLU A 51 -6.69 -8.76 6.96
C GLU A 51 -6.67 -8.76 5.44
N SER A 52 -7.81 -9.15 4.84
CA SER A 52 -7.92 -9.19 3.38
C SER A 52 -7.83 -7.79 2.79
N GLU A 53 -8.33 -6.81 3.54
CA GLU A 53 -8.31 -5.42 3.09
C GLU A 53 -6.87 -4.95 2.85
N ARG A 54 -5.98 -5.32 3.74
CA ARG A 54 -4.57 -4.94 3.63
C ARG A 54 -3.89 -5.71 2.51
N LYS A 55 -4.18 -7.00 2.42
CA LYS A 55 -3.60 -7.84 1.38
C LYS A 55 -4.04 -7.38 -0.01
N ARG A 56 -5.33 -7.13 -0.17
CA ARG A 56 -5.88 -6.69 -1.44
C ARG A 56 -5.24 -5.37 -1.88
N ILE A 57 -5.20 -4.41 -0.95
CA ILE A 57 -4.62 -3.10 -1.24
C ILE A 57 -3.15 -3.22 -1.61
N PHE A 58 -2.43 -4.07 -0.89
CA PHE A 58 -1.01 -4.28 -1.15
C PHE A 58 -0.78 -4.81 -2.57
N LYS A 59 -1.59 -5.80 -2.96
CA LYS A 59 -1.48 -6.39 -4.29
C LYS A 59 -1.65 -5.32 -5.37
N ASP A 60 -2.66 -4.47 -5.20
CA ASP A 60 -2.93 -3.41 -6.17
C ASP A 60 -1.75 -2.46 -6.26
N PHE A 61 -1.18 -2.10 -5.12
CA PHE A 61 -0.04 -1.19 -5.07
C PHE A 61 1.15 -1.76 -5.83
N MET A 62 1.35 -3.07 -5.70
CA MET A 62 2.45 -3.74 -6.38
C MET A 62 2.27 -3.70 -7.89
N HIS A 63 1.04 -3.91 -8.34
CA HIS A 63 0.73 -3.88 -9.77
C HIS A 63 1.06 -2.53 -10.37
N VAL A 64 0.67 -1.46 -9.69
CA VAL A 64 0.93 -0.10 -10.16
C VAL A 64 2.42 0.21 -10.16
N LEU A 65 3.13 -0.34 -9.17
CA LEU A 65 4.57 -0.13 -9.05
C LEU A 65 5.30 -0.67 -10.29
N GLU A 66 4.94 -1.87 -10.70
CA GLU A 66 5.56 -2.50 -11.86
C GLU A 66 5.23 -1.73 -13.14
N HIS A 67 3.97 -1.32 -13.26
CA HIS A 67 3.52 -0.58 -14.43
C HIS A 67 4.09 0.83 -14.43
N GLU A 68 4.25 1.40 -13.24
CA GLU A 68 4.79 2.75 -13.11
C GLU A 68 6.32 2.75 -13.28
N CYS A 69 6.96 1.72 -12.75
CA CYS A 69 8.41 1.61 -12.85
C CYS A 69 8.82 0.87 -14.12
N GLN A 70 8.21 1.25 -15.24
CA GLN A 70 8.51 0.63 -16.52
C GLN A 70 8.60 1.66 -17.63
N HIS A 71 9.04 1.22 -18.81
CA HIS A 71 9.17 2.12 -19.95
C HIS A 71 8.01 3.11 -20.00
N SER A 72 6.86 2.69 -19.50
CA SER A 72 5.67 3.54 -19.49
C SER A 72 5.64 4.44 -20.73
N GLY A 73 5.74 3.83 -21.90
CA GLY A 73 5.72 4.57 -23.14
C GLY A 73 6.95 5.44 -23.31
N PRO A 74 6.83 6.51 -24.11
CA PRO A 74 7.93 7.44 -24.37
C PRO A 74 8.29 8.27 -23.16
N SER A 75 7.33 8.46 -22.26
CA SER A 75 7.55 9.23 -21.04
C SER A 75 8.75 8.70 -20.27
N SER A 76 9.90 9.33 -20.49
CA SER A 76 11.14 8.92 -19.82
C SER A 76 11.21 9.53 -18.42
N GLY A 77 10.11 9.45 -17.68
CA GLY A 77 10.07 10.00 -16.34
C GLY A 77 11.20 9.48 -15.48
N GLY A 1 -22.13 0.13 -0.05
CA GLY A 1 -22.78 1.40 -0.33
C GLY A 1 -22.24 2.54 0.52
N SER A 2 -21.13 3.12 0.09
CA SER A 2 -20.51 4.22 0.82
C SER A 2 -21.10 5.55 0.39
N SER A 3 -21.03 6.54 1.29
CA SER A 3 -21.56 7.87 1.00
C SER A 3 -20.53 8.94 1.35
N GLY A 4 -20.02 8.90 2.58
CA GLY A 4 -19.03 9.86 3.01
C GLY A 4 -18.62 9.66 4.46
N SER A 5 -19.60 9.54 5.34
CA SER A 5 -19.32 9.35 6.76
C SER A 5 -18.15 8.40 6.96
N SER A 6 -18.17 7.27 6.25
CA SER A 6 -17.11 6.28 6.35
C SER A 6 -15.82 6.80 5.72
N GLY A 7 -14.68 6.30 6.21
CA GLY A 7 -13.40 6.72 5.69
C GLY A 7 -12.67 5.60 4.97
N MET A 8 -13.41 4.81 4.22
CA MET A 8 -12.82 3.69 3.47
C MET A 8 -11.84 4.20 2.42
N LYS A 9 -12.24 5.24 1.70
CA LYS A 9 -11.39 5.81 0.66
C LYS A 9 -10.17 6.49 1.27
N ARG A 10 -10.39 7.21 2.37
CA ARG A 10 -9.30 7.90 3.04
C ARG A 10 -8.34 6.92 3.69
N LYS A 11 -8.89 5.83 4.23
CA LYS A 11 -8.07 4.81 4.89
C LYS A 11 -7.23 4.06 3.87
N GLU A 12 -7.86 3.64 2.78
CA GLU A 12 -7.16 2.91 1.72
C GLU A 12 -6.11 3.78 1.06
N SER A 13 -6.44 5.05 0.83
CA SER A 13 -5.52 5.99 0.20
C SER A 13 -4.29 6.19 1.06
N ALA A 14 -4.50 6.32 2.37
CA ALA A 14 -3.41 6.52 3.31
C ALA A 14 -2.53 5.28 3.41
N PHE A 15 -3.15 4.11 3.30
CA PHE A 15 -2.41 2.85 3.37
C PHE A 15 -1.41 2.74 2.22
N LYS A 16 -1.89 3.02 1.01
CA LYS A 16 -1.03 2.96 -0.17
C LYS A 16 0.12 3.95 -0.07
N SER A 17 -0.20 5.18 0.31
CA SER A 17 0.81 6.22 0.45
C SER A 17 1.87 5.83 1.47
N MET A 18 1.43 5.29 2.60
CA MET A 18 2.34 4.86 3.65
C MET A 18 3.31 3.81 3.13
N LEU A 19 2.81 2.89 2.31
CA LEU A 19 3.63 1.83 1.75
C LEU A 19 4.71 2.40 0.84
N LYS A 20 4.35 3.41 0.05
CA LYS A 20 5.29 4.05 -0.87
C LYS A 20 6.22 4.98 -0.12
N GLN A 21 5.81 5.40 1.07
CA GLN A 21 6.62 6.30 1.89
C GLN A 21 7.71 5.53 2.63
N ALA A 22 7.62 4.20 2.58
CA ALA A 22 8.59 3.35 3.26
C ALA A 22 9.96 3.45 2.60
N ALA A 23 10.99 2.96 3.28
CA ALA A 23 12.34 2.99 2.76
C ALA A 23 13.16 1.80 3.24
N PRO A 24 13.68 1.02 2.28
CA PRO A 24 13.50 1.30 0.85
C PRO A 24 12.07 1.06 0.39
N PRO A 25 11.77 1.47 -0.85
CA PRO A 25 10.44 1.31 -1.43
C PRO A 25 10.11 -0.14 -1.74
N ILE A 26 8.89 -0.55 -1.40
CA ILE A 26 8.45 -1.92 -1.64
C ILE A 26 8.97 -2.44 -2.97
N GLU A 27 9.97 -3.31 -2.91
CA GLU A 27 10.56 -3.88 -4.12
C GLU A 27 9.54 -4.74 -4.87
N LEU A 28 9.99 -5.37 -5.95
CA LEU A 28 9.12 -6.22 -6.76
C LEU A 28 9.02 -7.63 -6.16
N ASP A 29 9.91 -7.93 -5.23
CA ASP A 29 9.92 -9.23 -4.57
C ASP A 29 9.58 -9.10 -3.09
N ALA A 30 8.81 -8.08 -2.75
CA ALA A 30 8.42 -7.84 -1.37
C ALA A 30 7.09 -8.53 -1.05
N VAL A 31 7.00 -9.12 0.13
CA VAL A 31 5.80 -9.81 0.56
C VAL A 31 4.99 -8.96 1.52
N TRP A 32 3.67 -9.03 1.41
CA TRP A 32 2.78 -8.27 2.27
C TRP A 32 3.13 -8.48 3.74
N GLU A 33 3.22 -9.74 4.15
CA GLU A 33 3.56 -10.06 5.54
C GLU A 33 4.97 -9.60 5.88
N ASP A 34 5.80 -9.43 4.85
CA ASP A 34 7.17 -9.00 5.03
C ASP A 34 7.24 -7.49 5.30
N ILE A 35 6.24 -6.78 4.80
CA ILE A 35 6.18 -5.33 4.98
C ILE A 35 5.14 -4.95 6.03
N ARG A 36 4.22 -5.87 6.30
CA ARG A 36 3.17 -5.62 7.29
C ARG A 36 3.76 -5.47 8.69
N GLU A 37 4.78 -6.27 8.99
CA GLU A 37 5.43 -6.21 10.29
C GLU A 37 6.16 -4.89 10.48
N ARG A 38 6.59 -4.29 9.37
CA ARG A 38 7.31 -3.03 9.41
C ARG A 38 6.36 -1.87 9.70
N PHE A 39 5.13 -1.99 9.23
CA PHE A 39 4.12 -0.96 9.46
C PHE A 39 3.06 -1.42 10.44
N VAL A 40 3.22 -2.65 10.93
CA VAL A 40 2.28 -3.22 11.89
C VAL A 40 1.85 -2.18 12.92
N LYS A 41 2.77 -1.28 13.26
CA LYS A 41 2.50 -0.24 14.25
C LYS A 41 1.96 1.02 13.57
N GLU A 42 2.50 1.33 12.38
CA GLU A 42 2.07 2.50 11.63
C GLU A 42 0.56 2.71 11.76
N PRO A 43 0.13 3.97 11.64
CA PRO A 43 -1.28 4.34 11.74
C PRO A 43 -2.09 3.84 10.55
N ALA A 44 -1.50 3.90 9.36
CA ALA A 44 -2.17 3.46 8.15
C ALA A 44 -2.54 1.98 8.23
N PHE A 45 -1.66 1.20 8.84
CA PHE A 45 -1.88 -0.23 9.00
C PHE A 45 -2.94 -0.51 10.05
N GLU A 46 -2.80 0.13 11.21
CA GLU A 46 -3.75 -0.04 12.31
C GLU A 46 -5.15 0.36 11.88
N ASP A 47 -5.24 1.23 10.88
CA ASP A 47 -6.53 1.69 10.38
C ASP A 47 -7.30 0.56 9.71
N ILE A 48 -6.59 -0.28 8.96
CA ILE A 48 -7.20 -1.40 8.28
C ILE A 48 -7.34 -2.61 9.21
N THR A 49 -8.58 -2.94 9.56
CA THR A 49 -8.85 -4.07 10.44
C THR A 49 -8.91 -5.37 9.65
N LEU A 50 -9.78 -5.43 8.66
CA LEU A 50 -9.94 -6.61 7.84
C LEU A 50 -8.61 -7.04 7.24
N GLU A 51 -8.24 -8.30 7.44
CA GLU A 51 -6.99 -8.82 6.92
C GLU A 51 -6.98 -8.79 5.39
N SER A 52 -8.08 -9.22 4.78
CA SER A 52 -8.20 -9.24 3.33
C SER A 52 -8.07 -7.82 2.76
N GLU A 53 -8.55 -6.84 3.53
CA GLU A 53 -8.49 -5.45 3.09
C GLU A 53 -7.04 -5.01 2.85
N ARG A 54 -6.15 -5.40 3.76
CA ARG A 54 -4.75 -5.05 3.65
C ARG A 54 -4.07 -5.84 2.54
N LYS A 55 -4.49 -7.08 2.37
CA LYS A 55 -3.93 -7.96 1.34
C LYS A 55 -4.36 -7.49 -0.05
N ARG A 56 -5.61 -7.08 -0.18
CA ARG A 56 -6.15 -6.61 -1.45
C ARG A 56 -5.44 -5.33 -1.89
N ILE A 57 -5.35 -4.37 -0.98
CA ILE A 57 -4.70 -3.09 -1.26
C ILE A 57 -3.23 -3.30 -1.62
N PHE A 58 -2.57 -4.18 -0.88
CA PHE A 58 -1.15 -4.46 -1.11
C PHE A 58 -0.93 -4.99 -2.53
N LYS A 59 -1.79 -5.93 -2.94
CA LYS A 59 -1.68 -6.51 -4.28
C LYS A 59 -1.82 -5.45 -5.35
N ASP A 60 -2.79 -4.56 -5.18
CA ASP A 60 -3.03 -3.49 -6.15
C ASP A 60 -1.86 -2.52 -6.18
N PHE A 61 -1.28 -2.25 -5.00
CA PHE A 61 -0.16 -1.34 -4.88
C PHE A 61 1.04 -1.86 -5.66
N MET A 62 1.34 -3.15 -5.50
CA MET A 62 2.46 -3.78 -6.18
C MET A 62 2.26 -3.75 -7.70
N HIS A 63 1.03 -3.98 -8.12
CA HIS A 63 0.70 -3.99 -9.55
C HIS A 63 1.01 -2.63 -10.18
N VAL A 64 0.61 -1.56 -9.49
CA VAL A 64 0.83 -0.21 -9.99
C VAL A 64 2.32 0.12 -10.00
N LEU A 65 3.06 -0.40 -9.02
CA LEU A 65 4.49 -0.17 -8.93
C LEU A 65 5.22 -0.70 -10.15
N GLU A 66 4.86 -1.92 -10.56
CA GLU A 66 5.48 -2.54 -11.72
C GLU A 66 5.13 -1.80 -13.00
N HIS A 67 3.86 -1.40 -13.11
CA HIS A 67 3.39 -0.67 -14.27
C HIS A 67 3.94 0.75 -14.30
N GLU A 68 4.11 1.33 -13.11
CA GLU A 68 4.64 2.69 -13.00
C GLU A 68 6.15 2.72 -13.27
N CYS A 69 6.83 1.68 -12.82
CA CYS A 69 8.28 1.59 -13.01
C CYS A 69 8.64 0.36 -13.84
N GLN A 70 8.50 0.48 -15.15
CA GLN A 70 8.81 -0.63 -16.06
C GLN A 70 9.95 -0.26 -16.99
N HIS A 71 10.97 -1.11 -17.04
CA HIS A 71 12.13 -0.88 -17.90
C HIS A 71 12.48 -2.13 -18.70
N SER A 72 13.42 -1.99 -19.62
CA SER A 72 13.84 -3.11 -20.45
C SER A 72 14.80 -4.02 -19.69
N GLY A 73 14.24 -4.94 -18.91
CA GLY A 73 15.05 -5.85 -18.13
C GLY A 73 14.38 -7.20 -17.94
N PRO A 74 14.55 -8.09 -18.93
CA PRO A 74 13.97 -9.44 -18.89
C PRO A 74 14.62 -10.33 -17.84
N SER A 75 13.85 -10.76 -16.87
CA SER A 75 14.36 -11.62 -15.79
C SER A 75 13.96 -13.07 -16.02
N SER A 76 14.93 -13.89 -16.41
CA SER A 76 14.67 -15.30 -16.67
C SER A 76 14.12 -15.99 -15.43
N GLY A 77 12.81 -16.23 -15.43
CA GLY A 77 12.18 -16.89 -14.29
C GLY A 77 12.62 -18.33 -14.13
#